data_6YTC
#
_entry.id   6YTC
#
_entity_poly.entity_id   1
_entity_poly.type   'polypeptide(L)'
_entity_poly.pdbx_seq_one_letter_code
;MGHHHHHHTKGNVTSKTDGQPIIGASVVETTATTNGTITDFDGNFTLSVPVNSTLKITYIGYKPVTVKAAAIVNVLLEED
TQMVDEVVVTGYT
;
_entity_poly.pdbx_strand_id   A
#
# COMPACT_ATOMS: atom_id res chain seq x y z
N MET A 1 -19.86 -5.98 13.02
CA MET A 1 -19.35 -4.62 13.04
C MET A 1 -18.04 -4.54 13.83
N GLY A 2 -16.98 -4.12 13.15
CA GLY A 2 -15.68 -4.00 13.80
C GLY A 2 -15.39 -2.59 14.27
N HIS A 3 -15.22 -2.43 15.58
CA HIS A 3 -14.94 -1.12 16.16
C HIS A 3 -13.50 -0.70 15.86
N HIS A 4 -13.35 0.40 15.12
CA HIS A 4 -12.03 0.90 14.77
C HIS A 4 -11.68 2.13 15.62
N HIS A 5 -10.45 2.15 16.12
CA HIS A 5 -9.99 3.26 16.95
C HIS A 5 -9.46 4.39 16.09
N HIS A 6 -9.72 5.63 16.52
CA HIS A 6 -9.26 6.80 15.78
C HIS A 6 -8.00 7.38 16.41
N HIS A 7 -6.85 7.07 15.81
CA HIS A 7 -5.57 7.55 16.31
C HIS A 7 -4.89 8.45 15.28
N HIS A 8 -3.74 9.00 15.65
CA HIS A 8 -2.99 9.88 14.76
C HIS A 8 -2.03 9.08 13.89
N THR A 9 -2.56 8.46 12.84
CA THR A 9 -1.75 7.65 11.94
C THR A 9 -1.85 8.16 10.51
N LYS A 10 -0.75 8.08 9.77
CA LYS A 10 -0.72 8.52 8.39
C LYS A 10 -0.63 7.34 7.43
N GLY A 11 -1.67 7.15 6.63
CA GLY A 11 -1.70 6.05 5.68
C GLY A 11 -1.72 4.70 6.36
N ASN A 12 -2.22 3.69 5.66
CA ASN A 12 -2.29 2.34 6.21
C ASN A 12 -2.39 1.31 5.09
N VAL A 13 -1.45 0.38 5.06
CA VAL A 13 -1.43 -0.66 4.04
C VAL A 13 -1.66 -2.03 4.66
N THR A 14 -2.60 -2.78 4.11
CA THR A 14 -2.92 -4.12 4.61
C THR A 14 -3.11 -5.10 3.46
N SER A 15 -2.83 -6.38 3.74
CA SER A 15 -2.97 -7.42 2.72
C SER A 15 -4.42 -7.88 2.61
N LYS A 16 -4.81 -8.28 1.41
CA LYS A 16 -6.17 -8.75 1.17
C LYS A 16 -6.25 -10.26 1.29
N THR A 17 -5.29 -10.86 2.01
CA THR A 17 -5.27 -12.30 2.20
C THR A 17 -5.96 -12.70 3.49
N ASP A 18 -5.47 -12.17 4.61
CA ASP A 18 -6.04 -12.46 5.91
C ASP A 18 -6.56 -11.18 6.59
N GLY A 19 -5.98 -10.05 6.21
CA GLY A 19 -6.39 -8.79 6.79
C GLY A 19 -5.39 -8.24 7.78
N GLN A 20 -4.11 -8.58 7.58
CA GLN A 20 -3.05 -8.13 8.47
C GLN A 20 -2.29 -6.96 7.86
N PRO A 21 -1.58 -6.20 8.71
CA PRO A 21 -0.81 -5.03 8.27
C PRO A 21 0.42 -5.44 7.46
N ILE A 22 0.76 -4.61 6.48
CA ILE A 22 1.92 -4.88 5.62
C ILE A 22 3.21 -4.41 6.29
N ILE A 23 4.09 -5.36 6.59
CA ILE A 23 5.37 -5.05 7.22
C ILE A 23 6.51 -5.13 6.23
N GLY A 24 7.13 -3.99 5.92
CA GLY A 24 8.23 -3.97 4.98
C GLY A 24 7.79 -3.61 3.57
N ALA A 25 6.77 -2.76 3.48
CA ALA A 25 6.25 -2.33 2.18
C ALA A 25 6.94 -1.06 1.71
N SER A 26 7.46 -1.09 0.48
CA SER A 26 8.14 0.06 -0.08
C SER A 26 7.15 1.07 -0.63
N VAL A 27 7.00 2.19 0.07
CA VAL A 27 6.08 3.24 -0.35
C VAL A 27 6.83 4.56 -0.60
N VAL A 28 6.70 5.08 -1.81
CA VAL A 28 7.34 6.34 -2.16
C VAL A 28 6.39 7.27 -2.89
N GLU A 29 6.85 8.49 -3.17
CA GLU A 29 6.02 9.48 -3.86
C GLU A 29 6.24 9.40 -5.37
N THR A 30 5.35 10.04 -6.12
CA THR A 30 5.44 10.05 -7.58
C THR A 30 6.70 10.78 -8.05
N THR A 31 6.99 11.91 -7.41
CA THR A 31 8.15 12.70 -7.76
C THR A 31 9.19 12.69 -6.64
N ALA A 32 8.73 12.40 -5.43
CA ALA A 32 9.62 12.35 -4.27
C ALA A 32 9.98 10.91 -3.91
N THR A 33 10.70 10.24 -4.81
CA THR A 33 11.11 8.85 -4.59
C THR A 33 12.27 8.78 -3.61
N THR A 34 13.18 9.75 -3.69
CA THR A 34 14.34 9.79 -2.82
C THR A 34 13.93 9.79 -1.35
N ASN A 35 12.77 10.38 -1.06
CA ASN A 35 12.26 10.44 0.30
C ASN A 35 11.31 9.29 0.58
N GLY A 36 11.55 8.15 -0.07
CA GLY A 36 10.70 7.00 0.12
C GLY A 36 10.77 6.45 1.53
N THR A 37 9.68 5.82 1.97
CA THR A 37 9.62 5.26 3.32
C THR A 37 9.03 3.85 3.30
N ILE A 38 9.14 3.16 4.43
CA ILE A 38 8.61 1.80 4.54
C ILE A 38 7.49 1.73 5.59
N THR A 39 6.77 0.61 5.59
CA THR A 39 5.68 0.42 6.54
C THR A 39 6.17 -0.23 7.84
N ASP A 40 5.50 0.07 8.94
CA ASP A 40 5.88 -0.48 10.23
C ASP A 40 5.06 -1.72 10.55
N PHE A 41 5.30 -2.30 11.71
CA PHE A 41 4.58 -3.51 12.14
C PHE A 41 3.07 -3.25 12.16
N ASP A 42 2.68 -2.01 12.43
CA ASP A 42 1.27 -1.65 12.48
C ASP A 42 0.68 -1.59 11.08
N GLY A 43 1.55 -1.46 10.08
CA GLY A 43 1.09 -1.40 8.70
C GLY A 43 0.88 0.03 8.23
N ASN A 44 1.65 0.96 8.80
CA ASN A 44 1.55 2.36 8.43
C ASN A 44 2.93 2.99 8.30
N PHE A 45 2.98 4.16 7.69
CA PHE A 45 4.25 4.87 7.50
C PHE A 45 4.06 6.37 7.68
N THR A 46 5.18 7.08 7.83
CA THR A 46 5.14 8.53 8.01
C THR A 46 5.98 9.24 6.96
N LEU A 47 5.33 10.06 6.14
CA LEU A 47 6.01 10.81 5.10
C LEU A 47 5.40 12.18 4.91
N SER A 48 6.26 13.20 4.79
CA SER A 48 5.79 14.57 4.61
C SER A 48 6.05 15.04 3.18
N VAL A 49 4.97 15.44 2.50
CA VAL A 49 5.07 15.92 1.13
C VAL A 49 4.42 17.29 0.97
N PRO A 50 5.12 18.21 0.30
CA PRO A 50 4.64 19.56 0.07
C PRO A 50 3.47 19.60 -0.92
N VAL A 51 3.63 18.92 -2.05
CA VAL A 51 2.60 18.86 -3.07
C VAL A 51 1.64 17.70 -2.83
N ASN A 52 0.39 17.86 -3.24
CA ASN A 52 -0.61 16.83 -3.07
C ASN A 52 -0.57 15.83 -4.22
N SER A 53 0.54 15.11 -4.34
CA SER A 53 0.72 14.13 -5.41
C SER A 53 0.28 12.75 -4.95
N THR A 54 0.41 11.77 -5.84
CA THR A 54 0.02 10.40 -5.52
C THR A 54 1.17 9.64 -4.88
N LEU A 55 0.85 8.59 -4.12
CA LEU A 55 1.86 7.79 -3.45
C LEU A 55 1.86 6.36 -4.00
N LYS A 56 3.02 5.91 -4.46
CA LYS A 56 3.15 4.57 -5.00
C LYS A 56 3.67 3.59 -3.94
N ILE A 57 2.90 2.54 -3.69
CA ILE A 57 3.27 1.54 -2.69
C ILE A 57 3.44 0.17 -3.33
N THR A 58 4.53 -0.51 -2.98
CA THR A 58 4.81 -1.84 -3.52
C THR A 58 5.42 -2.75 -2.45
N TYR A 59 4.98 -4.00 -2.43
CA TYR A 59 5.48 -4.96 -1.47
C TYR A 59 5.82 -6.30 -2.14
N ILE A 60 7.08 -6.69 -2.07
CA ILE A 60 7.52 -7.94 -2.67
C ILE A 60 6.65 -9.11 -2.24
N GLY A 61 5.90 -9.65 -3.19
CA GLY A 61 5.02 -10.78 -2.88
C GLY A 61 3.63 -10.60 -3.47
N TYR A 62 3.02 -9.46 -3.21
CA TYR A 62 1.68 -9.19 -3.71
C TYR A 62 1.72 -8.12 -4.81
N LYS A 63 0.59 -7.93 -5.48
CA LYS A 63 0.51 -6.94 -6.56
C LYS A 63 0.74 -5.54 -6.02
N PRO A 64 1.12 -4.62 -6.92
CA PRO A 64 1.39 -3.22 -6.56
C PRO A 64 0.11 -2.47 -6.20
N VAL A 65 0.27 -1.33 -5.53
CA VAL A 65 -0.86 -0.51 -5.12
C VAL A 65 -0.48 0.96 -5.05
N THR A 66 -1.37 1.82 -5.52
CA THR A 66 -1.14 3.25 -5.51
C THR A 66 -2.34 4.00 -4.94
N VAL A 67 -2.06 5.03 -4.12
CA VAL A 67 -3.12 5.82 -3.52
C VAL A 67 -2.68 7.28 -3.36
N LYS A 68 -3.64 8.20 -3.48
CA LYS A 68 -3.35 9.62 -3.35
C LYS A 68 -2.92 9.96 -1.92
N ALA A 69 -2.21 11.07 -1.78
CA ALA A 69 -1.73 11.50 -0.47
C ALA A 69 -2.87 12.12 0.34
N ALA A 70 -3.08 11.60 1.55
CA ALA A 70 -4.13 12.11 2.42
C ALA A 70 -3.83 11.80 3.89
N ALA A 71 -4.56 12.44 4.79
CA ALA A 71 -4.37 12.23 6.21
C ALA A 71 -4.52 10.75 6.58
N ILE A 72 -5.52 10.11 6.01
CA ILE A 72 -5.78 8.70 6.28
C ILE A 72 -6.20 7.97 5.00
N VAL A 73 -5.34 7.08 4.52
CA VAL A 73 -5.63 6.31 3.32
C VAL A 73 -5.39 4.82 3.54
N ASN A 74 -6.38 4.01 3.19
CA ASN A 74 -6.27 2.56 3.36
C ASN A 74 -5.99 1.88 2.03
N VAL A 75 -5.03 0.96 2.04
CA VAL A 75 -4.66 0.24 0.81
C VAL A 75 -4.80 -1.27 1.02
N LEU A 76 -5.13 -1.97 -0.06
CA LEU A 76 -5.29 -3.41 -0.01
C LEU A 76 -4.35 -4.11 -0.99
N LEU A 77 -3.59 -5.08 -0.49
CA LEU A 77 -2.65 -5.82 -1.32
C LEU A 77 -3.32 -7.02 -1.97
N GLU A 78 -3.29 -7.06 -3.29
CA GLU A 78 -3.90 -8.17 -4.04
C GLU A 78 -2.90 -9.28 -4.27
N GLU A 79 -3.37 -10.52 -4.23
CA GLU A 79 -2.52 -11.69 -4.45
C GLU A 79 -1.83 -11.61 -5.80
N ASP A 80 -0.56 -12.03 -5.84
CA ASP A 80 0.20 -12.01 -7.09
C ASP A 80 0.33 -13.42 -7.66
N THR A 81 0.38 -13.50 -8.99
CA THR A 81 0.51 -14.79 -9.67
C THR A 81 -0.53 -15.78 -9.15
N GLN A 82 -1.73 -15.28 -8.89
CA GLN A 82 -2.81 -16.13 -8.39
C GLN A 82 -4.16 -15.64 -8.89
N MET A 83 -4.87 -16.49 -9.62
CA MET A 83 -6.19 -16.14 -10.15
C MET A 83 -7.30 -16.72 -9.28
N VAL A 84 -7.93 -15.86 -8.49
CA VAL A 84 -9.01 -16.30 -7.60
C VAL A 84 -10.23 -15.40 -7.76
N ASP A 85 -11.28 -15.94 -8.34
CA ASP A 85 -12.52 -15.19 -8.55
C ASP A 85 -13.48 -15.38 -7.38
N GLU A 86 -13.95 -14.26 -6.82
CA GLU A 86 -14.88 -14.31 -5.69
C GLU A 86 -16.27 -13.89 -6.11
N VAL A 87 -16.91 -14.68 -6.96
CA VAL A 87 -18.25 -14.40 -7.44
C VAL A 87 -19.18 -15.59 -7.25
N VAL A 88 -20.45 -15.31 -7.01
CA VAL A 88 -21.44 -16.37 -6.81
C VAL A 88 -22.85 -15.87 -7.10
N VAL A 89 -23.68 -16.74 -7.68
CA VAL A 89 -25.05 -16.38 -8.00
C VAL A 89 -25.93 -17.61 -8.14
N THR A 90 -27.11 -17.56 -7.53
CA THR A 90 -28.04 -18.69 -7.58
C THR A 90 -29.36 -18.28 -8.22
N GLY A 91 -30.30 -19.21 -8.28
CA GLY A 91 -31.60 -18.93 -8.87
C GLY A 91 -32.42 -20.18 -9.10
N TYR A 92 -33.02 -20.29 -10.28
CA TYR A 92 -33.84 -21.44 -10.63
C TYR A 92 -33.02 -22.73 -10.55
N THR A 93 -33.70 -23.82 -10.19
CA THR A 93 -33.04 -25.13 -10.08
C THR A 93 -33.71 -26.15 -10.98
N MET A 1 -5.48 21.44 24.10
CA MET A 1 -6.34 22.50 24.58
C MET A 1 -7.63 22.56 23.78
N GLY A 2 -7.51 22.41 22.46
CA GLY A 2 -8.68 22.45 21.60
C GLY A 2 -9.43 21.13 21.57
N HIS A 3 -8.96 20.19 20.75
CA HIS A 3 -9.58 18.89 20.64
C HIS A 3 -8.65 17.79 21.14
N HIS A 4 -9.09 16.54 20.99
CA HIS A 4 -8.29 15.40 21.43
C HIS A 4 -8.45 14.22 20.47
N HIS A 5 -7.36 13.49 20.24
CA HIS A 5 -7.38 12.34 19.35
C HIS A 5 -6.55 11.19 19.91
N HIS A 6 -6.89 9.97 19.51
CA HIS A 6 -6.18 8.79 19.97
C HIS A 6 -4.70 8.87 19.62
N HIS A 7 -4.41 9.15 18.35
CA HIS A 7 -3.05 9.25 17.88
C HIS A 7 -2.97 10.11 16.62
N HIS A 8 -1.77 10.22 16.05
CA HIS A 8 -1.56 11.01 14.85
C HIS A 8 -0.84 10.20 13.77
N THR A 9 -1.48 9.12 13.33
CA THR A 9 -0.90 8.25 12.32
C THR A 9 -1.12 8.82 10.92
N LYS A 10 -0.42 8.26 9.94
CA LYS A 10 -0.56 8.71 8.55
C LYS A 10 -0.41 7.54 7.59
N GLY A 11 -1.45 7.31 6.78
CA GLY A 11 -1.42 6.23 5.82
C GLY A 11 -1.45 4.87 6.49
N ASN A 12 -1.98 3.88 5.78
CA ASN A 12 -2.07 2.52 6.31
C ASN A 12 -2.09 1.49 5.19
N VAL A 13 -1.10 0.61 5.18
CA VAL A 13 -1.00 -0.43 4.17
C VAL A 13 -1.30 -1.81 4.75
N THR A 14 -2.19 -2.54 4.09
CA THR A 14 -2.57 -3.88 4.53
C THR A 14 -2.63 -4.85 3.36
N SER A 15 -2.91 -6.11 3.67
CA SER A 15 -2.99 -7.14 2.65
C SER A 15 -4.45 -7.50 2.35
N LYS A 16 -4.72 -7.92 1.12
CA LYS A 16 -6.07 -8.30 0.72
C LYS A 16 -6.29 -9.79 0.89
N THR A 17 -5.47 -10.42 1.72
CA THR A 17 -5.57 -11.85 1.97
C THR A 17 -6.41 -12.13 3.22
N ASP A 18 -5.96 -11.58 4.35
CA ASP A 18 -6.67 -11.77 5.61
C ASP A 18 -7.11 -10.41 6.20
N GLY A 19 -6.37 -9.36 5.84
CA GLY A 19 -6.70 -8.04 6.34
C GLY A 19 -5.74 -7.57 7.42
N GLN A 20 -4.49 -8.05 7.35
CA GLN A 20 -3.49 -7.67 8.32
C GLN A 20 -2.56 -6.60 7.76
N PRO A 21 -1.87 -5.88 8.67
CA PRO A 21 -0.94 -4.81 8.29
C PRO A 21 0.31 -5.35 7.60
N ILE A 22 0.73 -4.67 6.54
CA ILE A 22 1.92 -5.07 5.79
C ILE A 22 3.18 -4.47 6.41
N ILE A 23 4.15 -5.33 6.73
CA ILE A 23 5.40 -4.88 7.32
C ILE A 23 6.53 -4.93 6.29
N GLY A 24 7.05 -3.76 5.92
CA GLY A 24 8.13 -3.70 4.96
C GLY A 24 7.63 -3.34 3.57
N ALA A 25 6.59 -2.53 3.50
CA ALA A 25 6.03 -2.12 2.22
C ALA A 25 6.74 -0.88 1.68
N SER A 26 7.35 -1.02 0.50
CA SER A 26 8.07 0.07 -0.12
C SER A 26 7.10 1.12 -0.68
N VAL A 27 7.04 2.27 0.00
CA VAL A 27 6.15 3.34 -0.43
C VAL A 27 6.95 4.53 -0.98
N VAL A 28 6.91 4.70 -2.29
CA VAL A 28 7.63 5.79 -2.93
C VAL A 28 6.66 6.76 -3.59
N GLU A 29 6.98 8.05 -3.49
CA GLU A 29 6.13 9.09 -4.07
C GLU A 29 6.49 9.32 -5.54
N THR A 30 5.47 9.39 -6.39
CA THR A 30 5.68 9.61 -7.81
C THR A 30 6.51 10.85 -8.07
N THR A 31 6.31 11.87 -7.24
CA THR A 31 7.03 13.13 -7.37
C THR A 31 8.44 13.02 -6.79
N ALA A 32 8.62 12.05 -5.90
CA ALA A 32 9.92 11.83 -5.26
C ALA A 32 10.00 10.44 -4.65
N THR A 33 10.83 9.59 -5.24
CA THR A 33 10.99 8.23 -4.75
C THR A 33 12.06 8.16 -3.66
N THR A 34 13.08 9.00 -3.78
CA THR A 34 14.16 9.04 -2.81
C THR A 34 13.62 9.22 -1.39
N ASN A 35 12.47 9.89 -1.28
CA ASN A 35 11.85 10.12 0.02
C ASN A 35 10.82 9.04 0.32
N GLY A 36 11.05 7.83 -0.18
CA GLY A 36 10.14 6.73 0.06
C GLY A 36 10.21 6.21 1.48
N THR A 37 9.05 5.86 2.04
CA THR A 37 8.99 5.35 3.40
C THR A 37 8.55 3.89 3.41
N ILE A 38 8.68 3.25 4.57
CA ILE A 38 8.29 1.85 4.72
C ILE A 38 7.27 1.69 5.84
N THR A 39 6.39 0.70 5.69
CA THR A 39 5.37 0.42 6.69
C THR A 39 5.97 -0.24 7.93
N ASP A 40 5.35 -0.01 9.07
CA ASP A 40 5.83 -0.59 10.33
C ASP A 40 4.99 -1.81 10.70
N PHE A 41 5.28 -2.37 11.88
CA PHE A 41 4.56 -3.55 12.36
C PHE A 41 3.06 -3.29 12.40
N ASP A 42 2.68 -2.04 12.65
CA ASP A 42 1.27 -1.68 12.71
C ASP A 42 0.68 -1.56 11.32
N GLY A 43 1.54 -1.42 10.31
CA GLY A 43 1.08 -1.30 8.95
C GLY A 43 0.94 0.14 8.50
N ASN A 44 1.74 1.02 9.09
CA ASN A 44 1.70 2.44 8.75
C ASN A 44 3.11 3.01 8.60
N PHE A 45 3.21 4.13 7.91
CA PHE A 45 4.51 4.78 7.68
C PHE A 45 4.38 6.29 7.81
N THR A 46 5.53 6.97 7.87
CA THR A 46 5.55 8.43 7.99
C THR A 46 6.05 9.07 6.70
N LEU A 47 5.17 9.85 6.07
CA LEU A 47 5.52 10.52 4.82
C LEU A 47 4.91 11.91 4.77
N SER A 48 5.74 12.94 4.92
CA SER A 48 5.28 14.32 4.90
C SER A 48 5.70 15.01 3.60
N VAL A 49 4.71 15.47 2.84
CA VAL A 49 4.97 16.15 1.58
C VAL A 49 4.23 17.47 1.50
N PRO A 50 4.73 18.39 0.67
CA PRO A 50 4.12 19.71 0.48
C PRO A 50 2.79 19.65 -0.26
N VAL A 51 2.77 18.91 -1.36
CA VAL A 51 1.56 18.76 -2.15
C VAL A 51 0.90 17.41 -1.90
N ASN A 52 -0.26 17.20 -2.50
CA ASN A 52 -1.00 15.95 -2.35
C ASN A 52 -0.91 15.10 -3.60
N SER A 53 0.32 14.75 -3.98
CA SER A 53 0.54 13.94 -5.17
C SER A 53 0.14 12.49 -4.93
N THR A 54 0.48 11.62 -5.86
CA THR A 54 0.15 10.20 -5.75
C THR A 54 1.24 9.43 -5.02
N LEU A 55 0.85 8.35 -4.36
CA LEU A 55 1.80 7.53 -3.62
C LEU A 55 1.79 6.08 -4.13
N LYS A 56 2.95 5.61 -4.58
CA LYS A 56 3.08 4.25 -5.08
C LYS A 56 3.60 3.31 -3.99
N ILE A 57 2.84 2.26 -3.72
CA ILE A 57 3.23 1.28 -2.71
C ILE A 57 3.46 -0.09 -3.32
N THR A 58 4.58 -0.72 -2.98
CA THR A 58 4.91 -2.04 -3.50
C THR A 58 5.60 -2.89 -2.44
N TYR A 59 5.22 -4.16 -2.37
CA TYR A 59 5.80 -5.08 -1.40
C TYR A 59 6.10 -6.43 -2.03
N ILE A 60 7.33 -6.90 -1.88
CA ILE A 60 7.74 -8.18 -2.44
C ILE A 60 6.77 -9.29 -2.04
N GLY A 61 6.17 -9.92 -3.04
CA GLY A 61 5.22 -11.00 -2.77
C GLY A 61 3.88 -10.77 -3.44
N TYR A 62 3.31 -9.59 -3.23
CA TYR A 62 2.02 -9.24 -3.80
C TYR A 62 2.17 -8.21 -4.91
N LYS A 63 1.09 -7.97 -5.65
CA LYS A 63 1.10 -7.01 -6.75
C LYS A 63 1.21 -5.58 -6.21
N PRO A 64 1.68 -4.67 -7.06
CA PRO A 64 1.84 -3.25 -6.70
C PRO A 64 0.50 -2.55 -6.52
N VAL A 65 0.53 -1.37 -5.90
CA VAL A 65 -0.67 -0.60 -5.65
C VAL A 65 -0.37 0.89 -5.60
N THR A 66 -1.33 1.71 -6.01
CA THR A 66 -1.16 3.16 -6.01
C THR A 66 -2.37 3.85 -5.39
N VAL A 67 -2.11 4.79 -4.47
CA VAL A 67 -3.17 5.51 -3.80
C VAL A 67 -2.84 7.00 -3.69
N LYS A 68 -3.80 7.79 -3.24
CA LYS A 68 -3.61 9.23 -3.09
C LYS A 68 -3.07 9.56 -1.70
N ALA A 69 -2.41 10.71 -1.59
CA ALA A 69 -1.86 11.14 -0.31
C ALA A 69 -2.83 12.03 0.44
N ALA A 70 -3.05 11.71 1.71
CA ALA A 70 -3.97 12.49 2.55
C ALA A 70 -3.77 12.15 4.03
N ALA A 71 -4.61 12.73 4.87
CA ALA A 71 -4.54 12.51 6.31
C ALA A 71 -4.55 11.02 6.63
N ILE A 72 -5.51 10.31 6.06
CA ILE A 72 -5.64 8.86 6.28
C ILE A 72 -5.99 8.14 4.99
N VAL A 73 -5.06 7.30 4.52
CA VAL A 73 -5.27 6.54 3.30
C VAL A 73 -5.05 5.06 3.54
N ASN A 74 -6.05 4.25 3.19
CA ASN A 74 -5.96 2.80 3.37
C ASN A 74 -5.59 2.13 2.06
N VAL A 75 -4.65 1.18 2.13
CA VAL A 75 -4.20 0.45 0.95
C VAL A 75 -4.25 -1.06 1.18
N LEU A 76 -4.54 -1.81 0.12
CA LEU A 76 -4.62 -3.25 0.21
C LEU A 76 -3.72 -3.91 -0.84
N LEU A 77 -3.03 -4.97 -0.42
CA LEU A 77 -2.13 -5.70 -1.33
C LEU A 77 -2.88 -6.80 -2.06
N GLU A 78 -2.80 -6.77 -3.39
CA GLU A 78 -3.48 -7.78 -4.22
C GLU A 78 -2.55 -8.97 -4.48
N GLU A 79 -3.11 -10.17 -4.38
CA GLU A 79 -2.34 -11.38 -4.61
C GLU A 79 -1.75 -11.40 -6.02
N ASP A 80 -0.51 -11.87 -6.13
CA ASP A 80 0.16 -11.93 -7.41
C ASP A 80 0.03 -13.33 -8.03
N THR A 81 -1.13 -13.96 -7.82
CA THR A 81 -1.38 -15.29 -8.35
C THR A 81 -2.27 -15.23 -9.59
N GLN A 82 -1.95 -16.07 -10.57
CA GLN A 82 -2.72 -16.11 -11.81
C GLN A 82 -2.83 -17.54 -12.34
N MET A 83 -4.05 -18.05 -12.41
CA MET A 83 -4.28 -19.40 -12.90
C MET A 83 -4.94 -19.37 -14.28
N VAL A 84 -4.11 -19.16 -15.30
CA VAL A 84 -4.60 -19.11 -16.68
C VAL A 84 -4.83 -20.52 -17.23
N ASP A 85 -5.69 -21.28 -16.55
CA ASP A 85 -5.98 -22.64 -16.98
C ASP A 85 -6.53 -22.66 -18.41
N GLU A 86 -6.43 -23.82 -19.06
CA GLU A 86 -6.91 -23.96 -20.42
C GLU A 86 -8.00 -25.03 -20.51
N VAL A 87 -9.11 -24.79 -19.81
CA VAL A 87 -10.23 -25.72 -19.80
C VAL A 87 -11.39 -25.20 -20.62
N VAL A 88 -11.77 -25.94 -21.66
CA VAL A 88 -12.87 -25.55 -22.53
C VAL A 88 -13.50 -26.76 -23.20
N VAL A 89 -14.81 -26.71 -23.38
CA VAL A 89 -15.53 -27.81 -24.03
C VAL A 89 -16.61 -27.29 -24.97
N THR A 90 -16.82 -28.00 -26.08
CA THR A 90 -17.81 -27.60 -27.07
C THR A 90 -18.60 -28.81 -27.57
N GLY A 91 -19.78 -28.55 -28.11
CA GLY A 91 -20.61 -29.63 -28.62
C GLY A 91 -22.09 -29.35 -28.44
N TYR A 92 -22.83 -29.36 -29.55
CA TYR A 92 -24.26 -29.10 -29.51
C TYR A 92 -25.02 -30.13 -30.34
N THR A 93 -26.33 -30.21 -30.12
CA THR A 93 -27.18 -31.15 -30.84
C THR A 93 -27.38 -30.70 -32.29
N MET A 1 -20.41 -2.48 14.25
CA MET A 1 -19.32 -1.85 13.51
C MET A 1 -18.13 -1.57 14.42
N GLY A 2 -16.93 -1.65 13.87
CA GLY A 2 -15.72 -1.40 14.64
C GLY A 2 -14.50 -1.23 13.77
N HIS A 3 -13.62 -2.22 13.79
CA HIS A 3 -12.40 -2.19 12.99
C HIS A 3 -11.57 -0.94 13.33
N HIS A 4 -11.35 -0.72 14.62
CA HIS A 4 -10.57 0.43 15.08
C HIS A 4 -9.38 -0.02 15.93
N HIS A 5 -8.77 -1.13 15.54
CA HIS A 5 -7.62 -1.66 16.25
C HIS A 5 -6.38 -0.81 16.00
N HIS A 6 -6.25 -0.30 14.79
CA HIS A 6 -5.12 0.55 14.43
C HIS A 6 -5.21 1.90 15.10
N HIS A 7 -4.07 2.41 15.56
CA HIS A 7 -4.03 3.70 16.23
C HIS A 7 -4.19 4.84 15.23
N HIS A 8 -4.15 6.07 15.72
CA HIS A 8 -4.29 7.25 14.86
C HIS A 8 -3.03 7.48 14.03
N THR A 9 -3.02 6.94 12.81
CA THR A 9 -1.87 7.08 11.93
C THR A 9 -2.31 7.49 10.52
N LYS A 10 -1.34 7.83 9.68
CA LYS A 10 -1.63 8.24 8.31
C LYS A 10 -1.09 7.21 7.32
N GLY A 11 -1.87 6.93 6.28
CA GLY A 11 -1.45 5.96 5.28
C GLY A 11 -1.28 4.57 5.86
N ASN A 12 -2.32 3.74 5.72
CA ASN A 12 -2.28 2.38 6.23
C ASN A 12 -2.44 1.37 5.10
N VAL A 13 -1.52 0.41 5.04
CA VAL A 13 -1.56 -0.62 4.01
C VAL A 13 -1.68 -2.01 4.62
N THR A 14 -2.65 -2.78 4.13
CA THR A 14 -2.87 -4.13 4.63
C THR A 14 -2.95 -5.13 3.49
N SER A 15 -3.11 -6.41 3.83
CA SER A 15 -3.20 -7.46 2.83
C SER A 15 -4.66 -7.81 2.53
N LYS A 16 -4.92 -8.27 1.31
CA LYS A 16 -6.27 -8.64 0.91
C LYS A 16 -6.52 -10.12 1.16
N THR A 17 -5.67 -10.75 1.96
CA THR A 17 -5.79 -12.16 2.28
C THR A 17 -6.57 -12.36 3.58
N ASP A 18 -6.06 -11.79 4.67
CA ASP A 18 -6.71 -11.91 5.97
C ASP A 18 -7.06 -10.53 6.52
N GLY A 19 -6.32 -9.51 6.10
CA GLY A 19 -6.57 -8.16 6.56
C GLY A 19 -5.54 -7.70 7.58
N GLN A 20 -4.33 -8.22 7.49
CA GLN A 20 -3.26 -7.86 8.40
C GLN A 20 -2.42 -6.74 7.83
N PRO A 21 -1.68 -6.03 8.71
CA PRO A 21 -0.81 -4.92 8.31
C PRO A 21 0.40 -5.38 7.53
N ILE A 22 0.76 -4.63 6.49
CA ILE A 22 1.91 -4.96 5.66
C ILE A 22 3.20 -4.45 6.26
N ILE A 23 4.06 -5.37 6.69
CA ILE A 23 5.34 -5.01 7.28
C ILE A 23 6.48 -5.14 6.27
N GLY A 24 7.28 -4.09 6.15
CA GLY A 24 8.40 -4.10 5.22
C GLY A 24 7.98 -3.77 3.81
N ALA A 25 6.97 -2.91 3.68
CA ALA A 25 6.47 -2.50 2.36
C ALA A 25 7.20 -1.26 1.87
N SER A 26 7.58 -1.28 0.60
CA SER A 26 8.29 -0.15 0.00
C SER A 26 7.30 0.90 -0.52
N VAL A 27 7.22 2.02 0.19
CA VAL A 27 6.32 3.10 -0.19
C VAL A 27 7.09 4.38 -0.50
N VAL A 28 6.92 4.89 -1.72
CA VAL A 28 7.59 6.10 -2.15
C VAL A 28 6.63 7.05 -2.85
N GLU A 29 6.92 8.35 -2.77
CA GLU A 29 6.08 9.36 -3.41
C GLU A 29 6.30 9.38 -4.91
N THR A 30 5.21 9.39 -5.66
CA THR A 30 5.29 9.42 -7.12
C THR A 30 6.19 10.54 -7.60
N THR A 31 6.18 11.66 -6.89
CA THR A 31 7.00 12.81 -7.24
C THR A 31 8.29 12.82 -6.45
N ALA A 32 8.30 12.15 -5.31
CA ALA A 32 9.47 12.08 -4.46
C ALA A 32 9.83 10.63 -4.13
N THR A 33 10.67 10.03 -4.97
CA THR A 33 11.09 8.65 -4.77
C THR A 33 12.31 8.58 -3.87
N THR A 34 13.20 9.55 -3.98
CA THR A 34 14.41 9.60 -3.18
C THR A 34 14.07 9.57 -1.69
N ASN A 35 12.92 10.14 -1.33
CA ASN A 35 12.49 10.19 0.06
C ASN A 35 11.59 8.98 0.38
N GLY A 36 11.84 7.87 -0.29
CA GLY A 36 11.05 6.68 -0.06
C GLY A 36 11.20 6.14 1.35
N THR A 37 10.14 5.56 1.88
CA THR A 37 10.15 5.01 3.23
C THR A 37 9.50 3.63 3.27
N ILE A 38 9.66 2.94 4.40
CA ILE A 38 9.08 1.61 4.57
C ILE A 38 7.95 1.63 5.59
N THR A 39 7.07 0.63 5.51
CA THR A 39 5.95 0.54 6.44
C THR A 39 6.38 -0.06 7.77
N ASP A 40 5.70 0.32 8.84
CA ASP A 40 6.00 -0.18 10.17
C ASP A 40 5.21 -1.45 10.47
N PHE A 41 5.46 -2.04 11.63
CA PHE A 41 4.77 -3.26 12.05
C PHE A 41 3.26 -3.04 12.07
N ASP A 42 2.85 -1.81 12.33
CA ASP A 42 1.43 -1.46 12.38
C ASP A 42 0.84 -1.43 10.98
N GLY A 43 1.71 -1.30 9.98
CA GLY A 43 1.24 -1.26 8.61
C GLY A 43 0.97 0.16 8.14
N ASN A 44 1.68 1.12 8.71
CA ASN A 44 1.52 2.53 8.35
C ASN A 44 2.87 3.19 8.11
N PHE A 45 2.84 4.37 7.48
CA PHE A 45 4.06 5.11 7.19
C PHE A 45 3.81 6.61 7.22
N THR A 46 4.89 7.39 7.22
CA THR A 46 4.78 8.84 7.26
C THR A 46 5.62 9.48 6.14
N LEU A 47 4.95 10.22 5.26
CA LEU A 47 5.63 10.88 4.15
C LEU A 47 5.28 12.37 4.11
N SER A 48 6.27 13.20 4.41
CA SER A 48 6.07 14.65 4.41
C SER A 48 6.45 15.24 3.06
N VAL A 49 5.45 15.74 2.34
CA VAL A 49 5.68 16.34 1.03
C VAL A 49 5.03 17.72 0.95
N PRO A 50 5.55 18.56 0.03
CA PRO A 50 5.05 19.92 -0.16
C PRO A 50 3.67 19.94 -0.82
N VAL A 51 3.51 19.17 -1.89
CA VAL A 51 2.24 19.09 -2.60
C VAL A 51 1.54 17.76 -2.32
N ASN A 52 0.22 17.78 -2.39
CA ASN A 52 -0.58 16.58 -2.14
C ASN A 52 -0.58 15.67 -3.37
N SER A 53 0.60 15.21 -3.76
CA SER A 53 0.74 14.34 -4.92
C SER A 53 0.29 12.92 -4.58
N THR A 54 0.55 11.98 -5.50
CA THR A 54 0.17 10.59 -5.30
C THR A 54 1.29 9.81 -4.63
N LEU A 55 0.93 8.71 -3.99
CA LEU A 55 1.91 7.86 -3.30
C LEU A 55 1.92 6.45 -3.88
N LYS A 56 3.10 5.97 -4.24
CA LYS A 56 3.24 4.64 -4.81
C LYS A 56 3.74 3.65 -3.75
N ILE A 57 2.96 2.58 -3.54
CA ILE A 57 3.33 1.57 -2.56
C ILE A 57 3.48 0.20 -3.22
N THR A 58 4.55 -0.50 -2.88
CA THR A 58 4.82 -1.82 -3.43
C THR A 58 5.50 -2.73 -2.41
N TYR A 59 5.09 -3.99 -2.38
CA TYR A 59 5.66 -4.96 -1.45
C TYR A 59 5.96 -6.28 -2.15
N ILE A 60 7.23 -6.69 -2.10
CA ILE A 60 7.65 -7.93 -2.73
C ILE A 60 6.76 -9.10 -2.30
N GLY A 61 6.06 -9.69 -3.27
CA GLY A 61 5.18 -10.80 -2.97
C GLY A 61 3.80 -10.61 -3.55
N TYR A 62 3.20 -9.46 -3.29
CA TYR A 62 1.85 -9.16 -3.78
C TYR A 62 1.90 -8.08 -4.86
N LYS A 63 0.77 -7.88 -5.53
CA LYS A 63 0.68 -6.88 -6.59
C LYS A 63 0.89 -5.48 -6.03
N PRO A 64 1.28 -4.54 -6.90
CA PRO A 64 1.52 -3.15 -6.52
C PRO A 64 0.24 -2.42 -6.17
N VAL A 65 0.37 -1.29 -5.47
CA VAL A 65 -0.79 -0.49 -5.08
C VAL A 65 -0.42 0.99 -4.97
N THR A 66 -1.27 1.84 -5.55
CA THR A 66 -1.03 3.28 -5.52
C THR A 66 -2.25 4.02 -4.99
N VAL A 67 -2.01 5.07 -4.21
CA VAL A 67 -3.09 5.88 -3.65
C VAL A 67 -2.65 7.32 -3.45
N LYS A 68 -3.62 8.24 -3.51
CA LYS A 68 -3.34 9.65 -3.33
C LYS A 68 -3.05 9.98 -1.86
N ALA A 69 -2.36 11.07 -1.62
CA ALA A 69 -2.02 11.49 -0.27
C ALA A 69 -3.26 12.00 0.47
N ALA A 70 -3.44 11.55 1.71
CA ALA A 70 -4.58 11.96 2.52
C ALA A 70 -4.35 11.62 3.98
N ALA A 71 -5.12 12.27 4.85
CA ALA A 71 -5.01 12.04 6.30
C ALA A 71 -5.09 10.54 6.61
N ILE A 72 -5.98 9.84 5.92
CA ILE A 72 -6.15 8.41 6.14
C ILE A 72 -6.39 7.69 4.82
N VAL A 73 -5.42 6.86 4.43
CA VAL A 73 -5.51 6.10 3.18
C VAL A 73 -5.34 4.61 3.44
N ASN A 74 -6.41 3.85 3.24
CA ASN A 74 -6.38 2.42 3.46
C ASN A 74 -6.15 1.68 2.14
N VAL A 75 -5.03 0.98 2.04
CA VAL A 75 -4.70 0.22 0.83
C VAL A 75 -4.66 -1.27 1.11
N LEU A 76 -5.02 -2.06 0.10
CA LEU A 76 -5.03 -3.52 0.24
C LEU A 76 -4.09 -4.16 -0.78
N LEU A 77 -3.36 -5.18 -0.34
CA LEU A 77 -2.43 -5.89 -1.21
C LEU A 77 -3.11 -7.07 -1.90
N GLU A 78 -3.09 -7.07 -3.23
CA GLU A 78 -3.72 -8.15 -4.00
C GLU A 78 -2.71 -9.27 -4.28
N GLU A 79 -3.18 -10.51 -4.21
CA GLU A 79 -2.32 -11.66 -4.46
C GLU A 79 -1.72 -11.60 -5.85
N ASP A 80 -0.45 -11.99 -5.97
CA ASP A 80 0.25 -11.98 -7.24
C ASP A 80 0.74 -13.38 -7.60
N THR A 81 -0.14 -14.18 -8.17
CA THR A 81 0.20 -15.54 -8.56
C THR A 81 0.72 -15.59 -10.00
N GLN A 82 1.34 -16.70 -10.37
CA GLN A 82 1.86 -16.88 -11.72
C GLN A 82 0.78 -16.65 -12.76
N MET A 83 1.18 -16.64 -14.03
CA MET A 83 0.24 -16.43 -15.13
C MET A 83 -0.89 -17.44 -15.08
N VAL A 84 -1.90 -17.24 -15.92
CA VAL A 84 -3.04 -18.14 -15.96
C VAL A 84 -3.01 -19.00 -17.22
N ASP A 85 -2.56 -18.41 -18.33
CA ASP A 85 -2.48 -19.12 -19.60
C ASP A 85 -1.06 -19.65 -19.83
N GLU A 86 -0.41 -20.08 -18.76
CA GLU A 86 0.94 -20.62 -18.85
C GLU A 86 0.92 -22.10 -19.21
N VAL A 87 1.05 -22.40 -20.49
CA VAL A 87 1.05 -23.78 -20.96
C VAL A 87 2.47 -24.34 -21.02
N VAL A 88 3.03 -24.62 -19.84
CA VAL A 88 4.37 -25.17 -19.75
C VAL A 88 4.34 -26.69 -19.56
N VAL A 89 5.33 -27.37 -20.14
CA VAL A 89 5.41 -28.81 -20.04
C VAL A 89 5.40 -29.27 -18.58
N THR A 90 4.88 -30.47 -18.34
CA THR A 90 4.82 -31.03 -16.99
C THR A 90 6.22 -31.31 -16.45
N GLY A 91 6.40 -31.05 -15.15
CA GLY A 91 7.69 -31.29 -14.53
C GLY A 91 7.90 -30.43 -13.29
N TYR A 92 7.16 -30.74 -12.24
CA TYR A 92 7.27 -29.99 -10.98
C TYR A 92 8.46 -30.48 -10.17
N THR A 93 9.21 -29.52 -9.60
CA THR A 93 10.38 -29.85 -8.80
C THR A 93 9.97 -30.22 -7.38
N MET A 1 -29.30 -4.94 16.63
CA MET A 1 -29.10 -3.53 16.95
C MET A 1 -27.79 -3.33 17.70
N GLY A 2 -26.91 -2.51 17.13
CA GLY A 2 -25.63 -2.25 17.76
C GLY A 2 -24.92 -1.06 17.16
N HIS A 3 -23.66 -0.86 17.54
CA HIS A 3 -22.87 0.25 17.03
C HIS A 3 -21.41 0.13 17.45
N HIS A 4 -20.50 0.47 16.53
CA HIS A 4 -19.07 0.38 16.82
C HIS A 4 -18.35 1.62 16.28
N HIS A 5 -17.08 1.77 16.67
CA HIS A 5 -16.27 2.90 16.23
C HIS A 5 -15.14 2.44 15.33
N HIS A 6 -14.33 3.40 14.88
CA HIS A 6 -13.20 3.10 14.01
C HIS A 6 -11.95 3.85 14.44
N HIS A 7 -10.83 3.56 13.80
CA HIS A 7 -9.57 4.21 14.12
C HIS A 7 -9.31 5.41 13.20
N HIS A 8 -8.41 6.28 13.60
CA HIS A 8 -8.08 7.46 12.81
C HIS A 8 -6.56 7.64 12.70
N THR A 9 -5.88 6.58 12.28
CA THR A 9 -4.43 6.61 12.14
C THR A 9 -4.02 7.00 10.72
N LYS A 10 -2.75 7.32 10.54
CA LYS A 10 -2.23 7.70 9.23
C LYS A 10 -2.44 6.58 8.22
N GLY A 11 -1.89 6.76 7.02
CA GLY A 11 -2.03 5.76 5.98
C GLY A 11 -1.67 4.36 6.47
N ASN A 12 -2.57 3.41 6.27
CA ASN A 12 -2.35 2.04 6.69
C ASN A 12 -2.64 1.07 5.55
N VAL A 13 -1.68 0.19 5.26
CA VAL A 13 -1.83 -0.79 4.20
C VAL A 13 -1.79 -2.21 4.75
N THR A 14 -2.82 -2.99 4.44
CA THR A 14 -2.90 -4.36 4.92
C THR A 14 -3.04 -5.33 3.74
N SER A 15 -2.91 -6.63 4.04
CA SER A 15 -3.03 -7.65 3.00
C SER A 15 -4.46 -8.15 2.89
N LYS A 16 -4.84 -8.57 1.69
CA LYS A 16 -6.19 -9.07 1.44
C LYS A 16 -6.23 -10.59 1.59
N THR A 17 -5.23 -11.14 2.26
CA THR A 17 -5.16 -12.58 2.46
C THR A 17 -5.76 -12.97 3.81
N ASP A 18 -5.22 -12.42 4.89
CA ASP A 18 -5.71 -12.71 6.23
C ASP A 18 -6.18 -11.43 6.92
N GLY A 19 -5.61 -10.30 6.51
CA GLY A 19 -5.97 -9.03 7.10
C GLY A 19 -4.90 -8.48 8.03
N GLN A 20 -3.65 -8.83 7.75
CA GLN A 20 -2.53 -8.38 8.56
C GLN A 20 -1.85 -7.17 7.92
N PRO A 21 -1.19 -6.35 8.76
CA PRO A 21 -0.50 -5.15 8.31
C PRO A 21 0.76 -5.48 7.51
N ILE A 22 1.02 -4.67 6.48
CA ILE A 22 2.19 -4.88 5.64
C ILE A 22 3.43 -4.25 6.25
N ILE A 23 4.34 -5.10 6.74
CA ILE A 23 5.57 -4.63 7.35
C ILE A 23 6.75 -4.76 6.39
N GLY A 24 7.46 -3.66 6.20
CA GLY A 24 8.61 -3.67 5.30
C GLY A 24 8.22 -3.44 3.86
N ALA A 25 7.30 -2.50 3.63
CA ALA A 25 6.85 -2.17 2.29
C ALA A 25 7.63 -1.00 1.71
N SER A 26 7.56 -0.85 0.39
CA SER A 26 8.27 0.23 -0.29
C SER A 26 7.30 1.32 -0.74
N VAL A 27 7.35 2.47 -0.05
CA VAL A 27 6.47 3.58 -0.37
C VAL A 27 7.26 4.74 -0.97
N VAL A 28 7.12 4.93 -2.28
CA VAL A 28 7.82 6.01 -2.97
C VAL A 28 6.84 6.90 -3.73
N GLU A 29 7.07 8.21 -3.67
CA GLU A 29 6.21 9.17 -4.34
C GLU A 29 6.42 9.12 -5.85
N THR A 30 5.59 9.86 -6.58
CA THR A 30 5.68 9.90 -8.03
C THR A 30 6.85 10.77 -8.48
N THR A 31 7.10 11.85 -7.74
CA THR A 31 8.20 12.75 -8.06
C THR A 31 9.29 12.69 -7.01
N ALA A 32 8.93 12.24 -5.81
CA ALA A 32 9.89 12.13 -4.72
C ALA A 32 10.06 10.68 -4.29
N THR A 33 10.83 9.92 -5.07
CA THR A 33 11.07 8.51 -4.77
C THR A 33 12.25 8.35 -3.82
N THR A 34 13.26 9.21 -3.99
CA THR A 34 14.45 9.15 -3.17
C THR A 34 14.10 9.19 -1.68
N ASN A 35 12.99 9.85 -1.36
CA ASN A 35 12.53 9.95 0.02
C ASN A 35 11.51 8.86 0.35
N GLY A 36 11.66 7.71 -0.31
CA GLY A 36 10.75 6.60 -0.07
C GLY A 36 10.74 6.16 1.38
N THR A 37 9.55 5.92 1.92
CA THR A 37 9.41 5.49 3.30
C THR A 37 8.93 4.04 3.37
N ILE A 38 9.19 3.39 4.51
CA ILE A 38 8.78 2.01 4.71
C ILE A 38 7.64 1.91 5.71
N THR A 39 6.80 0.90 5.55
CA THR A 39 5.66 0.68 6.44
C THR A 39 6.12 0.20 7.81
N ASP A 40 5.36 0.56 8.84
CA ASP A 40 5.69 0.15 10.21
C ASP A 40 5.16 -1.26 10.49
N PHE A 41 5.32 -1.69 11.73
CA PHE A 41 4.86 -3.02 12.15
C PHE A 41 3.36 -3.17 11.91
N ASP A 42 2.63 -2.07 12.02
CA ASP A 42 1.19 -2.08 11.82
C ASP A 42 0.83 -1.60 10.41
N GLY A 43 1.79 -1.69 9.50
CA GLY A 43 1.56 -1.28 8.14
C GLY A 43 1.25 0.22 8.03
N ASN A 44 1.77 0.99 8.98
CA ASN A 44 1.55 2.43 8.99
C ASN A 44 2.83 3.18 8.63
N PHE A 45 2.70 4.18 7.76
CA PHE A 45 3.84 4.97 7.33
C PHE A 45 3.52 6.46 7.37
N THR A 46 4.55 7.29 7.24
CA THR A 46 4.37 8.73 7.26
C THR A 46 5.32 9.42 6.29
N LEU A 47 4.75 10.16 5.35
CA LEU A 47 5.56 10.87 4.35
C LEU A 47 5.29 12.37 4.41
N SER A 48 6.36 13.15 4.52
CA SER A 48 6.25 14.61 4.59
C SER A 48 6.71 15.25 3.28
N VAL A 49 5.77 15.86 2.57
CA VAL A 49 6.07 16.52 1.31
C VAL A 49 5.34 17.85 1.18
N PRO A 50 5.87 18.75 0.35
CA PRO A 50 5.28 20.07 0.12
C PRO A 50 3.98 20.00 -0.66
N VAL A 51 3.98 19.25 -1.76
CA VAL A 51 2.80 19.09 -2.59
C VAL A 51 2.07 17.80 -2.26
N ASN A 52 0.75 17.81 -2.43
CA ASN A 52 -0.07 16.63 -2.15
C ASN A 52 -0.18 15.74 -3.39
N SER A 53 0.96 15.40 -3.97
CA SER A 53 1.00 14.55 -5.16
C SER A 53 0.55 13.13 -4.83
N THR A 54 0.74 12.23 -5.78
CA THR A 54 0.35 10.84 -5.60
C THR A 54 1.48 10.04 -4.95
N LEU A 55 1.12 8.93 -4.31
CA LEU A 55 2.10 8.07 -3.65
C LEU A 55 2.01 6.64 -4.15
N LYS A 56 3.12 6.10 -4.63
CA LYS A 56 3.16 4.74 -5.14
C LYS A 56 3.79 3.80 -4.12
N ILE A 57 3.10 2.72 -3.79
CA ILE A 57 3.60 1.74 -2.83
C ILE A 57 3.64 0.35 -3.44
N THR A 58 4.72 -0.39 -3.14
CA THR A 58 4.89 -1.74 -3.66
C THR A 58 5.49 -2.66 -2.61
N TYR A 59 4.97 -3.88 -2.55
CA TYR A 59 5.46 -4.87 -1.57
C TYR A 59 5.71 -6.21 -2.24
N ILE A 60 6.96 -6.67 -2.19
CA ILE A 60 7.33 -7.95 -2.79
C ILE A 60 6.40 -9.06 -2.32
N GLY A 61 5.67 -9.65 -3.27
CA GLY A 61 4.75 -10.72 -2.94
C GLY A 61 3.37 -10.50 -3.53
N TYR A 62 2.77 -9.35 -3.22
CA TYR A 62 1.45 -9.03 -3.72
C TYR A 62 1.51 -7.94 -4.77
N LYS A 63 0.39 -7.69 -5.43
CA LYS A 63 0.31 -6.65 -6.46
C LYS A 63 0.61 -5.28 -5.88
N PRO A 64 1.02 -4.35 -6.75
CA PRO A 64 1.33 -2.97 -6.35
C PRO A 64 0.10 -2.18 -5.95
N VAL A 65 0.30 -1.00 -5.38
CA VAL A 65 -0.80 -0.14 -4.95
C VAL A 65 -0.41 1.32 -5.01
N THR A 66 -1.34 2.16 -5.44
CA THR A 66 -1.10 3.60 -5.54
C THR A 66 -2.23 4.40 -4.91
N VAL A 67 -1.87 5.41 -4.12
CA VAL A 67 -2.85 6.25 -3.45
C VAL A 67 -2.31 7.66 -3.22
N LYS A 68 -3.19 8.64 -3.23
CA LYS A 68 -2.80 10.03 -3.01
C LYS A 68 -2.36 10.26 -1.57
N ALA A 69 -1.51 11.25 -1.37
CA ALA A 69 -1.01 11.57 -0.04
C ALA A 69 -2.05 12.32 0.78
N ALA A 70 -3.16 11.65 1.08
CA ALA A 70 -4.23 12.26 1.85
C ALA A 70 -4.03 12.03 3.34
N ALA A 71 -5.01 12.45 4.15
CA ALA A 71 -4.93 12.28 5.59
C ALA A 71 -4.95 10.81 5.97
N ILE A 72 -5.96 10.08 5.51
CA ILE A 72 -6.09 8.67 5.81
C ILE A 72 -6.29 7.85 4.54
N VAL A 73 -5.60 6.72 4.44
CA VAL A 73 -5.72 5.86 3.28
C VAL A 73 -5.59 4.38 3.66
N ASN A 74 -6.64 3.61 3.40
CA ASN A 74 -6.64 2.19 3.73
C ASN A 74 -6.84 1.35 2.48
N VAL A 75 -5.78 0.65 2.06
CA VAL A 75 -5.83 -0.19 0.88
C VAL A 75 -5.42 -1.62 1.20
N LEU A 76 -5.99 -2.58 0.48
CA LEU A 76 -5.67 -3.98 0.70
C LEU A 76 -4.74 -4.51 -0.39
N LEU A 77 -3.85 -5.43 -0.02
CA LEU A 77 -2.91 -6.01 -0.97
C LEU A 77 -3.52 -7.21 -1.67
N GLU A 78 -3.61 -7.14 -3.00
CA GLU A 78 -4.17 -8.23 -3.79
C GLU A 78 -3.08 -9.22 -4.21
N GLU A 79 -3.41 -10.51 -4.17
CA GLU A 79 -2.46 -11.54 -4.54
C GLU A 79 -1.99 -11.36 -5.98
N ASP A 80 -0.71 -11.62 -6.22
CA ASP A 80 -0.12 -11.48 -7.55
C ASP A 80 0.06 -12.85 -8.21
N THR A 81 -0.89 -13.22 -9.08
CA THR A 81 -0.84 -14.50 -9.77
C THR A 81 -0.19 -14.35 -11.14
N GLN A 82 -0.04 -15.47 -11.85
CA GLN A 82 0.56 -15.47 -13.17
C GLN A 82 -0.12 -14.43 -14.07
N MET A 83 0.69 -13.69 -14.83
CA MET A 83 0.17 -12.68 -15.73
C MET A 83 -0.91 -13.26 -16.65
N VAL A 84 -2.01 -12.54 -16.79
CA VAL A 84 -3.12 -12.97 -17.63
C VAL A 84 -3.21 -12.13 -18.89
N ASP A 85 -2.21 -12.27 -19.77
CA ASP A 85 -2.18 -11.52 -21.02
C ASP A 85 -3.47 -11.75 -21.82
N GLU A 86 -3.78 -10.81 -22.70
CA GLU A 86 -4.99 -10.90 -23.52
C GLU A 86 -4.63 -10.89 -25.00
N VAL A 87 -4.10 -12.01 -25.47
CA VAL A 87 -3.71 -12.15 -26.88
C VAL A 87 -4.16 -13.49 -27.45
N VAL A 88 -4.70 -13.46 -28.66
CA VAL A 88 -5.17 -14.67 -29.32
C VAL A 88 -4.66 -14.75 -30.75
N VAL A 89 -4.39 -15.96 -31.22
CA VAL A 89 -3.90 -16.17 -32.58
C VAL A 89 -5.05 -16.38 -33.55
N THR A 90 -4.72 -16.65 -34.81
CA THR A 90 -5.72 -16.87 -35.84
C THR A 90 -6.16 -18.32 -35.86
N GLY A 91 -7.35 -18.57 -36.41
CA GLY A 91 -7.87 -19.92 -36.49
C GLY A 91 -7.92 -20.44 -37.91
N TYR A 92 -8.46 -19.63 -38.82
CA TYR A 92 -8.57 -20.01 -40.22
C TYR A 92 -7.19 -20.01 -40.89
N THR A 93 -6.97 -20.98 -41.77
CA THR A 93 -5.70 -21.09 -42.48
C THR A 93 -5.93 -21.26 -43.99
N MET A 1 -24.22 7.54 17.25
CA MET A 1 -23.18 6.83 16.52
C MET A 1 -22.27 7.80 15.78
N GLY A 2 -21.06 7.98 16.29
CA GLY A 2 -20.12 8.90 15.67
C GLY A 2 -19.22 9.59 16.68
N HIS A 3 -18.74 8.82 17.66
CA HIS A 3 -17.87 9.37 18.70
C HIS A 3 -16.65 10.04 18.08
N HIS A 4 -15.93 10.81 18.89
CA HIS A 4 -14.73 11.51 18.42
C HIS A 4 -13.52 11.13 19.27
N HIS A 5 -12.35 11.06 18.62
CA HIS A 5 -11.12 10.70 19.31
C HIS A 5 -9.92 11.39 18.66
N HIS A 6 -8.74 11.14 19.20
CA HIS A 6 -7.51 11.74 18.67
C HIS A 6 -6.59 10.66 18.10
N HIS A 7 -5.94 10.99 16.99
CA HIS A 7 -5.02 10.05 16.34
C HIS A 7 -4.10 10.78 15.37
N HIS A 8 -2.91 10.21 15.16
CA HIS A 8 -1.94 10.80 14.26
C HIS A 8 -1.43 9.77 13.25
N THR A 9 -2.34 9.02 12.65
CA THR A 9 -1.98 8.00 11.68
C THR A 9 -1.97 8.58 10.26
N LYS A 10 -1.15 7.99 9.40
CA LYS A 10 -1.05 8.43 8.02
C LYS A 10 -0.72 7.27 7.09
N GLY A 11 -1.67 6.92 6.23
CA GLY A 11 -1.47 5.82 5.31
C GLY A 11 -1.40 4.48 6.00
N ASN A 12 -2.07 3.48 5.44
CA ASN A 12 -2.08 2.14 6.01
C ASN A 12 -2.10 1.08 4.91
N VAL A 13 -1.16 0.14 5.00
CA VAL A 13 -1.06 -0.93 4.02
C VAL A 13 -1.33 -2.29 4.66
N THR A 14 -2.40 -2.95 4.22
CA THR A 14 -2.77 -4.25 4.75
C THR A 14 -3.02 -5.25 3.62
N SER A 15 -2.83 -6.54 3.93
CA SER A 15 -3.02 -7.59 2.93
C SER A 15 -4.51 -7.92 2.79
N LYS A 16 -4.89 -8.37 1.60
CA LYS A 16 -6.28 -8.72 1.33
C LYS A 16 -6.51 -10.22 1.55
N THR A 17 -5.62 -10.84 2.32
CA THR A 17 -5.74 -12.26 2.61
C THR A 17 -6.48 -12.50 3.92
N ASP A 18 -5.94 -11.94 5.01
CA ASP A 18 -6.55 -12.09 6.32
C ASP A 18 -6.94 -10.73 6.90
N GLY A 19 -6.23 -9.69 6.47
CA GLY A 19 -6.51 -8.35 6.95
C GLY A 19 -5.47 -7.86 7.94
N GLN A 20 -4.24 -8.34 7.79
CA GLN A 20 -3.16 -7.94 8.67
C GLN A 20 -2.31 -6.84 8.05
N PRO A 21 -1.56 -6.12 8.89
CA PRO A 21 -0.70 -5.02 8.44
C PRO A 21 0.50 -5.52 7.64
N ILE A 22 0.95 -4.71 6.68
CA ILE A 22 2.09 -5.07 5.85
C ILE A 22 3.38 -4.48 6.40
N ILE A 23 4.36 -5.34 6.67
CA ILE A 23 5.64 -4.91 7.20
C ILE A 23 6.73 -5.02 6.15
N GLY A 24 7.29 -3.88 5.77
CA GLY A 24 8.35 -3.87 4.77
C GLY A 24 7.84 -3.49 3.38
N ALA A 25 6.84 -2.62 3.35
CA ALA A 25 6.26 -2.19 2.08
C ALA A 25 6.97 -0.96 1.54
N SER A 26 7.38 -1.02 0.28
CA SER A 26 8.09 0.09 -0.35
C SER A 26 7.12 1.21 -0.73
N VAL A 27 7.19 2.31 0.00
CA VAL A 27 6.31 3.45 -0.25
C VAL A 27 7.12 4.66 -0.71
N VAL A 28 7.02 4.98 -2.00
CA VAL A 28 7.74 6.11 -2.57
C VAL A 28 6.78 7.07 -3.27
N GLU A 29 7.16 8.35 -3.30
CA GLU A 29 6.33 9.37 -3.94
C GLU A 29 6.55 9.38 -5.44
N THR A 30 5.67 10.07 -6.16
CA THR A 30 5.76 10.17 -7.61
C THR A 30 7.06 10.86 -8.03
N THR A 31 7.41 11.92 -7.32
CA THR A 31 8.62 12.67 -7.61
C THR A 31 9.65 12.52 -6.50
N ALA A 32 9.18 12.17 -5.31
CA ALA A 32 10.05 11.98 -4.16
C ALA A 32 10.34 10.51 -3.90
N THR A 33 11.20 9.92 -4.74
CA THR A 33 11.55 8.52 -4.61
C THR A 33 12.70 8.32 -3.63
N THR A 34 13.63 9.27 -3.63
CA THR A 34 14.78 9.20 -2.74
C THR A 34 14.36 9.20 -1.28
N ASN A 35 13.24 9.85 -1.00
CA ASN A 35 12.72 9.91 0.37
C ASN A 35 11.70 8.82 0.61
N GLY A 36 11.87 7.68 -0.06
CA GLY A 36 10.96 6.57 0.10
C GLY A 36 10.92 6.06 1.52
N THR A 37 9.72 5.73 2.00
CA THR A 37 9.54 5.23 3.35
C THR A 37 9.07 3.78 3.35
N ILE A 38 9.13 3.14 4.50
CA ILE A 38 8.70 1.75 4.63
C ILE A 38 7.63 1.59 5.71
N THR A 39 6.71 0.66 5.50
CA THR A 39 5.64 0.40 6.44
C THR A 39 6.18 -0.22 7.73
N ASP A 40 5.66 0.24 8.86
CA ASP A 40 6.08 -0.28 10.16
C ASP A 40 5.30 -1.53 10.52
N PHE A 41 5.60 -2.09 11.69
CA PHE A 41 4.93 -3.30 12.16
C PHE A 41 3.42 -3.09 12.21
N ASP A 42 3.00 -1.85 12.46
CA ASP A 42 1.59 -1.52 12.55
C ASP A 42 0.95 -1.52 11.16
N GLY A 43 1.79 -1.41 10.13
CA GLY A 43 1.29 -1.39 8.77
C GLY A 43 1.04 0.00 8.25
N ASN A 44 1.79 0.97 8.79
CA ASN A 44 1.64 2.36 8.37
C ASN A 44 3.00 3.00 8.13
N PHE A 45 2.98 4.19 7.52
CA PHE A 45 4.22 4.90 7.23
C PHE A 45 4.04 6.40 7.45
N THR A 46 5.15 7.13 7.45
CA THR A 46 5.12 8.58 7.65
C THR A 46 5.82 9.30 6.50
N LEU A 47 5.06 10.11 5.77
CA LEU A 47 5.61 10.87 4.65
C LEU A 47 5.09 12.30 4.65
N SER A 48 6.01 13.26 4.73
CA SER A 48 5.64 14.67 4.75
C SER A 48 5.99 15.33 3.41
N VAL A 49 4.96 15.72 2.66
CA VAL A 49 5.15 16.36 1.37
C VAL A 49 4.43 17.71 1.32
N PRO A 50 4.91 18.60 0.44
CA PRO A 50 4.32 19.93 0.26
C PRO A 50 2.95 19.88 -0.39
N VAL A 51 2.84 19.13 -1.49
CA VAL A 51 1.58 19.00 -2.20
C VAL A 51 1.01 17.59 -2.05
N ASN A 52 -0.31 17.48 -2.12
CA ASN A 52 -0.99 16.19 -2.00
C ASN A 52 -0.93 15.41 -3.31
N SER A 53 0.28 15.16 -3.79
CA SER A 53 0.48 14.43 -5.04
C SER A 53 0.16 12.95 -4.85
N THR A 54 0.49 12.14 -5.85
CA THR A 54 0.24 10.72 -5.81
C THR A 54 1.40 9.97 -5.16
N LEU A 55 1.10 8.82 -4.56
CA LEU A 55 2.11 8.02 -3.90
C LEU A 55 2.12 6.59 -4.43
N LYS A 56 3.27 6.12 -4.87
CA LYS A 56 3.41 4.77 -5.40
C LYS A 56 3.90 3.81 -4.31
N ILE A 57 3.12 2.77 -4.06
CA ILE A 57 3.47 1.77 -3.05
C ILE A 57 3.57 0.38 -3.67
N THR A 58 4.60 -0.36 -3.28
CA THR A 58 4.81 -1.72 -3.78
C THR A 58 5.46 -2.61 -2.73
N TYR A 59 4.98 -3.84 -2.64
CA TYR A 59 5.51 -4.80 -1.67
C TYR A 59 5.77 -6.15 -2.32
N ILE A 60 7.04 -6.57 -2.30
CA ILE A 60 7.42 -7.85 -2.89
C ILE A 60 6.53 -8.98 -2.38
N GLY A 61 5.80 -9.60 -3.30
CA GLY A 61 4.92 -10.70 -2.93
C GLY A 61 3.52 -10.52 -3.49
N TYR A 62 2.92 -9.37 -3.22
CA TYR A 62 1.56 -9.08 -3.68
C TYR A 62 1.59 -8.01 -4.77
N LYS A 63 0.44 -7.81 -5.41
CA LYS A 63 0.32 -6.81 -6.47
C LYS A 63 0.63 -5.41 -5.94
N PRO A 64 1.00 -4.50 -6.85
CA PRO A 64 1.33 -3.11 -6.49
C PRO A 64 0.10 -2.32 -6.07
N VAL A 65 0.32 -1.16 -5.47
CA VAL A 65 -0.76 -0.30 -5.01
C VAL A 65 -0.36 1.17 -5.04
N THR A 66 -1.16 1.98 -5.71
CA THR A 66 -0.89 3.42 -5.81
C THR A 66 -2.08 4.24 -5.34
N VAL A 67 -1.80 5.23 -4.49
CA VAL A 67 -2.84 6.09 -3.96
C VAL A 67 -2.30 7.48 -3.63
N LYS A 68 -3.19 8.47 -3.59
CA LYS A 68 -2.80 9.84 -3.29
C LYS A 68 -2.73 10.06 -1.78
N ALA A 69 -1.93 11.04 -1.36
CA ALA A 69 -1.78 11.35 0.06
C ALA A 69 -3.03 12.00 0.61
N ALA A 70 -3.47 11.53 1.77
CA ALA A 70 -4.67 12.07 2.41
C ALA A 70 -4.66 11.79 3.91
N ALA A 71 -5.71 12.24 4.59
CA ALA A 71 -5.82 12.04 6.04
C ALA A 71 -5.61 10.58 6.41
N ILE A 72 -6.44 9.71 5.83
CA ILE A 72 -6.35 8.28 6.11
C ILE A 72 -6.63 7.47 4.86
N VAL A 73 -5.60 6.80 4.34
CA VAL A 73 -5.74 5.97 3.15
C VAL A 73 -5.34 4.53 3.43
N ASN A 74 -6.27 3.61 3.17
CA ASN A 74 -6.01 2.20 3.40
C ASN A 74 -6.16 1.40 2.11
N VAL A 75 -5.06 0.82 1.64
CA VAL A 75 -5.06 0.03 0.41
C VAL A 75 -4.79 -1.43 0.70
N LEU A 76 -5.68 -2.30 0.21
CA LEU A 76 -5.54 -3.73 0.41
C LEU A 76 -4.60 -4.34 -0.62
N LEU A 77 -3.77 -5.28 -0.18
CA LEU A 77 -2.82 -5.94 -1.07
C LEU A 77 -3.46 -7.16 -1.74
N GLU A 78 -3.48 -7.15 -3.07
CA GLU A 78 -4.05 -8.25 -3.83
C GLU A 78 -3.00 -9.31 -4.14
N GLU A 79 -3.38 -10.58 -3.98
CA GLU A 79 -2.48 -11.69 -4.24
C GLU A 79 -1.94 -11.63 -5.68
N ASP A 80 -0.67 -11.97 -5.84
CA ASP A 80 -0.04 -11.97 -7.15
C ASP A 80 -0.28 -13.28 -7.88
N THR A 81 -0.45 -13.19 -9.20
CA THR A 81 -0.70 -14.38 -10.01
C THR A 81 -0.73 -14.03 -11.50
N GLN A 82 -0.38 -15.00 -12.34
CA GLN A 82 -0.37 -14.80 -13.78
C GLN A 82 -1.78 -14.97 -14.36
N MET A 83 -2.27 -13.92 -15.01
CA MET A 83 -3.60 -13.95 -15.62
C MET A 83 -3.64 -14.90 -16.80
N VAL A 84 -4.21 -16.08 -16.61
CA VAL A 84 -4.30 -17.08 -17.67
C VAL A 84 -5.21 -18.23 -17.26
N ASP A 85 -6.12 -18.61 -18.15
CA ASP A 85 -7.05 -19.70 -17.89
C ASP A 85 -6.88 -20.82 -18.91
N GLU A 86 -5.64 -21.03 -19.35
CA GLU A 86 -5.36 -22.08 -20.33
C GLU A 86 -4.60 -23.24 -19.70
N VAL A 87 -5.35 -24.14 -19.05
CA VAL A 87 -4.75 -25.29 -18.39
C VAL A 87 -3.98 -26.16 -19.38
N VAL A 88 -2.80 -26.61 -18.97
CA VAL A 88 -1.97 -27.46 -19.84
C VAL A 88 -1.40 -28.64 -19.06
N VAL A 89 -1.55 -29.83 -19.61
CA VAL A 89 -1.05 -31.05 -18.98
C VAL A 89 -0.72 -32.11 -20.01
N THR A 90 0.42 -32.77 -19.82
CA THR A 90 0.86 -33.81 -20.74
C THR A 90 1.06 -35.14 -20.01
N GLY A 91 -0.06 -35.77 -19.62
CA GLY A 91 0.02 -37.03 -18.92
C GLY A 91 0.06 -36.86 -17.41
N TYR A 92 1.06 -37.46 -16.78
CA TYR A 92 1.20 -37.37 -15.33
C TYR A 92 2.53 -37.98 -14.88
N THR A 93 3.01 -37.54 -13.72
CA THR A 93 4.27 -38.04 -13.18
C THR A 93 4.07 -38.61 -11.77
N MET A 1 -21.85 4.98 18.86
CA MET A 1 -22.26 6.15 19.63
C MET A 1 -21.15 6.59 20.58
N GLY A 2 -20.35 7.56 20.13
CA GLY A 2 -19.26 8.05 20.96
C GLY A 2 -17.94 8.08 20.21
N HIS A 3 -17.77 9.08 19.36
CA HIS A 3 -16.54 9.22 18.58
C HIS A 3 -15.71 10.40 19.07
N HIS A 4 -14.39 10.29 18.94
CA HIS A 4 -13.50 11.35 19.38
C HIS A 4 -12.67 11.88 18.20
N HIS A 5 -11.79 12.84 18.49
CA HIS A 5 -10.94 13.42 17.45
C HIS A 5 -9.47 13.35 17.85
N HIS A 6 -8.65 12.78 16.97
CA HIS A 6 -7.22 12.64 17.23
C HIS A 6 -6.48 12.24 15.97
N HIS A 7 -5.15 12.29 16.03
CA HIS A 7 -4.31 11.93 14.89
C HIS A 7 -2.87 11.74 15.32
N HIS A 8 -2.27 10.63 14.91
CA HIS A 8 -0.87 10.33 15.25
C HIS A 8 -0.08 9.96 14.01
N THR A 9 -0.64 9.06 13.21
CA THR A 9 0.02 8.61 11.99
C THR A 9 -0.90 8.76 10.78
N LYS A 10 -0.33 8.67 9.58
CA LYS A 10 -1.09 8.79 8.36
C LYS A 10 -0.79 7.64 7.40
N GLY A 11 -1.76 7.31 6.56
CA GLY A 11 -1.58 6.22 5.61
C GLY A 11 -1.59 4.86 6.28
N ASN A 12 -2.14 3.87 5.58
CA ASN A 12 -2.23 2.51 6.12
C ASN A 12 -2.23 1.49 4.99
N VAL A 13 -1.34 0.50 5.09
CA VAL A 13 -1.25 -0.55 4.09
C VAL A 13 -1.54 -1.92 4.69
N THR A 14 -2.41 -2.68 4.01
CA THR A 14 -2.78 -4.00 4.48
C THR A 14 -2.84 -5.00 3.33
N SER A 15 -3.03 -6.27 3.65
CA SER A 15 -3.10 -7.32 2.64
C SER A 15 -4.55 -7.57 2.23
N LYS A 16 -4.73 -8.11 1.03
CA LYS A 16 -6.06 -8.40 0.50
C LYS A 16 -6.46 -9.84 0.81
N THR A 17 -5.74 -10.46 1.74
CA THR A 17 -6.02 -11.84 2.12
C THR A 17 -6.94 -11.90 3.33
N ASP A 18 -6.51 -11.30 4.43
CA ASP A 18 -7.30 -11.29 5.66
C ASP A 18 -7.60 -9.85 6.08
N GLY A 19 -6.74 -8.93 5.70
CA GLY A 19 -6.93 -7.53 6.05
C GLY A 19 -5.97 -7.08 7.14
N GLN A 20 -4.80 -7.69 7.19
CA GLN A 20 -3.79 -7.34 8.19
C GLN A 20 -2.80 -6.33 7.63
N PRO A 21 -2.19 -5.55 8.53
CA PRO A 21 -1.21 -4.52 8.15
C PRO A 21 0.10 -5.13 7.66
N ILE A 22 0.62 -4.59 6.57
CA ILE A 22 1.87 -5.08 5.99
C ILE A 22 3.08 -4.45 6.67
N ILE A 23 4.08 -5.27 6.98
CA ILE A 23 5.29 -4.78 7.64
C ILE A 23 6.50 -4.92 6.72
N GLY A 24 7.21 -3.82 6.51
CA GLY A 24 8.38 -3.84 5.65
C GLY A 24 8.04 -3.61 4.19
N ALA A 25 7.02 -2.79 3.95
CA ALA A 25 6.60 -2.49 2.58
C ALA A 25 7.41 -1.33 1.99
N SER A 26 7.37 -1.19 0.68
CA SER A 26 8.10 -0.14 0.00
C SER A 26 7.15 0.96 -0.47
N VAL A 27 7.28 2.14 0.11
CA VAL A 27 6.44 3.27 -0.25
C VAL A 27 7.26 4.42 -0.84
N VAL A 28 6.79 4.96 -1.95
CA VAL A 28 7.49 6.06 -2.61
C VAL A 28 6.49 7.11 -3.11
N GLU A 29 6.94 8.38 -3.13
CA GLU A 29 6.09 9.47 -3.59
C GLU A 29 6.22 9.67 -5.09
N THR A 30 5.08 9.84 -5.76
CA THR A 30 5.07 10.04 -7.21
C THR A 30 5.95 11.21 -7.61
N THR A 31 6.03 12.22 -6.74
CA THR A 31 6.84 13.41 -7.01
C THR A 31 8.32 13.09 -6.91
N ALA A 32 8.65 12.03 -6.18
CA ALA A 32 10.04 11.61 -6.00
C ALA A 32 10.13 10.34 -5.15
N THR A 33 10.95 9.40 -5.61
CA THR A 33 11.13 8.14 -4.89
C THR A 33 12.22 8.26 -3.85
N THR A 34 13.09 9.26 -4.00
CA THR A 34 14.18 9.48 -3.06
C THR A 34 13.68 9.53 -1.62
N ASN A 35 12.45 10.00 -1.45
CA ASN A 35 11.84 10.10 -0.13
C ASN A 35 11.05 8.84 0.20
N GLY A 36 11.48 7.71 -0.33
CA GLY A 36 10.79 6.45 -0.08
C GLY A 36 10.85 6.04 1.38
N THR A 37 9.71 5.60 1.91
CA THR A 37 9.63 5.18 3.30
C THR A 37 9.10 3.76 3.41
N ILE A 38 9.33 3.13 4.56
CA ILE A 38 8.87 1.77 4.80
C ILE A 38 7.71 1.74 5.78
N THR A 39 6.79 0.81 5.57
CA THR A 39 5.62 0.67 6.44
C THR A 39 6.02 0.15 7.81
N ASP A 40 5.27 0.55 8.83
CA ASP A 40 5.54 0.12 10.19
C ASP A 40 4.84 -1.20 10.50
N PHE A 41 4.95 -1.64 11.75
CA PHE A 41 4.34 -2.90 12.17
C PHE A 41 2.84 -2.88 11.90
N ASP A 42 2.23 -1.70 11.97
CA ASP A 42 0.80 -1.55 11.74
C ASP A 42 0.53 -1.05 10.32
N GLY A 43 1.50 -1.27 9.43
CA GLY A 43 1.35 -0.83 8.05
C GLY A 43 1.24 0.67 7.93
N ASN A 44 1.84 1.39 8.87
CA ASN A 44 1.81 2.85 8.86
C ASN A 44 3.19 3.42 8.55
N PHE A 45 3.24 4.32 7.57
CA PHE A 45 4.50 4.95 7.18
C PHE A 45 4.46 6.45 7.44
N THR A 46 5.64 7.09 7.37
CA THR A 46 5.74 8.52 7.60
C THR A 46 6.32 9.23 6.39
N LEU A 47 5.53 10.12 5.79
CA LEU A 47 5.97 10.87 4.61
C LEU A 47 5.46 12.30 4.67
N SER A 48 6.40 13.24 4.73
CA SER A 48 6.05 14.67 4.79
C SER A 48 6.36 15.35 3.46
N VAL A 49 5.31 15.70 2.74
CA VAL A 49 5.45 16.37 1.44
C VAL A 49 4.68 17.67 1.41
N PRO A 50 5.11 18.59 0.53
CA PRO A 50 4.47 19.90 0.38
C PRO A 50 3.09 19.80 -0.26
N VAL A 51 3.01 19.05 -1.36
CA VAL A 51 1.74 18.88 -2.07
C VAL A 51 1.14 17.50 -1.79
N ASN A 52 -0.17 17.41 -1.86
CA ASN A 52 -0.86 16.14 -1.61
C ASN A 52 -0.91 15.30 -2.88
N SER A 53 0.24 14.80 -3.31
CA SER A 53 0.33 13.98 -4.51
C SER A 53 -0.06 12.54 -4.20
N THR A 54 0.17 11.66 -5.17
CA THR A 54 -0.16 10.25 -5.01
C THR A 54 1.00 9.48 -4.38
N LEU A 55 0.68 8.33 -3.80
CA LEU A 55 1.69 7.49 -3.16
C LEU A 55 1.69 6.08 -3.75
N LYS A 56 2.88 5.56 -4.03
CA LYS A 56 3.04 4.23 -4.60
C LYS A 56 3.54 3.25 -3.55
N ILE A 57 2.84 2.11 -3.43
CA ILE A 57 3.23 1.09 -2.46
C ILE A 57 3.45 -0.25 -3.15
N THR A 58 4.55 -0.92 -2.78
CA THR A 58 4.88 -2.21 -3.37
C THR A 58 5.65 -3.08 -2.37
N TYR A 59 5.32 -4.37 -2.34
CA TYR A 59 5.98 -5.30 -1.43
C TYR A 59 6.28 -6.62 -2.13
N ILE A 60 7.54 -7.04 -2.08
CA ILE A 60 7.96 -8.28 -2.71
C ILE A 60 7.06 -9.44 -2.29
N GLY A 61 6.23 -9.90 -3.21
CA GLY A 61 5.33 -11.01 -2.91
C GLY A 61 3.96 -10.81 -3.52
N TYR A 62 3.40 -9.62 -3.34
CA TYR A 62 2.08 -9.31 -3.87
C TYR A 62 2.16 -8.27 -4.98
N LYS A 63 1.04 -8.05 -5.66
CA LYS A 63 0.99 -7.08 -6.74
C LYS A 63 1.13 -5.66 -6.22
N PRO A 64 1.55 -4.73 -7.10
CA PRO A 64 1.74 -3.33 -6.74
C PRO A 64 0.42 -2.62 -6.47
N VAL A 65 0.48 -1.50 -5.76
CA VAL A 65 -0.72 -0.72 -5.44
C VAL A 65 -0.38 0.76 -5.29
N THR A 66 -1.26 1.61 -5.80
CA THR A 66 -1.07 3.06 -5.71
C THR A 66 -2.33 3.75 -5.23
N VAL A 67 -2.16 4.69 -4.29
CA VAL A 67 -3.28 5.43 -3.74
C VAL A 67 -2.89 6.88 -3.43
N LYS A 68 -3.87 7.78 -3.49
CA LYS A 68 -3.62 9.19 -3.23
C LYS A 68 -3.16 9.39 -1.78
N ALA A 69 -2.44 10.49 -1.55
CA ALA A 69 -1.94 10.80 -0.21
C ALA A 69 -2.93 11.65 0.56
N ALA A 70 -3.38 11.14 1.70
CA ALA A 70 -4.34 11.85 2.54
C ALA A 70 -4.09 11.57 4.01
N ALA A 71 -4.88 12.19 4.87
CA ALA A 71 -4.75 12.01 6.32
C ALA A 71 -4.79 10.54 6.69
N ILE A 72 -5.71 9.80 6.08
CA ILE A 72 -5.86 8.38 6.36
C ILE A 72 -6.33 7.63 5.12
N VAL A 73 -5.45 6.79 4.56
CA VAL A 73 -5.79 6.01 3.38
C VAL A 73 -5.45 4.54 3.58
N ASN A 74 -6.43 3.68 3.31
CA ASN A 74 -6.24 2.24 3.46
C ASN A 74 -5.87 1.60 2.12
N VAL A 75 -4.90 0.68 2.17
CA VAL A 75 -4.44 -0.01 0.96
C VAL A 75 -4.55 -1.52 1.12
N LEU A 76 -4.79 -2.22 0.02
CA LEU A 76 -4.91 -3.66 0.03
C LEU A 76 -3.99 -4.30 -1.00
N LEU A 77 -3.15 -5.22 -0.55
CA LEU A 77 -2.22 -5.91 -1.44
C LEU A 77 -2.84 -7.20 -1.98
N GLU A 78 -2.99 -7.26 -3.31
CA GLU A 78 -3.56 -8.43 -3.95
C GLU A 78 -2.46 -9.37 -4.45
N GLU A 79 -2.65 -10.67 -4.21
CA GLU A 79 -1.68 -11.67 -4.63
C GLU A 79 -1.35 -11.52 -6.12
N ASP A 80 -0.11 -11.80 -6.48
CA ASP A 80 0.34 -11.69 -7.87
C ASP A 80 0.63 -13.07 -8.45
N THR A 81 -0.42 -13.86 -8.65
CA THR A 81 -0.28 -15.20 -9.20
C THR A 81 -0.01 -15.15 -10.70
N GLN A 82 -0.66 -14.22 -11.39
CA GLN A 82 -0.48 -14.08 -12.83
C GLN A 82 0.77 -13.25 -13.15
N MET A 83 1.92 -13.75 -12.70
CA MET A 83 3.19 -13.05 -12.93
C MET A 83 3.55 -13.07 -14.41
N VAL A 84 3.90 -11.90 -14.94
CA VAL A 84 4.28 -11.78 -16.35
C VAL A 84 4.83 -10.40 -16.65
N ASP A 85 5.95 -10.36 -17.38
CA ASP A 85 6.58 -9.10 -17.73
C ASP A 85 5.80 -8.39 -18.84
N GLU A 86 5.93 -7.07 -18.89
CA GLU A 86 5.23 -6.27 -19.89
C GLU A 86 6.21 -5.57 -20.81
N VAL A 87 6.92 -6.36 -21.61
CA VAL A 87 7.90 -5.81 -22.55
C VAL A 87 7.51 -6.11 -23.99
N VAL A 88 6.86 -5.16 -24.63
CA VAL A 88 6.44 -5.31 -26.02
C VAL A 88 7.61 -5.69 -26.91
N VAL A 89 7.34 -6.50 -27.93
CA VAL A 89 8.39 -6.93 -28.86
C VAL A 89 8.89 -5.76 -29.69
N THR A 90 10.22 -5.62 -29.76
CA THR A 90 10.83 -4.54 -30.51
C THR A 90 11.35 -5.04 -31.86
N GLY A 91 11.17 -4.23 -32.89
CA GLY A 91 11.61 -4.60 -34.22
C GLY A 91 13.09 -4.30 -34.43
N TYR A 92 13.94 -4.95 -33.66
CA TYR A 92 15.38 -4.75 -33.77
C TYR A 92 16.13 -6.08 -33.74
N THR A 93 17.21 -6.16 -34.50
CA THR A 93 18.01 -7.38 -34.56
C THR A 93 18.54 -7.76 -33.18
N MET A 1 -30.38 6.54 17.21
CA MET A 1 -29.18 6.32 16.43
C MET A 1 -28.07 7.29 16.84
N GLY A 2 -26.94 6.75 17.26
CA GLY A 2 -25.83 7.58 17.68
C GLY A 2 -24.52 7.13 17.08
N HIS A 3 -23.62 8.08 16.85
CA HIS A 3 -22.31 7.77 16.27
C HIS A 3 -21.20 8.40 17.10
N HIS A 4 -20.17 7.61 17.40
CA HIS A 4 -19.04 8.08 18.18
C HIS A 4 -18.02 8.82 17.30
N HIS A 5 -16.95 9.29 17.91
CA HIS A 5 -15.91 10.01 17.18
C HIS A 5 -14.86 9.04 16.64
N HIS A 6 -13.83 9.60 16.01
CA HIS A 6 -12.75 8.77 15.44
C HIS A 6 -11.39 9.40 15.73
N HIS A 7 -10.34 8.62 15.55
CA HIS A 7 -8.97 9.09 15.79
C HIS A 7 -8.25 9.37 14.47
N HIS A 8 -7.31 10.30 14.50
CA HIS A 8 -6.55 10.66 13.31
C HIS A 8 -5.30 9.80 13.20
N THR A 9 -5.19 9.05 12.10
CA THR A 9 -4.05 8.19 11.87
C THR A 9 -3.42 8.48 10.50
N LYS A 10 -2.25 7.87 10.27
CA LYS A 10 -1.55 8.06 9.00
C LYS A 10 -1.86 6.93 8.02
N GLY A 11 -1.21 6.96 6.87
CA GLY A 11 -1.43 5.93 5.87
C GLY A 11 -1.25 4.53 6.42
N ASN A 12 -2.21 3.66 6.13
CA ASN A 12 -2.17 2.28 6.61
C ASN A 12 -2.42 1.29 5.48
N VAL A 13 -1.51 0.34 5.31
CA VAL A 13 -1.64 -0.66 4.25
C VAL A 13 -1.74 -2.06 4.84
N THR A 14 -2.76 -2.81 4.41
CA THR A 14 -2.97 -4.17 4.89
C THR A 14 -3.07 -5.15 3.73
N SER A 15 -3.00 -6.44 4.05
CA SER A 15 -3.08 -7.48 3.04
C SER A 15 -4.51 -7.95 2.85
N LYS A 16 -4.87 -8.26 1.61
CA LYS A 16 -6.22 -8.72 1.29
C LYS A 16 -6.31 -10.24 1.34
N THR A 17 -5.30 -10.87 1.96
CA THR A 17 -5.27 -12.31 2.07
C THR A 17 -5.87 -12.77 3.40
N ASP A 18 -5.30 -12.31 4.50
CA ASP A 18 -5.78 -12.67 5.83
C ASP A 18 -6.28 -11.43 6.57
N GLY A 19 -5.72 -10.27 6.23
CA GLY A 19 -6.12 -9.04 6.88
C GLY A 19 -5.07 -8.54 7.86
N GLN A 20 -3.81 -8.86 7.59
CA GLN A 20 -2.71 -8.44 8.45
C GLN A 20 -2.03 -7.20 7.90
N PRO A 21 -1.31 -6.48 8.78
CA PRO A 21 -0.59 -5.25 8.40
C PRO A 21 0.60 -5.54 7.49
N ILE A 22 0.84 -4.64 6.55
CA ILE A 22 1.95 -4.78 5.61
C ILE A 22 3.25 -4.28 6.22
N ILE A 23 4.15 -5.21 6.52
CA ILE A 23 5.45 -4.86 7.11
C ILE A 23 6.56 -4.92 6.06
N GLY A 24 7.31 -3.83 5.95
CA GLY A 24 8.40 -3.78 4.99
C GLY A 24 7.93 -3.43 3.59
N ALA A 25 6.90 -2.59 3.51
CA ALA A 25 6.36 -2.16 2.24
C ALA A 25 7.09 -0.94 1.70
N SER A 26 7.50 -1.00 0.43
CA SER A 26 8.22 0.09 -0.19
C SER A 26 7.25 1.20 -0.64
N VAL A 27 7.26 2.32 0.08
CA VAL A 27 6.40 3.44 -0.23
C VAL A 27 7.18 4.59 -0.86
N VAL A 28 7.03 4.76 -2.16
CA VAL A 28 7.72 5.82 -2.88
C VAL A 28 6.73 6.77 -3.56
N GLU A 29 6.97 8.07 -3.40
CA GLU A 29 6.10 9.09 -3.99
C GLU A 29 6.60 9.49 -5.37
N THR A 30 5.67 9.71 -6.29
CA THR A 30 6.01 10.11 -7.65
C THR A 30 6.88 11.36 -7.65
N THR A 31 6.66 12.23 -6.67
CA THR A 31 7.42 13.46 -6.56
C THR A 31 8.86 13.19 -6.13
N ALA A 32 9.08 12.04 -5.52
CA ALA A 32 10.41 11.65 -5.07
C ALA A 32 10.46 10.17 -4.70
N THR A 33 11.19 9.39 -5.50
CA THR A 33 11.32 7.96 -5.26
C THR A 33 12.44 7.66 -4.27
N THR A 34 13.50 8.46 -4.33
CA THR A 34 14.63 8.29 -3.44
C THR A 34 14.25 8.58 -1.99
N ASN A 35 13.25 9.42 -1.81
CA ASN A 35 12.78 9.79 -0.48
C ASN A 35 11.64 8.88 -0.04
N GLY A 36 11.66 7.64 -0.50
CA GLY A 36 10.62 6.69 -0.14
C GLY A 36 10.76 6.18 1.27
N THR A 37 9.63 5.84 1.89
CA THR A 37 9.64 5.33 3.27
C THR A 37 9.09 3.92 3.33
N ILE A 38 9.26 3.28 4.48
CA ILE A 38 8.79 1.91 4.68
C ILE A 38 7.63 1.86 5.67
N THR A 39 7.01 0.70 5.79
CA THR A 39 5.88 0.52 6.70
C THR A 39 6.34 -0.14 8.01
N ASP A 40 5.64 0.17 9.10
CA ASP A 40 5.98 -0.40 10.40
C ASP A 40 5.21 -1.70 10.64
N PHE A 41 5.43 -2.30 11.80
CA PHE A 41 4.76 -3.55 12.14
C PHE A 41 3.24 -3.38 12.14
N ASP A 42 2.79 -2.16 12.47
CA ASP A 42 1.37 -1.87 12.50
C ASP A 42 0.80 -1.75 11.09
N GLY A 43 1.68 -1.54 10.12
CA GLY A 43 1.25 -1.41 8.75
C GLY A 43 1.02 0.03 8.33
N ASN A 44 1.73 0.94 8.98
CA ASN A 44 1.60 2.37 8.68
C ASN A 44 2.97 3.01 8.50
N PHE A 45 2.99 4.16 7.84
CA PHE A 45 4.23 4.89 7.60
C PHE A 45 4.05 6.39 7.81
N THR A 46 5.16 7.11 7.91
CA THR A 46 5.11 8.56 8.11
C THR A 46 5.92 9.29 7.04
N LEU A 47 5.25 10.13 6.27
CA LEU A 47 5.91 10.90 5.22
C LEU A 47 5.27 12.28 5.06
N SER A 48 6.10 13.30 4.96
CA SER A 48 5.63 14.67 4.81
C SER A 48 5.85 15.17 3.38
N VAL A 49 4.78 15.57 2.73
CA VAL A 49 4.85 16.08 1.36
C VAL A 49 4.14 17.42 1.23
N PRO A 50 4.80 18.38 0.57
CA PRO A 50 4.25 19.72 0.36
C PRO A 50 3.09 19.71 -0.64
N VAL A 51 3.29 19.06 -1.77
CA VAL A 51 2.25 18.98 -2.80
C VAL A 51 1.45 17.69 -2.67
N ASN A 52 0.14 17.79 -2.91
CA ASN A 52 -0.74 16.63 -2.82
C ASN A 52 -0.63 15.77 -4.07
N SER A 53 0.58 15.28 -4.34
CA SER A 53 0.82 14.44 -5.51
C SER A 53 0.38 13.00 -5.24
N THR A 54 0.74 12.10 -6.16
CA THR A 54 0.39 10.69 -6.02
C THR A 54 1.49 9.93 -5.30
N LEU A 55 1.11 8.80 -4.69
CA LEU A 55 2.07 7.98 -3.96
C LEU A 55 1.97 6.53 -4.40
N LYS A 56 3.12 5.91 -4.68
CA LYS A 56 3.17 4.52 -5.11
C LYS A 56 3.70 3.62 -3.99
N ILE A 57 2.91 2.63 -3.62
CA ILE A 57 3.30 1.69 -2.57
C ILE A 57 3.37 0.26 -3.10
N THR A 58 4.58 -0.28 -3.15
CA THR A 58 4.79 -1.64 -3.63
C THR A 58 5.40 -2.52 -2.55
N TYR A 59 5.03 -3.80 -2.54
CA TYR A 59 5.55 -4.74 -1.56
C TYR A 59 5.85 -6.09 -2.20
N ILE A 60 7.11 -6.49 -2.15
CA ILE A 60 7.52 -7.76 -2.74
C ILE A 60 6.65 -8.90 -2.25
N GLY A 61 5.80 -9.41 -3.13
CA GLY A 61 4.91 -10.51 -2.78
C GLY A 61 3.52 -10.34 -3.36
N TYR A 62 2.93 -9.18 -3.16
CA TYR A 62 1.60 -8.90 -3.66
C TYR A 62 1.63 -7.80 -4.72
N LYS A 63 0.50 -7.60 -5.39
CA LYS A 63 0.39 -6.59 -6.43
C LYS A 63 0.72 -5.21 -5.87
N PRO A 64 1.10 -4.28 -6.76
CA PRO A 64 1.44 -2.90 -6.39
C PRO A 64 0.23 -2.10 -5.93
N VAL A 65 0.47 -0.95 -5.33
CA VAL A 65 -0.61 -0.08 -4.86
C VAL A 65 -0.37 1.36 -5.23
N THR A 66 -1.43 2.06 -5.66
CA THR A 66 -1.32 3.45 -6.06
C THR A 66 -2.43 4.28 -5.40
N VAL A 67 -2.02 5.31 -4.67
CA VAL A 67 -2.98 6.18 -3.99
C VAL A 67 -2.39 7.58 -3.78
N LYS A 68 -3.27 8.58 -3.78
CA LYS A 68 -2.84 9.97 -3.60
C LYS A 68 -2.64 10.28 -2.11
N ALA A 69 -1.84 11.29 -1.82
CA ALA A 69 -1.57 11.70 -0.45
C ALA A 69 -2.86 12.14 0.24
N ALA A 70 -3.09 11.61 1.43
CA ALA A 70 -4.28 11.96 2.20
C ALA A 70 -4.08 11.68 3.69
N ALA A 71 -4.90 12.30 4.52
CA ALA A 71 -4.81 12.12 5.97
C ALA A 71 -4.80 10.64 6.34
N ILE A 72 -5.80 9.91 5.84
CA ILE A 72 -5.91 8.48 6.12
C ILE A 72 -6.08 7.68 4.83
N VAL A 73 -5.06 6.90 4.49
CA VAL A 73 -5.10 6.09 3.29
C VAL A 73 -5.11 4.61 3.63
N ASN A 74 -6.24 3.94 3.35
CA ASN A 74 -6.38 2.52 3.63
C ASN A 74 -6.51 1.72 2.33
N VAL A 75 -5.50 0.91 2.04
CA VAL A 75 -5.49 0.09 0.84
C VAL A 75 -5.17 -1.36 1.16
N LEU A 76 -5.75 -2.27 0.38
CA LEU A 76 -5.53 -3.70 0.59
C LEU A 76 -4.58 -4.26 -0.48
N LEU A 77 -3.75 -5.22 -0.08
CA LEU A 77 -2.80 -5.84 -0.99
C LEU A 77 -3.44 -7.03 -1.72
N GLU A 78 -3.45 -6.97 -3.04
CA GLU A 78 -4.02 -8.04 -3.85
C GLU A 78 -2.97 -9.09 -4.19
N GLU A 79 -3.38 -10.35 -4.16
CA GLU A 79 -2.47 -11.45 -4.48
C GLU A 79 -1.88 -11.30 -5.88
N ASP A 80 -0.60 -11.63 -6.01
CA ASP A 80 0.08 -11.53 -7.31
C ASP A 80 0.14 -12.89 -7.99
N THR A 81 0.14 -12.88 -9.32
CA THR A 81 0.19 -14.10 -10.10
C THR A 81 1.07 -13.94 -11.33
N GLN A 82 1.28 -15.03 -12.06
CA GLN A 82 2.09 -15.00 -13.27
C GLN A 82 1.23 -15.16 -14.52
N MET A 83 0.78 -14.03 -15.06
CA MET A 83 -0.06 -14.04 -16.26
C MET A 83 0.54 -13.15 -17.34
N VAL A 84 0.02 -13.29 -18.56
CA VAL A 84 0.50 -12.49 -19.68
C VAL A 84 -0.62 -12.24 -20.69
N ASP A 85 -0.85 -10.96 -20.99
CA ASP A 85 -1.89 -10.58 -21.94
C ASP A 85 -1.62 -11.19 -23.32
N GLU A 86 -2.67 -11.29 -24.13
CA GLU A 86 -2.53 -11.85 -25.47
C GLU A 86 -3.10 -10.89 -26.52
N VAL A 87 -2.74 -9.62 -26.39
CA VAL A 87 -3.20 -8.60 -27.32
C VAL A 87 -2.10 -8.21 -28.30
N VAL A 88 -2.47 -8.02 -29.57
CA VAL A 88 -1.52 -7.63 -30.60
C VAL A 88 -2.03 -6.45 -31.42
N VAL A 89 -1.14 -5.53 -31.73
CA VAL A 89 -1.49 -4.35 -32.51
C VAL A 89 -0.96 -4.45 -33.94
N THR A 90 -1.87 -4.67 -34.88
CA THR A 90 -1.50 -4.79 -36.29
C THR A 90 -1.73 -3.48 -37.03
N GLY A 91 -1.20 -3.39 -38.25
CA GLY A 91 -1.37 -2.19 -39.05
C GLY A 91 -2.77 -2.05 -39.61
N TYR A 92 -2.91 -1.25 -40.66
CA TYR A 92 -4.21 -1.03 -41.28
C TYR A 92 -4.04 -0.65 -42.75
N THR A 93 -5.12 -0.80 -43.52
CA THR A 93 -5.10 -0.47 -44.94
C THR A 93 -5.80 0.85 -45.21
N MET A 1 -27.61 1.43 17.17
CA MET A 1 -27.47 1.47 18.62
C MET A 1 -26.22 0.71 19.07
N GLY A 2 -25.06 1.37 19.00
CA GLY A 2 -23.82 0.74 19.39
C GLY A 2 -22.69 1.74 19.54
N HIS A 3 -21.85 1.53 20.56
CA HIS A 3 -20.73 2.43 20.81
C HIS A 3 -19.45 1.85 20.22
N HIS A 4 -18.53 2.74 19.86
CA HIS A 4 -17.25 2.33 19.27
C HIS A 4 -16.26 3.48 19.26
N HIS A 5 -15.01 3.19 18.88
CA HIS A 5 -13.97 4.20 18.83
C HIS A 5 -13.24 4.16 17.49
N HIS A 6 -12.49 5.22 17.21
CA HIS A 6 -11.73 5.30 15.95
C HIS A 6 -10.36 5.92 16.19
N HIS A 7 -9.43 5.65 15.27
CA HIS A 7 -8.08 6.19 15.38
C HIS A 7 -7.68 6.89 14.09
N HIS A 8 -6.60 7.66 14.16
CA HIS A 8 -6.09 8.39 12.99
C HIS A 8 -4.59 8.21 12.84
N THR A 9 -4.20 7.46 11.80
CA THR A 9 -2.78 7.22 11.54
C THR A 9 -2.39 7.68 10.14
N LYS A 10 -1.18 8.20 10.02
CA LYS A 10 -0.68 8.68 8.73
C LYS A 10 -0.50 7.51 7.75
N GLY A 11 -1.54 7.24 6.98
CA GLY A 11 -1.49 6.16 6.01
C GLY A 11 -1.37 4.80 6.67
N ASN A 12 -1.95 3.78 6.03
CA ASN A 12 -1.92 2.43 6.56
C ASN A 12 -2.01 1.39 5.43
N VAL A 13 -0.99 0.56 5.33
CA VAL A 13 -0.94 -0.47 4.29
C VAL A 13 -1.39 -1.82 4.85
N THR A 14 -2.42 -2.40 4.25
CA THR A 14 -2.95 -3.69 4.68
C THR A 14 -3.00 -4.68 3.52
N SER A 15 -3.39 -5.91 3.82
CA SER A 15 -3.49 -6.95 2.80
C SER A 15 -4.92 -7.09 2.29
N LYS A 16 -5.07 -7.75 1.15
CA LYS A 16 -6.39 -7.96 0.55
C LYS A 16 -6.86 -9.39 0.78
N THR A 17 -5.96 -10.25 1.23
CA THR A 17 -6.29 -11.65 1.47
C THR A 17 -7.05 -11.81 2.79
N ASP A 18 -6.44 -11.37 3.88
CA ASP A 18 -7.06 -11.48 5.19
C ASP A 18 -7.27 -10.09 5.80
N GLY A 19 -6.44 -9.14 5.39
CA GLY A 19 -6.56 -7.78 5.90
C GLY A 19 -5.53 -7.48 6.97
N GLN A 20 -4.37 -8.15 6.89
CA GLN A 20 -3.31 -7.94 7.86
C GLN A 20 -2.44 -6.75 7.48
N PRO A 21 -1.72 -6.20 8.47
CA PRO A 21 -0.84 -5.05 8.26
C PRO A 21 0.39 -5.40 7.43
N ILE A 22 0.63 -4.63 6.37
CA ILE A 22 1.78 -4.85 5.49
C ILE A 22 3.06 -4.35 6.13
N ILE A 23 4.01 -5.25 6.32
CA ILE A 23 5.30 -4.90 6.91
C ILE A 23 6.39 -4.79 5.85
N GLY A 24 7.27 -3.81 6.01
CA GLY A 24 8.35 -3.63 5.06
C GLY A 24 7.85 -3.26 3.67
N ALA A 25 6.74 -2.52 3.63
CA ALA A 25 6.17 -2.09 2.37
C ALA A 25 6.86 -0.85 1.83
N SER A 26 7.40 -0.96 0.62
CA SER A 26 8.10 0.16 0.00
C SER A 26 7.12 1.22 -0.49
N VAL A 27 7.08 2.35 0.21
CA VAL A 27 6.19 3.44 -0.15
C VAL A 27 6.96 4.60 -0.76
N VAL A 28 6.83 4.77 -2.07
CA VAL A 28 7.52 5.85 -2.77
C VAL A 28 6.53 6.70 -3.56
N GLU A 29 6.73 8.01 -3.51
CA GLU A 29 5.85 8.94 -4.24
C GLU A 29 6.13 8.89 -5.72
N THR A 30 5.17 9.38 -6.51
CA THR A 30 5.31 9.39 -7.97
C THR A 30 6.42 10.34 -8.40
N THR A 31 6.50 11.50 -7.77
CA THR A 31 7.52 12.49 -8.08
C THR A 31 8.59 12.54 -7.00
N ALA A 32 8.24 12.08 -5.81
CA ALA A 32 9.19 12.06 -4.69
C ALA A 32 9.48 10.63 -4.24
N THR A 33 10.18 9.89 -5.08
CA THR A 33 10.53 8.50 -4.77
C THR A 33 11.75 8.43 -3.87
N THR A 34 12.69 9.36 -4.08
CA THR A 34 13.91 9.40 -3.28
C THR A 34 13.59 9.44 -1.80
N ASN A 35 12.48 10.06 -1.45
CA ASN A 35 12.06 10.18 -0.06
C ASN A 35 11.09 9.06 0.31
N GLY A 36 11.26 7.91 -0.33
CA GLY A 36 10.38 6.78 -0.07
C GLY A 36 10.55 6.24 1.34
N THR A 37 9.44 5.89 1.98
CA THR A 37 9.47 5.37 3.34
C THR A 37 8.93 3.94 3.39
N ILE A 38 9.13 3.27 4.52
CA ILE A 38 8.66 1.91 4.69
C ILE A 38 7.59 1.82 5.78
N THR A 39 6.93 0.67 5.85
CA THR A 39 5.88 0.45 6.84
C THR A 39 6.39 -0.36 8.03
N ASP A 40 5.81 -0.13 9.20
CA ASP A 40 6.20 -0.85 10.40
C ASP A 40 5.38 -2.11 10.58
N PHE A 41 5.59 -2.80 11.69
CA PHE A 41 4.87 -4.03 11.98
C PHE A 41 3.36 -3.77 12.05
N ASP A 42 3.00 -2.56 12.46
CA ASP A 42 1.59 -2.19 12.57
C ASP A 42 0.98 -1.95 11.18
N GLY A 43 1.85 -1.72 10.19
CA GLY A 43 1.39 -1.48 8.84
C GLY A 43 1.18 -0.01 8.55
N ASN A 44 1.93 0.84 9.24
CA ASN A 44 1.82 2.28 9.06
C ASN A 44 3.19 2.91 8.79
N PHE A 45 3.18 4.08 8.17
CA PHE A 45 4.43 4.77 7.86
C PHE A 45 4.25 6.29 8.01
N THR A 46 5.37 7.00 8.01
CA THR A 46 5.35 8.46 8.14
C THR A 46 6.04 9.13 6.96
N LEU A 47 5.29 9.99 6.26
CA LEU A 47 5.84 10.70 5.11
C LEU A 47 5.26 12.11 5.02
N SER A 48 6.15 13.10 4.97
CA SER A 48 5.74 14.50 4.88
C SER A 48 5.86 15.02 3.45
N VAL A 49 4.72 15.35 2.86
CA VAL A 49 4.69 15.86 1.50
C VAL A 49 4.08 17.26 1.43
N PRO A 50 4.75 18.17 0.71
CA PRO A 50 4.29 19.55 0.57
C PRO A 50 3.02 19.65 -0.28
N VAL A 51 3.04 18.98 -1.44
CA VAL A 51 1.90 19.00 -2.34
C VAL A 51 1.03 17.77 -2.16
N ASN A 52 -0.06 17.69 -2.93
CA ASN A 52 -0.96 16.55 -2.84
C ASN A 52 -0.90 15.69 -4.10
N SER A 53 0.28 15.13 -4.35
CA SER A 53 0.48 14.28 -5.53
C SER A 53 0.08 12.84 -5.24
N THR A 54 0.37 11.95 -6.18
CA THR A 54 0.04 10.53 -6.03
C THR A 54 1.17 9.77 -5.36
N LEU A 55 0.86 8.63 -4.77
CA LEU A 55 1.85 7.82 -4.09
C LEU A 55 1.80 6.37 -4.59
N LYS A 56 2.95 5.74 -4.70
CA LYS A 56 3.04 4.36 -5.16
C LYS A 56 3.60 3.46 -4.06
N ILE A 57 2.89 2.38 -3.77
CA ILE A 57 3.32 1.43 -2.74
C ILE A 57 3.52 0.04 -3.33
N THR A 58 4.59 -0.62 -2.91
CA THR A 58 4.90 -1.96 -3.39
C THR A 58 5.61 -2.78 -2.32
N TYR A 59 5.23 -4.05 -2.19
CA TYR A 59 5.82 -4.94 -1.21
C TYR A 59 6.13 -6.30 -1.82
N ILE A 60 7.37 -6.74 -1.68
CA ILE A 60 7.80 -8.04 -2.20
C ILE A 60 6.85 -9.14 -1.77
N GLY A 61 6.21 -9.79 -2.74
CA GLY A 61 5.29 -10.87 -2.44
C GLY A 61 3.93 -10.67 -3.07
N TYR A 62 3.36 -9.50 -2.87
CA TYR A 62 2.05 -9.18 -3.44
C TYR A 62 2.17 -8.18 -4.58
N LYS A 63 1.07 -7.97 -5.30
CA LYS A 63 1.06 -7.04 -6.42
C LYS A 63 1.18 -5.59 -5.93
N PRO A 64 1.63 -4.70 -6.82
CA PRO A 64 1.80 -3.28 -6.50
C PRO A 64 0.47 -2.56 -6.29
N VAL A 65 0.53 -1.37 -5.72
CA VAL A 65 -0.67 -0.57 -5.47
C VAL A 65 -0.36 0.91 -5.48
N THR A 66 -1.34 1.71 -5.93
CA THR A 66 -1.16 3.16 -5.99
C THR A 66 -2.36 3.88 -5.37
N VAL A 67 -2.08 4.94 -4.64
CA VAL A 67 -3.13 5.72 -4.00
C VAL A 67 -2.73 7.18 -3.84
N LYS A 68 -3.66 8.02 -3.43
CA LYS A 68 -3.41 9.44 -3.24
C LYS A 68 -2.92 9.72 -1.82
N ALA A 69 -2.22 10.84 -1.65
CA ALA A 69 -1.70 11.22 -0.35
C ALA A 69 -2.73 12.00 0.46
N ALA A 70 -2.89 11.63 1.73
CA ALA A 70 -3.86 12.30 2.60
C ALA A 70 -3.58 11.97 4.06
N ALA A 71 -4.40 12.53 4.94
CA ALA A 71 -4.25 12.30 6.38
C ALA A 71 -4.25 10.81 6.69
N ILE A 72 -5.32 10.13 6.30
CA ILE A 72 -5.44 8.69 6.54
C ILE A 72 -5.87 7.96 5.28
N VAL A 73 -4.98 7.15 4.73
CA VAL A 73 -5.27 6.39 3.52
C VAL A 73 -5.00 4.90 3.73
N ASN A 74 -6.01 4.08 3.46
CA ASN A 74 -5.87 2.64 3.62
C ASN A 74 -5.51 1.97 2.29
N VAL A 75 -4.58 1.03 2.33
CA VAL A 75 -4.15 0.32 1.13
C VAL A 75 -4.38 -1.18 1.27
N LEU A 76 -4.64 -1.84 0.15
CA LEU A 76 -4.87 -3.28 0.15
C LEU A 76 -3.93 -3.98 -0.83
N LEU A 77 -3.18 -4.95 -0.32
CA LEU A 77 -2.23 -5.69 -1.14
C LEU A 77 -2.92 -6.90 -1.79
N GLU A 78 -2.87 -6.95 -3.12
CA GLU A 78 -3.49 -8.06 -3.86
C GLU A 78 -2.49 -9.19 -4.07
N GLU A 79 -2.96 -10.42 -3.88
CA GLU A 79 -2.11 -11.59 -4.05
C GLU A 79 -1.47 -11.61 -5.44
N ASP A 80 -0.23 -12.05 -5.51
CA ASP A 80 0.49 -12.12 -6.77
C ASP A 80 0.73 -13.57 -7.19
N THR A 81 -0.30 -14.40 -7.03
CA THR A 81 -0.21 -15.81 -7.39
C THR A 81 -0.89 -16.08 -8.73
N GLN A 82 -0.60 -15.23 -9.71
CA GLN A 82 -1.18 -15.38 -11.04
C GLN A 82 -0.17 -14.99 -12.12
N MET A 83 -0.08 -15.82 -13.16
CA MET A 83 0.84 -15.56 -14.26
C MET A 83 0.26 -14.56 -15.24
N VAL A 84 1.02 -13.52 -15.55
CA VAL A 84 0.57 -12.49 -16.47
C VAL A 84 1.74 -11.61 -16.91
N ASP A 85 1.84 -11.38 -18.22
CA ASP A 85 2.91 -10.55 -18.77
C ASP A 85 2.79 -9.11 -18.26
N GLU A 86 3.92 -8.55 -17.85
CA GLU A 86 3.95 -7.18 -17.34
C GLU A 86 5.02 -6.36 -18.03
N VAL A 87 4.76 -5.98 -19.28
CA VAL A 87 5.71 -5.20 -20.05
C VAL A 87 6.03 -3.87 -19.36
N VAL A 88 7.28 -3.43 -19.47
CA VAL A 88 7.71 -2.18 -18.85
C VAL A 88 7.73 -1.05 -19.87
N VAL A 89 7.06 0.06 -19.54
CA VAL A 89 7.00 1.21 -20.43
C VAL A 89 7.80 2.37 -19.86
N THR A 90 8.49 3.09 -20.74
CA THR A 90 9.30 4.23 -20.33
C THR A 90 8.61 5.55 -20.68
N GLY A 91 9.14 6.64 -20.13
CA GLY A 91 8.56 7.95 -20.39
C GLY A 91 9.24 9.06 -19.61
N TYR A 92 9.10 9.01 -18.28
CA TYR A 92 9.69 10.02 -17.42
C TYR A 92 10.75 9.39 -16.51
N THR A 93 11.83 10.15 -16.26
CA THR A 93 12.91 9.67 -15.42
C THR A 93 12.69 10.07 -13.96
N MET A 1 -19.46 7.18 27.77
CA MET A 1 -19.83 7.79 26.50
C MET A 1 -18.60 8.36 25.80
N GLY A 2 -18.36 7.91 24.57
CA GLY A 2 -17.23 8.37 23.81
C GLY A 2 -16.93 7.50 22.60
N HIS A 3 -16.65 8.14 21.47
CA HIS A 3 -16.36 7.41 20.24
C HIS A 3 -15.52 8.27 19.29
N HIS A 4 -14.73 7.62 18.45
CA HIS A 4 -13.88 8.32 17.49
C HIS A 4 -14.63 8.54 16.18
N HIS A 5 -14.77 9.81 15.79
CA HIS A 5 -15.47 10.16 14.56
C HIS A 5 -14.61 11.08 13.70
N HIS A 6 -14.36 10.67 12.45
CA HIS A 6 -13.56 11.45 11.53
C HIS A 6 -12.16 11.69 12.10
N HIS A 7 -11.48 10.60 12.45
CA HIS A 7 -10.13 10.69 13.01
C HIS A 7 -9.48 9.32 13.08
N HIS A 8 -8.24 9.23 12.62
CA HIS A 8 -7.50 7.97 12.63
C HIS A 8 -6.03 8.20 12.30
N THR A 9 -5.23 7.13 12.38
CA THR A 9 -3.81 7.21 12.09
C THR A 9 -3.56 7.48 10.61
N LYS A 10 -2.30 7.69 10.25
CA LYS A 10 -1.94 7.96 8.87
C LYS A 10 -2.31 6.77 7.98
N GLY A 11 -1.87 6.81 6.72
CA GLY A 11 -2.17 5.75 5.79
C GLY A 11 -1.81 4.38 6.34
N ASN A 12 -2.71 3.42 6.17
CA ASN A 12 -2.49 2.06 6.66
C ASN A 12 -2.71 1.05 5.55
N VAL A 13 -1.67 0.28 5.23
CA VAL A 13 -1.75 -0.74 4.19
C VAL A 13 -1.83 -2.13 4.80
N THR A 14 -2.85 -2.89 4.39
CA THR A 14 -3.03 -4.25 4.90
C THR A 14 -3.10 -5.25 3.75
N SER A 15 -3.29 -6.53 4.10
CA SER A 15 -3.37 -7.58 3.09
C SER A 15 -4.82 -7.87 2.72
N LYS A 16 -5.02 -8.55 1.60
CA LYS A 16 -6.36 -8.89 1.13
C LYS A 16 -6.68 -10.36 1.41
N THR A 17 -5.65 -11.12 1.76
CA THR A 17 -5.83 -12.54 2.06
C THR A 17 -6.46 -12.75 3.43
N ASP A 18 -5.81 -12.23 4.47
CA ASP A 18 -6.32 -12.36 5.83
C ASP A 18 -6.57 -11.00 6.44
N GLY A 19 -5.84 -9.99 5.96
CA GLY A 19 -6.01 -8.64 6.47
C GLY A 19 -4.90 -8.24 7.43
N GLN A 20 -3.71 -8.81 7.21
CA GLN A 20 -2.55 -8.51 8.06
C GLN A 20 -1.87 -7.23 7.62
N PRO A 21 -1.18 -6.57 8.55
CA PRO A 21 -0.46 -5.32 8.28
C PRO A 21 0.76 -5.53 7.38
N ILE A 22 0.85 -4.75 6.31
CA ILE A 22 1.96 -4.85 5.39
C ILE A 22 3.22 -4.24 5.97
N ILE A 23 4.13 -5.09 6.46
CA ILE A 23 5.38 -4.64 7.04
C ILE A 23 6.52 -4.75 6.04
N GLY A 24 7.37 -3.72 6.01
CA GLY A 24 8.50 -3.73 5.09
C GLY A 24 8.10 -3.39 3.67
N ALA A 25 7.09 -2.53 3.52
CA ALA A 25 6.60 -2.13 2.22
C ALA A 25 7.36 -0.91 1.70
N SER A 26 7.76 -0.95 0.43
CA SER A 26 8.49 0.15 -0.18
C SER A 26 7.54 1.26 -0.61
N VAL A 27 7.56 2.36 0.13
CA VAL A 27 6.71 3.51 -0.18
C VAL A 27 7.50 4.63 -0.85
N VAL A 28 7.07 5.01 -2.04
CA VAL A 28 7.73 6.08 -2.79
C VAL A 28 6.72 6.96 -3.52
N GLU A 29 6.94 8.27 -3.46
CA GLU A 29 6.04 9.21 -4.13
C GLU A 29 6.24 9.19 -5.63
N THR A 30 5.24 9.67 -6.36
CA THR A 30 5.31 9.70 -7.82
C THR A 30 6.45 10.59 -8.30
N THR A 31 6.61 11.74 -7.65
CA THR A 31 7.67 12.67 -8.01
C THR A 31 8.78 12.68 -6.96
N ALA A 32 8.44 12.27 -5.74
CA ALA A 32 9.40 12.23 -4.65
C ALA A 32 9.70 10.79 -4.24
N THR A 33 10.38 10.06 -5.12
CA THR A 33 10.73 8.67 -4.84
C THR A 33 12.00 8.58 -4.00
N THR A 34 12.92 9.50 -4.23
CA THR A 34 14.19 9.53 -3.50
C THR A 34 13.94 9.54 -1.99
N ASN A 35 12.83 10.14 -1.58
CA ASN A 35 12.48 10.22 -0.17
C ASN A 35 11.54 9.09 0.22
N GLY A 36 11.68 7.95 -0.44
CA GLY A 36 10.84 6.80 -0.15
C GLY A 36 11.04 6.27 1.25
N THR A 37 9.96 5.87 1.90
CA THR A 37 10.03 5.34 3.26
C THR A 37 9.43 3.94 3.33
N ILE A 38 9.64 3.27 4.46
CA ILE A 38 9.11 1.93 4.66
C ILE A 38 7.95 1.93 5.65
N THR A 39 7.11 0.91 5.56
CA THR A 39 5.95 0.79 6.45
C THR A 39 6.35 0.20 7.79
N ASP A 40 5.62 0.57 8.84
CA ASP A 40 5.90 0.08 10.18
C ASP A 40 5.27 -1.29 10.39
N PHE A 41 5.57 -1.91 11.54
CA PHE A 41 5.04 -3.23 11.86
C PHE A 41 3.51 -3.20 11.89
N ASP A 42 2.96 -2.05 12.26
CA ASP A 42 1.51 -1.90 12.33
C ASP A 42 0.90 -1.79 10.93
N GLY A 43 1.74 -1.47 9.95
CA GLY A 43 1.27 -1.34 8.58
C GLY A 43 0.91 0.08 8.22
N ASN A 44 1.57 1.04 8.86
CA ASN A 44 1.32 2.45 8.61
C ASN A 44 2.63 3.19 8.34
N PHE A 45 2.54 4.27 7.57
CA PHE A 45 3.71 5.07 7.23
C PHE A 45 3.34 6.54 7.07
N THR A 46 4.35 7.41 7.09
CA THR A 46 4.13 8.84 6.95
C THR A 46 5.33 9.52 6.28
N LEU A 47 5.09 10.11 5.12
CA LEU A 47 6.15 10.79 4.38
C LEU A 47 5.85 12.28 4.26
N SER A 48 6.63 13.09 4.95
CA SER A 48 6.45 14.54 4.93
C SER A 48 6.83 15.11 3.57
N VAL A 49 5.83 15.53 2.80
CA VAL A 49 6.06 16.10 1.49
C VAL A 49 5.31 17.42 1.31
N PRO A 50 6.02 18.43 0.79
CA PRO A 50 5.44 19.76 0.55
C PRO A 50 4.42 19.75 -0.57
N VAL A 51 4.74 19.07 -1.67
CA VAL A 51 3.84 18.99 -2.80
C VAL A 51 2.71 17.99 -2.55
N ASN A 52 1.56 18.26 -3.16
CA ASN A 52 0.40 17.38 -3.00
C ASN A 52 0.25 16.45 -4.20
N SER A 53 1.14 15.47 -4.30
CA SER A 53 1.11 14.52 -5.41
C SER A 53 0.58 13.16 -4.94
N THR A 54 0.69 12.16 -5.81
CA THR A 54 0.22 10.82 -5.49
C THR A 54 1.36 9.97 -4.92
N LEU A 55 0.99 8.95 -4.15
CA LEU A 55 1.98 8.06 -3.54
C LEU A 55 1.90 6.67 -4.16
N LYS A 56 3.04 6.00 -4.25
CA LYS A 56 3.10 4.67 -4.81
C LYS A 56 3.87 3.72 -3.89
N ILE A 57 3.21 2.64 -3.47
CA ILE A 57 3.83 1.66 -2.59
C ILE A 57 3.87 0.29 -3.24
N THR A 58 4.95 -0.45 -2.97
CA THR A 58 5.13 -1.78 -3.54
C THR A 58 5.68 -2.74 -2.50
N TYR A 59 5.15 -3.97 -2.48
CA TYR A 59 5.59 -4.98 -1.54
C TYR A 59 5.86 -6.30 -2.25
N ILE A 60 7.13 -6.72 -2.24
CA ILE A 60 7.52 -7.97 -2.88
C ILE A 60 6.63 -9.13 -2.43
N GLY A 61 5.89 -9.70 -3.37
CA GLY A 61 5.01 -10.81 -3.05
C GLY A 61 3.60 -10.60 -3.56
N TYR A 62 3.01 -9.47 -3.21
CA TYR A 62 1.65 -9.15 -3.63
C TYR A 62 1.65 -8.00 -4.64
N LYS A 63 0.50 -7.76 -5.24
CA LYS A 63 0.35 -6.68 -6.23
C LYS A 63 0.67 -5.33 -5.61
N PRO A 64 1.03 -4.36 -6.46
CA PRO A 64 1.37 -3.00 -6.02
C PRO A 64 0.14 -2.24 -5.51
N VAL A 65 0.38 -1.06 -4.95
CA VAL A 65 -0.70 -0.23 -4.43
C VAL A 65 -0.34 1.25 -4.50
N THR A 66 -1.35 2.09 -4.73
CA THR A 66 -1.14 3.52 -4.82
C THR A 66 -2.15 4.29 -3.97
N VAL A 67 -1.71 5.38 -3.37
CA VAL A 67 -2.59 6.19 -2.53
C VAL A 67 -2.29 7.68 -2.70
N LYS A 68 -3.33 8.47 -2.93
CA LYS A 68 -3.18 9.90 -3.12
C LYS A 68 -2.87 10.59 -1.79
N ALA A 69 -2.25 11.76 -1.87
CA ALA A 69 -1.90 12.52 -0.68
C ALA A 69 -3.14 12.89 0.13
N ALA A 70 -3.45 12.07 1.13
CA ALA A 70 -4.61 12.31 1.98
C ALA A 70 -4.26 12.15 3.46
N ALA A 71 -5.27 12.20 4.31
CA ALA A 71 -5.07 12.06 5.74
C ALA A 71 -5.12 10.60 6.16
N ILE A 72 -6.10 9.87 5.64
CA ILE A 72 -6.26 8.46 5.96
C ILE A 72 -6.61 7.65 4.72
N VAL A 73 -5.81 6.61 4.47
CA VAL A 73 -6.03 5.75 3.31
C VAL A 73 -5.81 4.28 3.66
N ASN A 74 -6.80 3.45 3.36
CA ASN A 74 -6.71 2.02 3.65
C ASN A 74 -6.83 1.20 2.37
N VAL A 75 -5.84 0.34 2.13
CA VAL A 75 -5.84 -0.51 0.95
C VAL A 75 -5.42 -1.93 1.29
N LEU A 76 -5.94 -2.90 0.54
CA LEU A 76 -5.62 -4.30 0.76
C LEU A 76 -4.67 -4.82 -0.31
N LEU A 77 -3.75 -5.69 0.09
CA LEU A 77 -2.77 -6.26 -0.83
C LEU A 77 -3.33 -7.52 -1.51
N GLU A 78 -3.45 -7.47 -2.83
CA GLU A 78 -3.97 -8.59 -3.59
C GLU A 78 -2.84 -9.52 -4.02
N GLU A 79 -3.14 -10.81 -4.10
CA GLU A 79 -2.15 -11.80 -4.51
C GLU A 79 -1.61 -11.50 -5.90
N ASP A 80 -0.32 -11.75 -6.10
CA ASP A 80 0.32 -11.51 -7.39
C ASP A 80 0.61 -12.82 -8.12
N THR A 81 -0.40 -13.32 -8.82
CA THR A 81 -0.25 -14.58 -9.56
C THR A 81 -0.91 -14.48 -10.94
N GLN A 82 -0.41 -15.29 -11.87
CA GLN A 82 -0.96 -15.30 -13.22
C GLN A 82 -2.40 -15.81 -13.23
N MET A 83 -3.33 -14.94 -13.60
CA MET A 83 -4.74 -15.30 -13.66
C MET A 83 -4.97 -16.50 -14.58
N VAL A 84 -6.18 -17.04 -14.56
CA VAL A 84 -6.51 -18.19 -15.40
C VAL A 84 -7.79 -17.93 -16.19
N ASP A 85 -7.63 -17.80 -17.51
CA ASP A 85 -8.78 -17.55 -18.38
C ASP A 85 -8.83 -18.57 -19.52
N GLU A 86 -8.45 -19.81 -19.21
CA GLU A 86 -8.44 -20.88 -20.20
C GLU A 86 -9.82 -21.53 -20.30
N VAL A 87 -10.65 -21.01 -21.19
CA VAL A 87 -12.00 -21.55 -21.38
C VAL A 87 -12.03 -22.56 -22.51
N VAL A 88 -12.29 -23.82 -22.18
CA VAL A 88 -12.35 -24.88 -23.17
C VAL A 88 -13.57 -25.76 -22.95
N VAL A 89 -14.14 -26.26 -24.05
CA VAL A 89 -15.31 -27.12 -23.97
C VAL A 89 -14.94 -28.51 -23.50
N THR A 90 -15.89 -29.19 -22.85
CA THR A 90 -15.66 -30.53 -22.35
C THR A 90 -16.98 -31.24 -22.07
N GLY A 91 -16.94 -32.57 -22.00
CA GLY A 91 -18.13 -33.35 -21.74
C GLY A 91 -18.13 -33.97 -20.36
N TYR A 92 -19.31 -34.12 -19.77
CA TYR A 92 -19.43 -34.71 -18.44
C TYR A 92 -19.87 -36.16 -18.52
N THR A 93 -19.33 -36.99 -17.64
CA THR A 93 -19.67 -38.41 -17.62
C THR A 93 -20.97 -38.65 -16.87
N MET A 1 -10.52 19.38 23.61
CA MET A 1 -10.24 17.98 23.89
C MET A 1 -11.07 17.06 23.01
N GLY A 2 -10.69 15.79 22.95
CA GLY A 2 -11.42 14.83 22.14
C GLY A 2 -11.51 13.47 22.80
N HIS A 3 -10.38 12.93 23.21
CA HIS A 3 -10.35 11.62 23.87
C HIS A 3 -9.18 11.52 24.84
N HIS A 4 -9.43 10.95 26.01
CA HIS A 4 -8.40 10.80 27.03
C HIS A 4 -7.61 9.51 26.83
N HIS A 5 -6.29 9.62 26.83
CA HIS A 5 -5.42 8.46 26.64
C HIS A 5 -5.77 7.74 25.35
N HIS A 6 -5.65 8.44 24.22
CA HIS A 6 -5.96 7.85 22.92
C HIS A 6 -4.95 8.30 21.87
N HIS A 7 -4.45 7.35 21.09
CA HIS A 7 -3.47 7.65 20.06
C HIS A 7 -4.09 7.53 18.67
N HIS A 8 -3.43 8.11 17.67
CA HIS A 8 -3.93 8.07 16.30
C HIS A 8 -2.81 7.73 15.33
N THR A 9 -3.19 7.32 14.11
CA THR A 9 -2.21 6.96 13.09
C THR A 9 -2.62 7.49 11.73
N LYS A 10 -1.66 7.55 10.81
CA LYS A 10 -1.93 8.05 9.46
C LYS A 10 -1.41 7.06 8.42
N GLY A 11 -2.29 6.68 7.49
CA GLY A 11 -1.91 5.75 6.45
C GLY A 11 -1.69 4.35 6.98
N ASN A 12 -2.47 3.40 6.47
CA ASN A 12 -2.35 2.01 6.90
C ASN A 12 -2.64 1.06 5.75
N VAL A 13 -1.74 0.10 5.54
CA VAL A 13 -1.90 -0.88 4.47
C VAL A 13 -1.88 -2.30 5.02
N THR A 14 -2.84 -3.11 4.57
CA THR A 14 -2.94 -4.50 5.01
C THR A 14 -3.06 -5.45 3.83
N SER A 15 -3.01 -6.75 4.10
CA SER A 15 -3.11 -7.76 3.06
C SER A 15 -4.57 -8.14 2.82
N LYS A 16 -4.85 -8.60 1.61
CA LYS A 16 -6.20 -9.00 1.25
C LYS A 16 -6.40 -10.49 1.48
N THR A 17 -5.51 -11.10 2.25
CA THR A 17 -5.59 -12.52 2.55
C THR A 17 -6.31 -12.78 3.86
N ASP A 18 -5.79 -12.20 4.94
CA ASP A 18 -6.40 -12.37 6.26
C ASP A 18 -6.83 -11.01 6.82
N GLY A 19 -6.14 -9.96 6.39
CA GLY A 19 -6.47 -8.62 6.87
C GLY A 19 -5.45 -8.10 7.86
N GLN A 20 -4.20 -8.55 7.72
CA GLN A 20 -3.13 -8.12 8.61
C GLN A 20 -2.31 -6.99 7.98
N PRO A 21 -1.59 -6.24 8.81
CA PRO A 21 -0.75 -5.13 8.36
C PRO A 21 0.46 -5.60 7.59
N ILE A 22 0.88 -4.80 6.60
CA ILE A 22 2.03 -5.14 5.78
C ILE A 22 3.29 -4.43 6.30
N ILE A 23 4.27 -5.24 6.71
CA ILE A 23 5.53 -4.70 7.23
C ILE A 23 6.63 -4.78 6.17
N GLY A 24 7.56 -3.84 6.24
CA GLY A 24 8.66 -3.83 5.29
C GLY A 24 8.20 -3.56 3.86
N ALA A 25 7.36 -2.55 3.71
CA ALA A 25 6.83 -2.21 2.38
C ALA A 25 7.67 -1.10 1.75
N SER A 26 7.57 -0.98 0.43
CA SER A 26 8.32 0.03 -0.31
C SER A 26 7.40 1.16 -0.77
N VAL A 27 7.51 2.31 -0.12
CA VAL A 27 6.69 3.47 -0.47
C VAL A 27 7.54 4.58 -1.07
N VAL A 28 7.10 5.10 -2.22
CA VAL A 28 7.82 6.17 -2.90
C VAL A 28 6.86 7.12 -3.60
N GLU A 29 7.21 8.39 -3.64
CA GLU A 29 6.37 9.39 -4.29
C GLU A 29 6.58 9.39 -5.80
N THR A 30 5.78 10.18 -6.52
CA THR A 30 5.88 10.26 -7.96
C THR A 30 7.17 10.93 -8.40
N THR A 31 7.54 12.00 -7.70
CA THR A 31 8.76 12.74 -8.01
C THR A 31 9.79 12.59 -6.90
N ALA A 32 9.32 12.27 -5.70
CA ALA A 32 10.20 12.09 -4.55
C ALA A 32 10.38 10.61 -4.22
N THR A 33 11.19 9.93 -5.01
CA THR A 33 11.46 8.51 -4.80
C THR A 33 12.60 8.30 -3.81
N THR A 34 13.60 9.18 -3.86
CA THR A 34 14.75 9.09 -2.97
C THR A 34 14.31 9.15 -1.51
N ASN A 35 13.19 9.83 -1.25
CA ASN A 35 12.67 9.96 0.10
C ASN A 35 11.63 8.88 0.40
N GLY A 36 11.81 7.72 -0.23
CA GLY A 36 10.88 6.62 -0.02
C GLY A 36 10.81 6.18 1.43
N THR A 37 9.62 5.81 1.88
CA THR A 37 9.43 5.37 3.25
C THR A 37 8.94 3.93 3.32
N ILE A 38 9.12 3.29 4.46
CA ILE A 38 8.69 1.91 4.65
C ILE A 38 7.59 1.80 5.70
N THR A 39 6.72 0.82 5.53
CA THR A 39 5.61 0.61 6.47
C THR A 39 6.12 0.10 7.81
N ASP A 40 5.40 0.43 8.88
CA ASP A 40 5.79 0.00 10.22
C ASP A 40 5.28 -1.41 10.50
N PHE A 41 5.48 -1.87 11.73
CA PHE A 41 5.06 -3.20 12.14
C PHE A 41 3.54 -3.35 11.96
N ASP A 42 2.82 -2.25 12.11
CA ASP A 42 1.36 -2.27 11.97
C ASP A 42 0.95 -1.77 10.59
N GLY A 43 1.87 -1.84 9.64
CA GLY A 43 1.58 -1.39 8.29
C GLY A 43 1.29 0.09 8.22
N ASN A 44 1.87 0.86 9.16
CA ASN A 44 1.66 2.29 9.20
C ASN A 44 2.93 3.04 8.82
N PHE A 45 2.80 4.01 7.92
CA PHE A 45 3.94 4.80 7.47
C PHE A 45 3.66 6.28 7.60
N THR A 46 4.70 7.09 7.45
CA THR A 46 4.56 8.54 7.56
C THR A 46 5.38 9.25 6.48
N LEU A 47 4.69 10.00 5.62
CA LEU A 47 5.34 10.73 4.54
C LEU A 47 4.60 12.02 4.22
N SER A 48 5.19 13.14 4.62
CA SER A 48 4.58 14.45 4.37
C SER A 48 5.33 15.20 3.27
N VAL A 49 4.60 15.56 2.22
CA VAL A 49 5.19 16.29 1.11
C VAL A 49 4.52 17.64 0.92
N PRO A 50 5.25 18.58 0.29
CA PRO A 50 4.75 19.94 0.03
C PRO A 50 3.65 19.96 -1.02
N VAL A 51 3.89 19.28 -2.14
CA VAL A 51 2.91 19.22 -3.22
C VAL A 51 1.91 18.10 -3.00
N ASN A 52 0.69 18.29 -3.50
CA ASN A 52 -0.36 17.29 -3.35
C ASN A 52 -0.45 16.40 -4.58
N SER A 53 0.58 15.60 -4.80
CA SER A 53 0.63 14.70 -5.95
C SER A 53 0.25 13.27 -5.55
N THR A 54 0.47 12.34 -6.46
CA THR A 54 0.15 10.94 -6.20
C THR A 54 1.32 10.23 -5.52
N LEU A 55 1.04 9.07 -4.94
CA LEU A 55 2.07 8.29 -4.26
C LEU A 55 2.05 6.83 -4.72
N LYS A 56 3.21 6.30 -5.06
CA LYS A 56 3.33 4.93 -5.51
C LYS A 56 3.84 4.02 -4.40
N ILE A 57 3.09 2.96 -4.13
CA ILE A 57 3.46 2.01 -3.08
C ILE A 57 3.58 0.59 -3.63
N THR A 58 4.75 -0.01 -3.45
CA THR A 58 4.99 -1.37 -3.93
C THR A 58 5.33 -2.31 -2.77
N TYR A 59 4.91 -3.56 -2.89
CA TYR A 59 5.17 -4.56 -1.86
C TYR A 59 5.77 -5.82 -2.46
N ILE A 60 6.52 -6.55 -1.65
CA ILE A 60 7.16 -7.79 -2.09
C ILE A 60 6.26 -8.99 -1.85
N GLY A 61 5.72 -9.55 -2.93
CA GLY A 61 4.85 -10.71 -2.82
C GLY A 61 3.49 -10.46 -3.46
N TYR A 62 2.85 -9.36 -3.08
CA TYR A 62 1.53 -9.03 -3.62
C TYR A 62 1.63 -7.88 -4.63
N LYS A 63 0.52 -7.62 -5.32
CA LYS A 63 0.48 -6.54 -6.30
C LYS A 63 0.61 -5.18 -5.64
N PRO A 64 1.25 -4.24 -6.34
CA PRO A 64 1.46 -2.88 -5.84
C PRO A 64 0.16 -2.08 -5.77
N VAL A 65 0.24 -0.87 -5.25
CA VAL A 65 -0.92 0.00 -5.13
C VAL A 65 -0.54 1.47 -5.22
N THR A 66 -1.38 2.26 -5.87
CA THR A 66 -1.13 3.69 -6.03
C THR A 66 -2.26 4.52 -5.44
N VAL A 67 -1.90 5.53 -4.65
CA VAL A 67 -2.89 6.39 -4.02
C VAL A 67 -2.31 7.77 -3.74
N LYS A 68 -3.18 8.77 -3.64
CA LYS A 68 -2.75 10.14 -3.37
C LYS A 68 -2.48 10.35 -1.89
N ALA A 69 -1.62 11.31 -1.57
CA ALA A 69 -1.27 11.60 -0.19
C ALA A 69 -2.49 12.10 0.58
N ALA A 70 -3.01 11.26 1.47
CA ALA A 70 -4.18 11.62 2.27
C ALA A 70 -3.94 11.32 3.75
N ALA A 71 -4.71 11.97 4.61
CA ALA A 71 -4.59 11.78 6.04
C ALA A 71 -4.69 10.30 6.41
N ILE A 72 -5.79 9.67 6.00
CA ILE A 72 -6.01 8.26 6.28
C ILE A 72 -6.30 7.48 4.99
N VAL A 73 -5.60 6.35 4.82
CA VAL A 73 -5.78 5.53 3.64
C VAL A 73 -5.67 4.05 3.99
N ASN A 74 -6.72 3.29 3.66
CA ASN A 74 -6.75 1.85 3.95
C ASN A 74 -6.89 1.06 2.66
N VAL A 75 -5.82 0.36 2.27
CA VAL A 75 -5.83 -0.45 1.06
C VAL A 75 -5.42 -1.88 1.36
N LEU A 76 -5.97 -2.82 0.59
CA LEU A 76 -5.66 -4.24 0.77
C LEU A 76 -4.69 -4.72 -0.31
N LEU A 77 -3.80 -5.63 0.07
CA LEU A 77 -2.82 -6.18 -0.87
C LEU A 77 -3.38 -7.41 -1.57
N GLU A 78 -3.50 -7.32 -2.90
CA GLU A 78 -4.02 -8.43 -3.70
C GLU A 78 -2.87 -9.24 -4.32
N GLU A 79 -2.92 -10.55 -4.14
CA GLU A 79 -1.89 -11.43 -4.68
C GLU A 79 -1.62 -11.10 -6.15
N ASP A 80 -0.37 -11.28 -6.57
CA ASP A 80 0.01 -11.02 -7.95
C ASP A 80 0.36 -12.31 -8.69
N THR A 81 -0.38 -12.59 -9.76
CA THR A 81 -0.16 -13.79 -10.55
C THR A 81 0.50 -13.46 -11.88
N GLN A 82 1.45 -14.30 -12.29
CA GLN A 82 2.15 -14.10 -13.55
C GLN A 82 1.24 -14.36 -14.74
N MET A 83 1.52 -13.70 -15.86
CA MET A 83 0.72 -13.86 -17.06
C MET A 83 1.59 -14.29 -18.24
N VAL A 84 1.47 -15.55 -18.63
CA VAL A 84 2.24 -16.09 -19.74
C VAL A 84 1.37 -16.29 -20.98
N ASP A 85 0.72 -15.22 -21.41
CA ASP A 85 -0.15 -15.28 -22.58
C ASP A 85 0.54 -14.67 -23.80
N GLU A 86 0.66 -15.45 -24.87
CA GLU A 86 1.29 -14.99 -26.09
C GLU A 86 0.44 -15.34 -27.31
N VAL A 87 -0.63 -14.58 -27.51
CA VAL A 87 -1.53 -14.81 -28.64
C VAL A 87 -2.11 -13.49 -29.16
N VAL A 88 -2.41 -13.45 -30.45
CA VAL A 88 -2.97 -12.25 -31.07
C VAL A 88 -4.35 -11.94 -30.49
N VAL A 89 -4.61 -10.66 -30.27
CA VAL A 89 -5.89 -10.22 -29.72
C VAL A 89 -6.51 -9.13 -30.59
N THR A 90 -6.47 -9.33 -31.90
CA THR A 90 -7.02 -8.37 -32.85
C THR A 90 -7.23 -8.99 -34.21
N GLY A 91 -8.35 -8.66 -34.86
CA GLY A 91 -8.64 -9.20 -36.17
C GLY A 91 -8.58 -8.15 -37.26
N TYR A 92 -8.74 -8.58 -38.51
CA TYR A 92 -8.69 -7.66 -39.64
C TYR A 92 -9.95 -7.80 -40.50
N THR A 93 -10.31 -6.71 -41.17
CA THR A 93 -11.49 -6.70 -42.03
C THR A 93 -11.36 -7.72 -43.15
N MET A 1 -23.15 7.54 27.21
CA MET A 1 -23.24 8.65 26.26
C MET A 1 -23.18 8.14 24.83
N GLY A 2 -22.12 7.41 24.50
CA GLY A 2 -21.97 6.87 23.16
C GLY A 2 -20.55 6.46 22.85
N HIS A 3 -20.14 6.59 21.59
CA HIS A 3 -18.79 6.23 21.18
C HIS A 3 -18.03 7.45 20.65
N HIS A 4 -17.04 7.90 21.41
CA HIS A 4 -16.24 9.05 21.03
C HIS A 4 -14.83 8.63 20.62
N HIS A 5 -14.73 7.47 19.97
CA HIS A 5 -13.44 6.95 19.53
C HIS A 5 -13.13 7.42 18.11
N HIS A 6 -12.82 8.70 17.97
CA HIS A 6 -12.50 9.27 16.67
C HIS A 6 -11.00 9.55 16.55
N HIS A 7 -10.23 8.52 16.20
CA HIS A 7 -8.79 8.66 16.04
C HIS A 7 -8.20 7.42 15.39
N HIS A 8 -7.71 7.59 14.16
CA HIS A 8 -7.10 6.49 13.42
C HIS A 8 -5.68 6.83 12.99
N THR A 9 -4.83 5.82 12.93
CA THR A 9 -3.44 6.02 12.53
C THR A 9 -3.35 6.60 11.12
N LYS A 10 -2.46 7.58 10.95
CA LYS A 10 -2.27 8.23 9.65
C LYS A 10 -1.49 7.32 8.70
N GLY A 11 -2.22 6.67 7.79
CA GLY A 11 -1.58 5.79 6.83
C GLY A 11 -1.41 4.39 7.37
N ASN A 12 -2.08 3.43 6.76
CA ASN A 12 -1.99 2.03 7.18
C ASN A 12 -2.39 1.09 6.05
N VAL A 13 -1.46 0.23 5.65
CA VAL A 13 -1.71 -0.73 4.58
C VAL A 13 -1.78 -2.16 5.12
N THR A 14 -2.73 -2.93 4.64
CA THR A 14 -2.91 -4.31 5.06
C THR A 14 -3.08 -5.24 3.87
N SER A 15 -3.20 -6.54 4.15
CA SER A 15 -3.37 -7.53 3.09
C SER A 15 -4.84 -7.92 2.95
N LYS A 16 -5.22 -8.35 1.74
CA LYS A 16 -6.59 -8.75 1.47
C LYS A 16 -6.77 -10.25 1.68
N THR A 17 -5.83 -10.86 2.40
CA THR A 17 -5.88 -12.30 2.67
C THR A 17 -6.56 -12.57 4.01
N ASP A 18 -6.00 -12.02 5.08
CA ASP A 18 -6.55 -12.21 6.42
C ASP A 18 -6.94 -10.87 7.03
N GLY A 19 -6.27 -9.81 6.60
CA GLY A 19 -6.57 -8.49 7.13
C GLY A 19 -5.50 -8.00 8.10
N GLN A 20 -4.27 -8.46 7.90
CA GLN A 20 -3.16 -8.07 8.76
C GLN A 20 -2.34 -6.95 8.13
N PRO A 21 -1.57 -6.23 8.95
CA PRO A 21 -0.72 -5.12 8.49
C PRO A 21 0.46 -5.61 7.65
N ILE A 22 0.81 -4.85 6.63
CA ILE A 22 1.93 -5.20 5.76
C ILE A 22 3.22 -4.55 6.24
N ILE A 23 4.18 -5.39 6.63
CA ILE A 23 5.48 -4.92 7.10
C ILE A 23 6.52 -4.96 6.00
N GLY A 24 7.48 -4.05 6.06
CA GLY A 24 8.54 -4.00 5.06
C GLY A 24 8.01 -3.65 3.68
N ALA A 25 7.19 -2.61 3.61
CA ALA A 25 6.62 -2.17 2.34
C ALA A 25 7.45 -1.06 1.71
N SER A 26 7.31 -0.90 0.40
CA SER A 26 8.06 0.13 -0.32
C SER A 26 7.16 1.29 -0.71
N VAL A 27 7.34 2.42 -0.02
CA VAL A 27 6.54 3.60 -0.30
C VAL A 27 7.39 4.72 -0.89
N VAL A 28 7.20 4.99 -2.17
CA VAL A 28 7.95 6.03 -2.86
C VAL A 28 7.01 7.00 -3.59
N GLU A 29 7.34 8.28 -3.54
CA GLU A 29 6.53 9.31 -4.18
C GLU A 29 7.02 9.56 -5.61
N THR A 30 6.21 10.28 -6.38
CA THR A 30 6.57 10.59 -7.76
C THR A 30 7.49 11.80 -7.83
N THR A 31 7.31 12.74 -6.91
CA THR A 31 8.13 13.94 -6.88
C THR A 31 9.47 13.66 -6.22
N ALA A 32 9.54 12.61 -5.42
CA ALA A 32 10.77 12.22 -4.73
C ALA A 32 10.72 10.77 -4.29
N THR A 33 11.42 9.90 -5.01
CA THR A 33 11.46 8.48 -4.69
C THR A 33 12.56 8.18 -3.68
N THR A 34 13.67 8.90 -3.81
CA THR A 34 14.80 8.70 -2.91
C THR A 34 14.38 8.82 -1.44
N ASN A 35 13.31 9.58 -1.22
CA ASN A 35 12.80 9.77 0.14
C ASN A 35 11.71 8.76 0.46
N GLY A 36 11.81 7.58 -0.14
CA GLY A 36 10.82 6.54 0.09
C GLY A 36 10.84 6.02 1.53
N THR A 37 9.67 5.74 2.07
CA THR A 37 9.55 5.23 3.43
C THR A 37 9.03 3.81 3.45
N ILE A 38 9.24 3.12 4.57
CA ILE A 38 8.78 1.74 4.71
C ILE A 38 7.76 1.61 5.83
N THR A 39 6.83 0.68 5.67
CA THR A 39 5.79 0.45 6.66
C THR A 39 6.36 -0.19 7.93
N ASP A 40 5.73 0.10 9.06
CA ASP A 40 6.18 -0.46 10.34
C ASP A 40 5.56 -1.82 10.59
N PHE A 41 5.73 -2.34 11.80
CA PHE A 41 5.19 -3.64 12.16
C PHE A 41 3.66 -3.65 12.04
N ASP A 42 3.06 -2.50 12.26
CA ASP A 42 1.60 -2.37 12.18
C ASP A 42 1.18 -1.88 10.79
N GLY A 43 2.08 -2.01 9.83
CA GLY A 43 1.79 -1.58 8.47
C GLY A 43 1.54 -0.08 8.39
N ASN A 44 2.16 0.67 9.29
CA ASN A 44 1.99 2.12 9.32
C ASN A 44 3.31 2.82 8.99
N PHE A 45 3.24 3.85 8.15
CA PHE A 45 4.42 4.60 7.76
C PHE A 45 4.20 6.10 7.94
N THR A 46 5.28 6.87 7.86
CA THR A 46 5.20 8.32 8.00
C THR A 46 5.78 9.03 6.78
N LEU A 47 4.92 9.78 6.09
CA LEU A 47 5.34 10.52 4.90
C LEU A 47 4.64 11.87 4.82
N SER A 48 5.43 12.93 4.73
CA SER A 48 4.87 14.28 4.64
C SER A 48 5.03 14.84 3.23
N VAL A 49 3.91 14.94 2.51
CA VAL A 49 3.92 15.46 1.15
C VAL A 49 2.72 16.35 0.90
N PRO A 50 2.87 17.31 -0.03
CA PRO A 50 1.80 18.25 -0.39
C PRO A 50 0.66 17.57 -1.14
N VAL A 51 -0.43 18.30 -1.33
CA VAL A 51 -1.60 17.77 -2.02
C VAL A 51 -1.55 18.11 -3.51
N ASN A 52 -0.44 17.75 -4.16
CA ASN A 52 -0.26 18.01 -5.58
C ASN A 52 0.72 17.03 -6.19
N SER A 53 0.69 15.78 -5.71
CA SER A 53 1.59 14.74 -6.21
C SER A 53 0.99 13.36 -5.97
N THR A 54 1.53 12.37 -6.67
CA THR A 54 1.06 10.99 -6.54
C THR A 54 1.96 10.19 -5.60
N LEU A 55 1.44 9.04 -5.15
CA LEU A 55 2.21 8.19 -4.25
C LEU A 55 2.20 6.74 -4.74
N LYS A 56 3.38 6.23 -5.06
CA LYS A 56 3.52 4.86 -5.55
C LYS A 56 4.03 3.94 -4.44
N ILE A 57 3.27 2.88 -4.15
CA ILE A 57 3.65 1.93 -3.13
C ILE A 57 3.73 0.52 -3.68
N THR A 58 4.90 -0.11 -3.54
CA THR A 58 5.10 -1.46 -4.03
C THR A 58 5.42 -2.42 -2.89
N TYR A 59 4.94 -3.65 -3.01
CA TYR A 59 5.17 -4.67 -1.99
C TYR A 59 5.77 -5.93 -2.59
N ILE A 60 6.48 -6.69 -1.77
CA ILE A 60 7.11 -7.93 -2.23
C ILE A 60 6.19 -9.12 -2.00
N GLY A 61 5.63 -9.65 -3.08
CA GLY A 61 4.74 -10.80 -2.98
C GLY A 61 3.38 -10.53 -3.57
N TYR A 62 2.76 -9.43 -3.16
CA TYR A 62 1.44 -9.06 -3.66
C TYR A 62 1.54 -7.91 -4.66
N LYS A 63 0.43 -7.61 -5.33
CA LYS A 63 0.38 -6.53 -6.30
C LYS A 63 0.54 -5.18 -5.62
N PRO A 64 1.23 -4.24 -6.31
CA PRO A 64 1.46 -2.89 -5.79
C PRO A 64 0.18 -2.06 -5.74
N VAL A 65 0.30 -0.84 -5.23
CA VAL A 65 -0.85 0.06 -5.12
C VAL A 65 -0.41 1.51 -5.24
N THR A 66 -1.26 2.32 -5.85
CA THR A 66 -0.97 3.75 -6.03
C THR A 66 -2.14 4.61 -5.55
N VAL A 67 -1.81 5.70 -4.86
CA VAL A 67 -2.81 6.62 -4.35
C VAL A 67 -2.29 8.04 -4.27
N LYS A 68 -3.19 8.99 -4.06
CA LYS A 68 -2.81 10.40 -3.97
C LYS A 68 -2.48 10.78 -2.53
N ALA A 69 -1.68 11.82 -2.36
CA ALA A 69 -1.28 12.29 -1.04
C ALA A 69 -2.50 12.50 -0.15
N ALA A 70 -2.47 11.91 1.05
CA ALA A 70 -3.57 12.03 1.99
C ALA A 70 -3.11 11.69 3.41
N ALA A 71 -3.65 12.42 4.38
CA ALA A 71 -3.30 12.18 5.78
C ALA A 71 -3.50 10.72 6.16
N ILE A 72 -4.66 10.17 5.82
CA ILE A 72 -4.98 8.78 6.13
C ILE A 72 -5.28 7.99 4.86
N VAL A 73 -4.48 6.96 4.60
CA VAL A 73 -4.66 6.13 3.41
C VAL A 73 -4.68 4.65 3.79
N ASN A 74 -5.78 3.98 3.43
CA ASN A 74 -5.93 2.56 3.73
C ASN A 74 -6.09 1.75 2.44
N VAL A 75 -5.11 0.90 2.15
CA VAL A 75 -5.15 0.08 0.95
C VAL A 75 -4.91 -1.39 1.29
N LEU A 76 -5.51 -2.28 0.51
CA LEU A 76 -5.36 -3.71 0.73
C LEU A 76 -4.45 -4.34 -0.33
N LEU A 77 -3.68 -5.34 0.07
CA LEU A 77 -2.77 -6.02 -0.84
C LEU A 77 -3.48 -7.17 -1.56
N GLU A 78 -3.47 -7.12 -2.89
CA GLU A 78 -4.12 -8.16 -3.68
C GLU A 78 -3.08 -9.13 -4.26
N GLU A 79 -3.36 -10.41 -4.13
CA GLU A 79 -2.45 -11.44 -4.62
C GLU A 79 -2.08 -11.18 -6.09
N ASP A 80 -0.81 -11.40 -6.42
CA ASP A 80 -0.33 -11.19 -7.79
C ASP A 80 -0.35 -12.50 -8.56
N THR A 81 -0.82 -12.43 -9.81
CA THR A 81 -0.89 -13.61 -10.67
C THR A 81 -0.23 -13.35 -12.02
N GLN A 82 -0.47 -12.16 -12.56
CA GLN A 82 0.11 -11.78 -13.85
C GLN A 82 1.62 -11.96 -13.84
N MET A 83 2.12 -12.77 -14.77
CA MET A 83 3.56 -13.02 -14.87
C MET A 83 4.07 -12.69 -16.28
N VAL A 84 5.39 -12.68 -16.43
CA VAL A 84 6.01 -12.39 -17.72
C VAL A 84 7.31 -13.15 -17.90
N ASP A 85 8.05 -12.82 -18.94
CA ASP A 85 9.32 -13.47 -19.23
C ASP A 85 10.38 -13.07 -18.19
N GLU A 86 11.56 -13.66 -18.31
CA GLU A 86 12.65 -13.36 -17.39
C GLU A 86 12.25 -13.68 -15.95
N VAL A 87 11.64 -14.83 -15.75
CA VAL A 87 11.20 -15.25 -14.42
C VAL A 87 12.39 -15.53 -13.51
N VAL A 88 12.54 -14.72 -12.47
CA VAL A 88 13.64 -14.87 -11.52
C VAL A 88 13.69 -16.30 -10.99
N VAL A 89 12.64 -16.71 -10.29
CA VAL A 89 12.57 -18.05 -9.72
C VAL A 89 11.73 -18.98 -10.59
N THR A 90 12.39 -19.95 -11.21
CA THR A 90 11.71 -20.91 -12.08
C THR A 90 11.65 -22.29 -11.43
N GLY A 91 10.61 -23.06 -11.79
CA GLY A 91 10.46 -24.39 -11.23
C GLY A 91 9.65 -25.29 -12.13
N TYR A 92 8.35 -25.42 -11.85
CA TYR A 92 7.47 -26.27 -12.64
C TYR A 92 6.31 -25.45 -13.21
N THR A 93 5.72 -25.97 -14.29
CA THR A 93 4.60 -25.30 -14.93
C THR A 93 3.28 -25.61 -14.23
N MET A 1 -28.77 2.93 18.56
CA MET A 1 -28.72 4.33 18.99
C MET A 1 -27.73 5.12 18.13
N GLY A 2 -26.50 4.64 18.06
CA GLY A 2 -25.48 5.32 17.28
C GLY A 2 -24.20 5.53 18.05
N HIS A 3 -23.11 5.74 17.33
CA HIS A 3 -21.80 5.95 17.94
C HIS A 3 -20.79 6.46 16.93
N HIS A 4 -19.74 7.11 17.42
CA HIS A 4 -18.70 7.65 16.55
C HIS A 4 -17.36 7.73 17.29
N HIS A 5 -16.32 8.14 16.56
CA HIS A 5 -14.99 8.26 17.16
C HIS A 5 -14.30 9.54 16.68
N HIS A 6 -13.31 9.98 17.45
CA HIS A 6 -12.57 11.19 17.10
C HIS A 6 -11.06 10.94 17.13
N HIS A 7 -10.63 9.90 16.42
CA HIS A 7 -9.22 9.55 16.37
C HIS A 7 -8.60 9.96 15.03
N HIS A 8 -7.30 10.15 15.03
CA HIS A 8 -6.59 10.55 13.81
C HIS A 8 -5.49 9.54 13.47
N THR A 9 -5.65 8.85 12.35
CA THR A 9 -4.67 7.86 11.93
C THR A 9 -4.01 8.28 10.61
N LYS A 10 -2.97 7.54 10.22
CA LYS A 10 -2.25 7.83 8.98
C LYS A 10 -2.41 6.69 7.98
N GLY A 11 -1.66 6.76 6.89
CA GLY A 11 -1.72 5.72 5.88
C GLY A 11 -1.51 4.34 6.45
N ASN A 12 -2.45 3.44 6.17
CA ASN A 12 -2.38 2.07 6.67
C ASN A 12 -2.61 1.07 5.54
N VAL A 13 -1.72 0.09 5.44
CA VAL A 13 -1.82 -0.94 4.41
C VAL A 13 -1.87 -2.33 5.02
N THR A 14 -2.84 -3.13 4.57
CA THR A 14 -2.99 -4.49 5.07
C THR A 14 -3.04 -5.50 3.93
N SER A 15 -3.15 -6.78 4.28
CA SER A 15 -3.20 -7.84 3.29
C SER A 15 -4.65 -8.22 2.97
N LYS A 16 -4.89 -8.65 1.75
CA LYS A 16 -6.23 -9.05 1.32
C LYS A 16 -6.46 -10.54 1.58
N THR A 17 -5.56 -11.15 2.34
CA THR A 17 -5.67 -12.57 2.66
C THR A 17 -6.40 -12.77 3.98
N ASP A 18 -5.84 -12.21 5.06
CA ASP A 18 -6.44 -12.34 6.38
C ASP A 18 -6.83 -10.97 6.93
N GLY A 19 -6.12 -9.94 6.49
CA GLY A 19 -6.40 -8.59 6.96
C GLY A 19 -5.37 -8.10 7.96
N GLN A 20 -4.14 -8.60 7.84
CA GLN A 20 -3.07 -8.20 8.74
C GLN A 20 -2.27 -7.04 8.16
N PRO A 21 -1.53 -6.33 9.03
CA PRO A 21 -0.72 -5.19 8.64
C PRO A 21 0.50 -5.61 7.81
N ILE A 22 0.78 -4.85 6.76
CA ILE A 22 1.92 -5.14 5.89
C ILE A 22 3.21 -4.53 6.45
N ILE A 23 4.19 -5.38 6.72
CA ILE A 23 5.47 -4.93 7.25
C ILE A 23 6.55 -4.99 6.19
N GLY A 24 7.42 -3.98 6.18
CA GLY A 24 8.51 -3.95 5.21
C GLY A 24 8.01 -3.64 3.80
N ALA A 25 7.22 -2.58 3.67
CA ALA A 25 6.68 -2.20 2.38
C ALA A 25 7.54 -1.13 1.72
N SER A 26 7.42 -1.00 0.41
CA SER A 26 8.20 -0.01 -0.34
C SER A 26 7.32 1.16 -0.77
N VAL A 27 7.51 2.30 -0.12
CA VAL A 27 6.75 3.49 -0.43
C VAL A 27 7.62 4.57 -1.08
N VAL A 28 7.18 5.08 -2.22
CA VAL A 28 7.92 6.11 -2.93
C VAL A 28 6.98 7.06 -3.67
N GLU A 29 7.30 8.35 -3.64
CA GLU A 29 6.49 9.35 -4.30
C GLU A 29 6.64 9.27 -5.82
N THR A 30 5.85 10.06 -6.54
CA THR A 30 5.90 10.07 -7.99
C THR A 30 7.10 10.87 -8.49
N THR A 31 7.43 11.94 -7.78
CA THR A 31 8.56 12.79 -8.16
C THR A 31 9.69 12.68 -7.14
N ALA A 32 9.35 12.26 -5.92
CA ALA A 32 10.33 12.12 -4.87
C ALA A 32 10.42 10.67 -4.39
N THR A 33 11.12 9.84 -5.16
CA THR A 33 11.27 8.43 -4.82
C THR A 33 12.41 8.23 -3.84
N THR A 34 13.51 8.96 -4.04
CA THR A 34 14.67 8.86 -3.17
C THR A 34 14.28 9.05 -1.71
N ASN A 35 13.23 9.83 -1.47
CA ASN A 35 12.76 10.08 -0.11
C ASN A 35 11.64 9.12 0.27
N GLY A 36 11.71 7.91 -0.29
CA GLY A 36 10.69 6.90 0.02
C GLY A 36 10.76 6.42 1.45
N THR A 37 9.71 5.75 1.90
CA THR A 37 9.65 5.24 3.26
C THR A 37 9.12 3.81 3.28
N ILE A 38 9.23 3.16 4.44
CA ILE A 38 8.77 1.79 4.60
C ILE A 38 7.72 1.69 5.71
N THR A 39 6.83 0.71 5.58
CA THR A 39 5.77 0.51 6.57
C THR A 39 6.35 -0.12 7.84
N ASP A 40 5.71 0.17 8.97
CA ASP A 40 6.14 -0.37 10.25
C ASP A 40 5.36 -1.64 10.60
N PHE A 41 5.66 -2.20 11.77
CA PHE A 41 4.99 -3.42 12.21
C PHE A 41 3.48 -3.23 12.24
N ASP A 42 3.05 -2.00 12.50
CA ASP A 42 1.63 -1.69 12.56
C ASP A 42 1.01 -1.68 11.17
N GLY A 43 1.86 -1.56 10.15
CA GLY A 43 1.38 -1.54 8.78
C GLY A 43 1.06 -0.14 8.30
N ASN A 44 1.75 0.84 8.85
CA ASN A 44 1.53 2.23 8.47
C ASN A 44 2.85 2.95 8.25
N PHE A 45 2.80 4.10 7.58
CA PHE A 45 3.99 4.88 7.30
C PHE A 45 3.69 6.38 7.35
N THR A 46 4.75 7.19 7.36
CA THR A 46 4.59 8.63 7.42
C THR A 46 5.53 9.32 6.43
N LEU A 47 4.96 10.12 5.53
CA LEU A 47 5.74 10.82 4.53
C LEU A 47 5.23 12.26 4.35
N SER A 48 6.09 13.23 4.64
CA SER A 48 5.73 14.63 4.52
C SER A 48 6.12 15.18 3.14
N VAL A 49 5.12 15.56 2.36
CA VAL A 49 5.34 16.09 1.02
C VAL A 49 4.94 17.56 0.94
N PRO A 50 5.54 18.29 -0.01
CA PRO A 50 5.25 19.71 -0.22
C PRO A 50 3.85 19.95 -0.78
N VAL A 51 3.50 19.20 -1.82
CA VAL A 51 2.19 19.33 -2.44
C VAL A 51 1.34 18.08 -2.21
N ASN A 52 0.15 18.06 -2.80
CA ASN A 52 -0.75 16.93 -2.65
C ASN A 52 -0.80 16.09 -3.93
N SER A 53 0.33 15.49 -4.29
CA SER A 53 0.42 14.67 -5.49
C SER A 53 0.13 13.21 -5.18
N THR A 54 0.38 12.34 -6.15
CA THR A 54 0.15 10.91 -5.99
C THR A 54 1.37 10.22 -5.38
N LEU A 55 1.15 9.02 -4.86
CA LEU A 55 2.24 8.25 -4.25
C LEU A 55 2.21 6.80 -4.71
N LYS A 56 3.36 6.28 -5.09
CA LYS A 56 3.47 4.91 -5.57
C LYS A 56 3.98 4.00 -4.45
N ILE A 57 3.22 2.94 -4.16
CA ILE A 57 3.60 1.99 -3.12
C ILE A 57 3.68 0.57 -3.68
N THR A 58 4.87 -0.02 -3.58
CA THR A 58 5.08 -1.38 -4.07
C THR A 58 5.37 -2.34 -2.92
N TYR A 59 5.00 -3.60 -3.11
CA TYR A 59 5.21 -4.62 -2.09
C TYR A 59 5.83 -5.87 -2.69
N ILE A 60 6.59 -6.60 -1.88
CA ILE A 60 7.24 -7.83 -2.34
C ILE A 60 6.34 -9.05 -2.10
N GLY A 61 5.79 -9.59 -3.18
CA GLY A 61 4.93 -10.75 -3.07
C GLY A 61 3.55 -10.51 -3.65
N TYR A 62 2.92 -9.40 -3.23
CA TYR A 62 1.59 -9.06 -3.71
C TYR A 62 1.65 -7.92 -4.71
N LYS A 63 0.52 -7.65 -5.36
CA LYS A 63 0.45 -6.58 -6.35
C LYS A 63 0.62 -5.21 -5.69
N PRO A 64 1.26 -4.28 -6.41
CA PRO A 64 1.50 -2.92 -5.91
C PRO A 64 0.21 -2.11 -5.82
N VAL A 65 0.32 -0.90 -5.29
CA VAL A 65 -0.83 -0.01 -5.15
C VAL A 65 -0.41 1.45 -5.23
N THR A 66 -1.25 2.26 -5.87
CA THR A 66 -0.97 3.69 -6.02
C THR A 66 -2.09 4.53 -5.41
N VAL A 67 -1.71 5.49 -4.57
CA VAL A 67 -2.68 6.36 -3.93
C VAL A 67 -2.05 7.72 -3.59
N LYS A 68 -2.89 8.74 -3.50
CA LYS A 68 -2.42 10.09 -3.17
C LYS A 68 -2.39 10.31 -1.66
N ALA A 69 -1.52 11.20 -1.22
CA ALA A 69 -1.40 11.50 0.20
C ALA A 69 -2.73 11.93 0.79
N ALA A 70 -3.03 11.46 1.98
CA ALA A 70 -4.28 11.79 2.65
C ALA A 70 -4.20 11.50 4.16
N ALA A 71 -5.15 12.03 4.91
CA ALA A 71 -5.19 11.82 6.35
C ALA A 71 -5.20 10.33 6.69
N ILE A 72 -6.18 9.61 6.16
CA ILE A 72 -6.30 8.18 6.40
C ILE A 72 -6.52 7.42 5.10
N VAL A 73 -5.57 6.56 4.75
CA VAL A 73 -5.66 5.76 3.52
C VAL A 73 -5.52 4.27 3.82
N ASN A 74 -6.61 3.53 3.64
CA ASN A 74 -6.60 2.10 3.89
C ASN A 74 -6.50 1.32 2.58
N VAL A 75 -5.35 0.70 2.35
CA VAL A 75 -5.12 -0.08 1.14
C VAL A 75 -4.90 -1.55 1.47
N LEU A 76 -5.34 -2.43 0.57
CA LEU A 76 -5.18 -3.87 0.77
C LEU A 76 -4.27 -4.46 -0.31
N LEU A 77 -3.49 -5.47 0.08
CA LEU A 77 -2.58 -6.13 -0.84
C LEU A 77 -3.24 -7.36 -1.48
N GLU A 78 -3.33 -7.36 -2.81
CA GLU A 78 -3.93 -8.47 -3.53
C GLU A 78 -2.87 -9.29 -4.25
N GLU A 79 -3.01 -10.61 -4.17
CA GLU A 79 -2.05 -11.52 -4.81
C GLU A 79 -1.84 -11.15 -6.27
N ASP A 80 -0.59 -11.18 -6.71
CA ASP A 80 -0.25 -10.83 -8.08
C ASP A 80 0.09 -12.09 -8.88
N THR A 81 0.72 -13.05 -8.23
CA THR A 81 1.09 -14.30 -8.87
C THR A 81 -0.11 -14.99 -9.50
N GLN A 82 0.10 -15.61 -10.66
CA GLN A 82 -0.97 -16.31 -11.35
C GLN A 82 -0.59 -17.75 -11.65
N MET A 83 -0.32 -18.51 -10.59
CA MET A 83 0.06 -19.91 -10.74
C MET A 83 -0.21 -20.69 -9.45
N VAL A 84 -1.22 -21.56 -9.48
CA VAL A 84 -1.57 -22.36 -8.33
C VAL A 84 -2.02 -23.76 -8.74
N ASP A 85 -1.31 -24.77 -8.24
CA ASP A 85 -1.63 -26.16 -8.55
C ASP A 85 -2.95 -26.57 -7.89
N GLU A 86 -3.82 -27.19 -8.68
CA GLU A 86 -5.11 -27.64 -8.16
C GLU A 86 -5.31 -29.13 -8.42
N VAL A 87 -4.86 -29.95 -7.47
CA VAL A 87 -4.99 -31.39 -7.59
C VAL A 87 -6.25 -31.90 -6.90
N VAL A 88 -7.05 -32.68 -7.63
CA VAL A 88 -8.29 -33.22 -7.10
C VAL A 88 -8.03 -34.08 -5.86
N VAL A 89 -9.09 -34.44 -5.16
CA VAL A 89 -8.97 -35.27 -3.97
C VAL A 89 -10.34 -35.64 -3.42
N THR A 90 -10.46 -36.88 -2.93
CA THR A 90 -11.72 -37.35 -2.36
C THR A 90 -11.59 -37.67 -0.88
N GLY A 91 -10.53 -38.39 -0.52
CA GLY A 91 -10.31 -38.74 0.87
C GLY A 91 -9.00 -39.48 1.07
N TYR A 92 -8.76 -39.90 2.31
CA TYR A 92 -7.52 -40.62 2.64
C TYR A 92 -7.69 -41.43 3.93
N THR A 93 -7.03 -42.58 3.99
CA THR A 93 -7.12 -43.43 5.16
C THR A 93 -6.17 -42.96 6.26
N MET A 1 -24.33 3.49 16.42
CA MET A 1 -24.52 2.09 16.75
C MET A 1 -23.26 1.28 16.44
N GLY A 2 -22.37 1.19 17.43
CA GLY A 2 -21.13 0.45 17.25
C GLY A 2 -20.03 0.93 18.17
N HIS A 3 -19.74 2.22 18.13
CA HIS A 3 -18.70 2.80 18.96
C HIS A 3 -17.39 2.05 18.80
N HIS A 4 -17.02 1.79 17.55
CA HIS A 4 -15.78 1.07 17.25
C HIS A 4 -14.58 2.00 17.32
N HIS A 5 -13.40 1.43 17.56
CA HIS A 5 -12.18 2.22 17.65
C HIS A 5 -12.01 3.10 16.42
N HIS A 6 -11.25 4.18 16.56
CA HIS A 6 -11.01 5.10 15.45
C HIS A 6 -9.95 4.56 14.51
N HIS A 7 -8.75 4.32 15.05
CA HIS A 7 -7.64 3.80 14.25
C HIS A 7 -7.37 4.69 13.05
N HIS A 8 -7.22 5.98 13.31
CA HIS A 8 -6.95 6.95 12.24
C HIS A 8 -5.45 7.18 12.08
N THR A 9 -4.82 6.34 11.25
CA THR A 9 -3.38 6.44 11.01
C THR A 9 -3.10 7.01 9.63
N LYS A 10 -2.06 7.82 9.53
CA LYS A 10 -1.67 8.43 8.27
C LYS A 10 -1.06 7.39 7.33
N GLY A 11 -1.79 7.05 6.26
CA GLY A 11 -1.30 6.08 5.30
C GLY A 11 -1.10 4.71 5.93
N ASN A 12 -2.04 3.80 5.65
CA ASN A 12 -1.97 2.45 6.19
C ASN A 12 -2.11 1.42 5.06
N VAL A 13 -1.15 0.50 5.00
CA VAL A 13 -1.17 -0.54 3.98
C VAL A 13 -1.43 -1.91 4.60
N THR A 14 -2.47 -2.60 4.10
CA THR A 14 -2.82 -3.92 4.61
C THR A 14 -2.95 -4.92 3.48
N SER A 15 -3.22 -6.18 3.84
CA SER A 15 -3.36 -7.24 2.85
C SER A 15 -4.83 -7.43 2.47
N LYS A 16 -5.06 -8.08 1.34
CA LYS A 16 -6.41 -8.33 0.85
C LYS A 16 -6.83 -9.77 1.14
N THR A 17 -5.90 -10.56 1.65
CA THR A 17 -6.16 -11.96 1.97
C THR A 17 -6.92 -12.09 3.28
N ASP A 18 -6.33 -11.58 4.35
CA ASP A 18 -6.94 -11.64 5.67
C ASP A 18 -7.20 -10.24 6.21
N GLY A 19 -6.40 -9.28 5.76
CA GLY A 19 -6.56 -7.91 6.21
C GLY A 19 -5.53 -7.52 7.25
N GLN A 20 -4.36 -8.14 7.18
CA GLN A 20 -3.28 -7.85 8.13
C GLN A 20 -2.39 -6.73 7.62
N PRO A 21 -1.65 -6.10 8.54
CA PRO A 21 -0.74 -4.99 8.20
C PRO A 21 0.48 -5.46 7.41
N ILE A 22 0.86 -4.68 6.41
CA ILE A 22 2.01 -5.01 5.57
C ILE A 22 3.28 -4.41 6.13
N ILE A 23 4.09 -5.23 6.80
CA ILE A 23 5.35 -4.78 7.38
C ILE A 23 6.51 -5.01 6.43
N GLY A 24 7.42 -4.04 6.36
CA GLY A 24 8.56 -4.17 5.48
C GLY A 24 8.21 -3.92 4.03
N ALA A 25 7.24 -3.05 3.79
CA ALA A 25 6.80 -2.73 2.45
C ALA A 25 7.57 -1.52 1.89
N SER A 26 7.54 -1.35 0.58
CA SER A 26 8.24 -0.26 -0.07
C SER A 26 7.24 0.82 -0.53
N VAL A 27 7.23 1.94 0.17
CA VAL A 27 6.33 3.04 -0.16
C VAL A 27 7.12 4.31 -0.50
N VAL A 28 6.83 4.89 -1.66
CA VAL A 28 7.51 6.11 -2.09
C VAL A 28 6.53 7.07 -2.77
N GLU A 29 6.97 8.31 -2.96
CA GLU A 29 6.13 9.33 -3.59
C GLU A 29 6.38 9.36 -5.10
N THR A 30 5.29 9.38 -5.87
CA THR A 30 5.39 9.40 -7.32
C THR A 30 6.30 10.54 -7.79
N THR A 31 6.26 11.66 -7.05
CA THR A 31 7.08 12.81 -7.39
C THR A 31 8.37 12.82 -6.59
N ALA A 32 8.38 12.11 -5.48
CA ALA A 32 9.56 12.04 -4.62
C ALA A 32 9.87 10.60 -4.25
N THR A 33 10.64 9.91 -5.11
CA THR A 33 11.00 8.54 -4.86
C THR A 33 12.27 8.44 -4.01
N THR A 34 13.19 9.37 -4.22
CA THR A 34 14.44 9.39 -3.47
C THR A 34 14.17 9.37 -1.96
N ASN A 35 13.05 9.94 -1.55
CA ASN A 35 12.68 9.97 -0.15
C ASN A 35 11.78 8.79 0.21
N GLY A 36 11.98 7.67 -0.46
CA GLY A 36 11.18 6.49 -0.21
C GLY A 36 11.36 5.96 1.21
N THR A 37 10.29 5.42 1.77
CA THR A 37 10.34 4.88 3.13
C THR A 37 9.64 3.53 3.21
N ILE A 38 9.80 2.85 4.34
CA ILE A 38 9.19 1.54 4.54
C ILE A 38 8.03 1.63 5.53
N THR A 39 7.13 0.66 5.46
CA THR A 39 5.98 0.63 6.35
C THR A 39 6.37 0.14 7.74
N ASP A 40 5.65 0.61 8.75
CA ASP A 40 5.92 0.22 10.14
C ASP A 40 5.35 -1.16 10.44
N PHE A 41 5.47 -1.58 11.69
CA PHE A 41 4.98 -2.88 12.12
C PHE A 41 3.46 -2.99 11.89
N ASP A 42 2.78 -1.85 12.00
CA ASP A 42 1.34 -1.81 11.81
C ASP A 42 0.99 -1.32 10.41
N GLY A 43 1.94 -1.44 9.49
CA GLY A 43 1.71 -1.01 8.12
C GLY A 43 1.45 0.47 8.02
N ASN A 44 2.00 1.24 8.96
CA ASN A 44 1.83 2.69 8.97
C ASN A 44 3.11 3.39 8.55
N PHE A 45 2.95 4.49 7.81
CA PHE A 45 4.10 5.27 7.35
C PHE A 45 3.78 6.76 7.34
N THR A 46 4.83 7.58 7.31
CA THR A 46 4.67 9.03 7.30
C THR A 46 5.82 9.71 6.57
N LEU A 47 5.50 10.57 5.62
CA LEU A 47 6.51 11.29 4.86
C LEU A 47 6.21 12.78 4.82
N SER A 48 7.23 13.58 4.53
CA SER A 48 7.07 15.03 4.47
C SER A 48 6.83 15.49 3.03
N VAL A 49 5.61 15.90 2.74
CA VAL A 49 5.24 16.37 1.41
C VAL A 49 4.46 17.67 1.48
N PRO A 50 4.84 18.64 0.63
CA PRO A 50 4.19 19.95 0.57
C PRO A 50 2.79 19.87 -0.01
N VAL A 51 2.66 19.19 -1.15
CA VAL A 51 1.37 19.04 -1.80
C VAL A 51 0.75 17.68 -1.50
N ASN A 52 -0.37 17.38 -2.15
CA ASN A 52 -1.07 16.11 -1.94
C ASN A 52 -0.88 15.19 -3.15
N SER A 53 0.36 15.10 -3.63
CA SER A 53 0.67 14.25 -4.77
C SER A 53 0.26 12.80 -4.51
N THR A 54 0.51 11.93 -5.49
CA THR A 54 0.17 10.52 -5.36
C THR A 54 1.31 9.74 -4.71
N LEU A 55 0.97 8.57 -4.17
CA LEU A 55 1.96 7.73 -3.52
C LEU A 55 1.96 6.32 -4.12
N LYS A 56 3.15 5.79 -4.38
CA LYS A 56 3.29 4.46 -4.95
C LYS A 56 3.78 3.47 -3.89
N ILE A 57 2.99 2.43 -3.64
CA ILE A 57 3.36 1.41 -2.67
C ILE A 57 3.52 0.04 -3.32
N THR A 58 4.54 -0.69 -2.91
CA THR A 58 4.81 -2.02 -3.46
C THR A 58 5.50 -2.91 -2.44
N TYR A 59 5.07 -4.17 -2.38
CA TYR A 59 5.64 -5.12 -1.43
C TYR A 59 5.95 -6.45 -2.13
N ILE A 60 7.21 -6.87 -2.07
CA ILE A 60 7.63 -8.12 -2.69
C ILE A 60 6.74 -9.28 -2.25
N GLY A 61 6.01 -9.84 -3.20
CA GLY A 61 5.13 -10.96 -2.91
C GLY A 61 3.74 -10.77 -3.47
N TYR A 62 3.14 -9.62 -3.18
CA TYR A 62 1.80 -9.32 -3.67
C TYR A 62 1.84 -8.26 -4.77
N LYS A 63 0.71 -8.05 -5.42
CA LYS A 63 0.60 -7.07 -6.49
C LYS A 63 0.83 -5.65 -5.96
N PRO A 64 1.22 -4.73 -6.85
CA PRO A 64 1.49 -3.34 -6.48
C PRO A 64 0.21 -2.59 -6.12
N VAL A 65 0.38 -1.43 -5.47
CA VAL A 65 -0.77 -0.62 -5.07
C VAL A 65 -0.39 0.86 -5.02
N THR A 66 -1.33 1.71 -5.46
CA THR A 66 -1.10 3.15 -5.47
C THR A 66 -2.26 3.89 -4.83
N VAL A 67 -1.93 4.92 -4.05
CA VAL A 67 -2.94 5.72 -3.38
C VAL A 67 -2.51 7.18 -3.26
N LYS A 68 -3.48 8.09 -3.30
CA LYS A 68 -3.20 9.51 -3.19
C LYS A 68 -2.95 9.91 -1.73
N ALA A 69 -2.21 10.99 -1.55
CA ALA A 69 -1.91 11.49 -0.20
C ALA A 69 -3.13 12.14 0.44
N ALA A 70 -3.39 11.79 1.69
CA ALA A 70 -4.53 12.35 2.41
C ALA A 70 -4.39 12.12 3.91
N ALA A 71 -5.36 12.62 4.67
CA ALA A 71 -5.34 12.45 6.13
C ALA A 71 -5.15 10.99 6.52
N ILE A 72 -6.05 10.13 6.04
CA ILE A 72 -5.98 8.72 6.35
C ILE A 72 -6.42 7.87 5.14
N VAL A 73 -5.47 7.16 4.55
CA VAL A 73 -5.75 6.32 3.40
C VAL A 73 -5.45 4.86 3.70
N ASN A 74 -6.29 3.96 3.19
CA ASN A 74 -6.11 2.53 3.40
C ASN A 74 -5.83 1.82 2.09
N VAL A 75 -4.85 0.92 2.09
CA VAL A 75 -4.49 0.17 0.90
C VAL A 75 -4.58 -1.33 1.16
N LEU A 76 -4.90 -2.09 0.11
CA LEU A 76 -5.02 -3.54 0.21
C LEU A 76 -4.09 -4.23 -0.78
N LEU A 77 -3.37 -5.24 -0.30
CA LEU A 77 -2.44 -5.98 -1.15
C LEU A 77 -3.13 -7.18 -1.78
N GLU A 78 -3.14 -7.23 -3.11
CA GLU A 78 -3.77 -8.32 -3.84
C GLU A 78 -2.76 -9.42 -4.14
N GLU A 79 -3.23 -10.67 -4.12
CA GLU A 79 -2.37 -11.82 -4.38
C GLU A 79 -1.75 -11.71 -5.77
N ASP A 80 -0.47 -12.09 -5.87
CA ASP A 80 0.24 -12.03 -7.14
C ASP A 80 0.11 -13.35 -7.89
N THR A 81 -0.13 -13.25 -9.19
CA THR A 81 -0.28 -14.44 -10.04
C THR A 81 -0.06 -14.10 -11.51
N GLN A 82 0.36 -15.10 -12.27
CA GLN A 82 0.62 -14.90 -13.70
C GLN A 82 -0.69 -14.79 -14.47
N MET A 83 -0.59 -14.39 -15.74
CA MET A 83 -1.77 -14.23 -16.58
C MET A 83 -2.28 -15.59 -17.06
N VAL A 84 -3.50 -15.61 -17.58
CA VAL A 84 -4.10 -16.84 -18.07
C VAL A 84 -3.26 -17.47 -19.18
N ASP A 85 -3.17 -16.76 -20.30
CA ASP A 85 -2.39 -17.24 -21.44
C ASP A 85 -0.90 -17.31 -21.10
N GLU A 86 -0.10 -17.73 -22.06
CA GLU A 86 1.35 -17.84 -21.86
C GLU A 86 2.10 -17.02 -22.89
N VAL A 87 1.63 -15.80 -23.15
CA VAL A 87 2.27 -14.92 -24.12
C VAL A 87 3.07 -13.83 -23.43
N VAL A 88 4.17 -14.21 -22.80
CA VAL A 88 5.03 -13.26 -22.10
C VAL A 88 6.50 -13.46 -22.47
N VAL A 89 7.10 -12.42 -23.02
CA VAL A 89 8.50 -12.46 -23.42
C VAL A 89 8.75 -13.64 -24.36
N THR A 90 8.43 -13.45 -25.64
CA THR A 90 8.62 -14.49 -26.64
C THR A 90 9.90 -14.26 -27.44
N GLY A 91 10.37 -15.30 -28.11
CA GLY A 91 11.57 -15.19 -28.90
C GLY A 91 12.80 -15.69 -28.16
N TYR A 92 13.90 -14.94 -28.25
CA TYR A 92 15.13 -15.31 -27.60
C TYR A 92 15.86 -14.08 -27.04
N THR A 93 16.22 -14.14 -25.77
CA THR A 93 16.90 -13.03 -25.12
C THR A 93 18.18 -12.66 -25.86
N MET A 1 -25.94 6.85 24.47
CA MET A 1 -25.38 5.71 23.75
C MET A 1 -24.10 6.11 23.01
N GLY A 2 -22.96 5.74 23.58
CA GLY A 2 -21.69 6.07 22.96
C GLY A 2 -20.51 5.47 23.70
N HIS A 3 -19.65 6.34 24.22
CA HIS A 3 -18.47 5.90 24.97
C HIS A 3 -17.60 4.97 24.11
N HIS A 4 -17.08 5.51 23.02
CA HIS A 4 -16.23 4.73 22.11
C HIS A 4 -14.91 5.44 21.87
N HIS A 5 -13.83 4.66 21.82
CA HIS A 5 -12.50 5.22 21.59
C HIS A 5 -12.40 5.85 20.20
N HIS A 6 -11.32 6.56 19.96
CA HIS A 6 -11.12 7.22 18.67
C HIS A 6 -9.64 7.15 18.26
N HIS A 7 -9.35 6.35 17.24
CA HIS A 7 -7.98 6.20 16.75
C HIS A 7 -7.82 6.86 15.38
N HIS A 8 -7.10 7.97 15.35
CA HIS A 8 -6.87 8.69 14.10
C HIS A 8 -5.57 8.22 13.43
N THR A 9 -5.59 7.01 12.90
CA THR A 9 -4.42 6.45 12.24
C THR A 9 -4.10 7.21 10.96
N LYS A 10 -2.81 7.39 10.69
CA LYS A 10 -2.36 8.09 9.49
C LYS A 10 -1.76 7.11 8.48
N GLY A 11 -2.59 6.64 7.55
CA GLY A 11 -2.10 5.71 6.55
C GLY A 11 -1.87 4.33 7.11
N ASN A 12 -2.46 3.32 6.47
CA ASN A 12 -2.30 1.93 6.90
C ASN A 12 -2.60 0.98 5.76
N VAL A 13 -1.67 0.06 5.51
CA VAL A 13 -1.83 -0.93 4.45
C VAL A 13 -1.84 -2.35 5.01
N THR A 14 -2.84 -3.13 4.60
CA THR A 14 -2.97 -4.50 5.06
C THR A 14 -3.12 -5.46 3.89
N SER A 15 -2.91 -6.75 4.15
CA SER A 15 -3.02 -7.77 3.13
C SER A 15 -4.48 -8.22 2.96
N LYS A 16 -4.83 -8.61 1.74
CA LYS A 16 -6.19 -9.06 1.45
C LYS A 16 -6.29 -10.58 1.59
N THR A 17 -5.32 -11.17 2.28
CA THR A 17 -5.32 -12.61 2.49
C THR A 17 -5.97 -12.98 3.82
N ASP A 18 -5.42 -12.45 4.91
CA ASP A 18 -5.96 -12.72 6.24
C ASP A 18 -6.42 -11.43 6.91
N GLY A 19 -5.81 -10.32 6.52
CA GLY A 19 -6.16 -9.03 7.10
C GLY A 19 -5.12 -8.53 8.07
N GLN A 20 -3.87 -8.91 7.85
CA GLN A 20 -2.78 -8.48 8.71
C GLN A 20 -2.05 -7.28 8.12
N PRO A 21 -1.32 -6.55 8.98
CA PRO A 21 -0.56 -5.36 8.58
C PRO A 21 0.64 -5.70 7.70
N ILE A 22 0.90 -4.88 6.69
CA ILE A 22 2.01 -5.10 5.79
C ILE A 22 3.30 -4.50 6.35
N ILE A 23 4.26 -5.36 6.65
CA ILE A 23 5.54 -4.91 7.19
C ILE A 23 6.64 -4.96 6.13
N GLY A 24 7.47 -3.92 6.08
CA GLY A 24 8.53 -3.86 5.11
C GLY A 24 8.04 -3.53 3.72
N ALA A 25 7.20 -2.51 3.62
CA ALA A 25 6.65 -2.09 2.34
C ALA A 25 7.47 -0.96 1.72
N SER A 26 7.37 -0.80 0.41
CA SER A 26 8.11 0.24 -0.29
C SER A 26 7.18 1.38 -0.70
N VAL A 27 7.30 2.51 -0.02
CA VAL A 27 6.48 3.68 -0.32
C VAL A 27 7.32 4.81 -0.92
N VAL A 28 7.08 5.07 -2.20
CA VAL A 28 7.82 6.13 -2.90
C VAL A 28 6.86 7.14 -3.52
N GLU A 29 7.29 8.40 -3.54
CA GLU A 29 6.46 9.47 -4.10
C GLU A 29 6.75 9.65 -5.59
N THR A 30 5.78 10.21 -6.30
CA THR A 30 5.92 10.44 -7.74
C THR A 30 6.88 11.59 -8.02
N THR A 31 6.91 12.57 -7.12
CA THR A 31 7.78 13.72 -7.28
C THR A 31 9.17 13.44 -6.72
N ALA A 32 9.25 12.46 -5.83
CA ALA A 32 10.52 12.08 -5.21
C ALA A 32 10.44 10.69 -4.60
N THR A 33 11.05 9.72 -5.27
CA THR A 33 11.05 8.34 -4.80
C THR A 33 12.21 8.09 -3.83
N THR A 34 13.33 8.75 -4.10
CA THR A 34 14.51 8.59 -3.25
C THR A 34 14.18 8.86 -1.78
N ASN A 35 13.18 9.72 -1.55
CA ASN A 35 12.77 10.05 -0.19
C ASN A 35 11.61 9.17 0.25
N GLY A 36 11.58 7.94 -0.25
CA GLY A 36 10.51 7.01 0.11
C GLY A 36 10.65 6.50 1.52
N THR A 37 9.57 5.91 2.04
CA THR A 37 9.57 5.37 3.40
C THR A 37 9.01 3.96 3.42
N ILE A 38 9.17 3.28 4.56
CA ILE A 38 8.69 1.93 4.71
C ILE A 38 7.60 1.85 5.78
N THR A 39 6.86 0.74 5.79
CA THR A 39 5.80 0.54 6.76
C THR A 39 6.32 -0.12 8.03
N ASP A 40 5.68 0.16 9.15
CA ASP A 40 6.08 -0.40 10.44
C ASP A 40 5.32 -1.70 10.72
N PHE A 41 5.59 -2.30 11.87
CA PHE A 41 4.94 -3.55 12.25
C PHE A 41 3.42 -3.39 12.26
N ASP A 42 2.96 -2.18 12.55
CA ASP A 42 1.54 -1.88 12.60
C ASP A 42 0.95 -1.82 11.19
N GLY A 43 1.83 -1.64 10.20
CA GLY A 43 1.38 -1.57 8.82
C GLY A 43 1.03 -0.16 8.40
N ASN A 44 1.69 0.82 9.03
CA ASN A 44 1.45 2.22 8.71
C ASN A 44 2.76 2.94 8.41
N PHE A 45 2.65 4.13 7.82
CA PHE A 45 3.82 4.92 7.47
C PHE A 45 3.49 6.41 7.44
N THR A 46 4.52 7.24 7.40
CA THR A 46 4.33 8.69 7.38
C THR A 46 5.40 9.36 6.50
N LEU A 47 4.94 10.15 5.54
CA LEU A 47 5.84 10.86 4.63
C LEU A 47 5.37 12.28 4.39
N SER A 48 6.29 13.24 4.52
CA SER A 48 5.96 14.64 4.31
C SER A 48 6.35 15.09 2.90
N VAL A 49 5.36 15.50 2.12
CA VAL A 49 5.60 15.96 0.76
C VAL A 49 5.24 17.43 0.60
N PRO A 50 5.85 18.08 -0.39
CA PRO A 50 5.62 19.50 -0.68
C PRO A 50 4.22 19.76 -1.23
N VAL A 51 3.83 18.96 -2.23
CA VAL A 51 2.52 19.10 -2.85
C VAL A 51 1.64 17.89 -2.56
N ASN A 52 0.43 17.89 -3.13
CA ASN A 52 -0.50 16.79 -2.93
C ASN A 52 -0.50 15.85 -4.14
N SER A 53 0.69 15.62 -4.70
CA SER A 53 0.83 14.75 -5.86
C SER A 53 0.43 13.32 -5.53
N THR A 54 0.70 12.39 -6.44
CA THR A 54 0.37 10.99 -6.24
C THR A 54 1.49 10.26 -5.51
N LEU A 55 1.16 9.11 -4.94
CA LEU A 55 2.14 8.31 -4.21
C LEU A 55 2.12 6.86 -4.68
N LYS A 56 3.29 6.34 -5.03
CA LYS A 56 3.40 4.97 -5.50
C LYS A 56 3.96 4.06 -4.40
N ILE A 57 3.20 3.03 -4.06
CA ILE A 57 3.62 2.09 -3.02
C ILE A 57 3.64 0.66 -3.55
N THR A 58 4.82 0.05 -3.53
CA THR A 58 4.99 -1.32 -4.00
C THR A 58 5.33 -2.27 -2.86
N TYR A 59 4.86 -3.51 -2.95
CA TYR A 59 5.13 -4.50 -1.92
C TYR A 59 5.73 -5.76 -2.54
N ILE A 60 6.47 -6.51 -1.72
CA ILE A 60 7.12 -7.74 -2.17
C ILE A 60 6.21 -8.94 -1.94
N GLY A 61 5.66 -9.48 -3.02
CA GLY A 61 4.78 -10.64 -2.90
C GLY A 61 3.41 -10.39 -3.52
N TYR A 62 2.78 -9.28 -3.13
CA TYR A 62 1.47 -8.94 -3.64
C TYR A 62 1.55 -7.79 -4.65
N LYS A 63 0.44 -7.52 -5.33
CA LYS A 63 0.39 -6.46 -6.32
C LYS A 63 0.60 -5.10 -5.66
N PRO A 64 1.20 -4.16 -6.41
CA PRO A 64 1.47 -2.81 -5.92
C PRO A 64 0.19 -1.99 -5.75
N VAL A 65 0.35 -0.73 -5.33
CA VAL A 65 -0.79 0.15 -5.12
C VAL A 65 -0.40 1.61 -5.32
N THR A 66 -1.35 2.41 -5.78
CA THR A 66 -1.10 3.83 -6.02
C THR A 66 -2.21 4.69 -5.41
N VAL A 67 -1.82 5.65 -4.57
CA VAL A 67 -2.77 6.53 -3.93
C VAL A 67 -2.18 7.91 -3.70
N LYS A 68 -3.04 8.93 -3.66
CA LYS A 68 -2.59 10.30 -3.45
C LYS A 68 -2.38 10.57 -1.96
N ALA A 69 -1.50 11.53 -1.66
CA ALA A 69 -1.21 11.89 -0.29
C ALA A 69 -2.47 12.27 0.46
N ALA A 70 -2.93 11.37 1.33
CA ALA A 70 -4.14 11.62 2.11
C ALA A 70 -3.92 11.29 3.58
N ALA A 71 -4.67 11.96 4.45
CA ALA A 71 -4.56 11.74 5.89
C ALA A 71 -4.75 10.27 6.24
N ILE A 72 -5.85 9.69 5.75
CA ILE A 72 -6.14 8.29 6.02
C ILE A 72 -6.24 7.50 4.72
N VAL A 73 -5.32 6.54 4.55
CA VAL A 73 -5.30 5.71 3.36
C VAL A 73 -5.29 4.22 3.72
N ASN A 74 -6.42 3.57 3.51
CA ASN A 74 -6.55 2.15 3.81
C ASN A 74 -6.77 1.34 2.54
N VAL A 75 -5.74 0.57 2.16
CA VAL A 75 -5.81 -0.26 0.97
C VAL A 75 -5.42 -1.70 1.27
N LEU A 76 -6.02 -2.64 0.55
CA LEU A 76 -5.73 -4.05 0.74
C LEU A 76 -4.77 -4.57 -0.34
N LEU A 77 -3.89 -5.49 0.05
CA LEU A 77 -2.93 -6.06 -0.89
C LEU A 77 -3.51 -7.26 -1.61
N GLU A 78 -3.56 -7.18 -2.94
CA GLU A 78 -4.10 -8.26 -3.76
C GLU A 78 -2.98 -9.16 -4.27
N GLU A 79 -3.12 -10.46 -4.03
CA GLU A 79 -2.13 -11.43 -4.47
C GLU A 79 -1.86 -11.31 -5.97
N ASP A 80 -0.60 -11.50 -6.36
CA ASP A 80 -0.22 -11.41 -7.76
C ASP A 80 0.02 -12.79 -8.35
N THR A 81 -0.09 -12.90 -9.66
CA THR A 81 0.12 -14.16 -10.35
C THR A 81 0.44 -13.94 -11.82
N GLN A 82 1.31 -14.80 -12.37
CA GLN A 82 1.70 -14.70 -13.77
C GLN A 82 0.59 -15.21 -14.68
N MET A 83 -0.23 -14.28 -15.18
CA MET A 83 -1.33 -14.63 -16.07
C MET A 83 -0.98 -14.28 -17.52
N VAL A 84 -1.01 -15.29 -18.39
CA VAL A 84 -0.70 -15.09 -19.80
C VAL A 84 -1.91 -15.41 -20.67
N ASP A 85 -2.44 -16.62 -20.51
CA ASP A 85 -3.59 -17.06 -21.29
C ASP A 85 -4.85 -17.01 -20.45
N GLU A 86 -4.95 -16.00 -19.59
CA GLU A 86 -6.12 -15.84 -18.72
C GLU A 86 -6.60 -17.19 -18.19
N VAL A 87 -5.64 -18.03 -17.81
CA VAL A 87 -5.96 -19.35 -17.28
C VAL A 87 -6.59 -19.25 -15.89
N VAL A 88 -7.90 -19.06 -15.86
CA VAL A 88 -8.63 -18.95 -14.61
C VAL A 88 -9.44 -20.22 -14.32
N VAL A 89 -9.38 -20.67 -13.08
CA VAL A 89 -10.11 -21.88 -12.68
C VAL A 89 -11.60 -21.73 -12.94
N THR A 90 -12.36 -22.77 -12.58
CA THR A 90 -13.80 -22.75 -12.79
C THR A 90 -14.53 -22.19 -11.57
N GLY A 91 -15.12 -21.01 -11.73
CA GLY A 91 -15.83 -20.37 -10.64
C GLY A 91 -16.56 -19.13 -11.07
N TYR A 92 -15.90 -18.30 -11.87
CA TYR A 92 -16.49 -17.06 -12.35
C TYR A 92 -15.69 -16.49 -13.52
N THR A 93 -16.39 -15.84 -14.45
CA THR A 93 -15.75 -15.26 -15.61
C THR A 93 -14.72 -14.21 -15.21
N MET A 1 -22.79 6.07 20.60
CA MET A 1 -21.66 6.97 20.49
C MET A 1 -20.36 6.28 20.91
N GLY A 2 -19.54 5.94 19.94
CA GLY A 2 -18.27 5.28 20.23
C GLY A 2 -17.34 5.27 19.04
N HIS A 3 -16.03 5.31 19.32
CA HIS A 3 -15.03 5.31 18.27
C HIS A 3 -13.77 4.57 18.71
N HIS A 4 -12.88 4.30 17.76
CA HIS A 4 -11.64 3.58 18.06
C HIS A 4 -10.43 4.39 17.61
N HIS A 5 -9.53 4.66 18.53
CA HIS A 5 -8.33 5.43 18.24
C HIS A 5 -7.07 4.62 18.54
N HIS A 6 -7.12 3.32 18.24
CA HIS A 6 -5.99 2.44 18.47
C HIS A 6 -4.95 2.58 17.37
N HIS A 7 -5.41 2.60 16.12
CA HIS A 7 -4.51 2.73 14.97
C HIS A 7 -4.95 3.87 14.07
N HIS A 8 -4.81 5.10 14.58
CA HIS A 8 -5.19 6.29 13.81
C HIS A 8 -3.96 7.00 13.26
N THR A 9 -3.17 6.27 12.47
CA THR A 9 -1.96 6.82 11.89
C THR A 9 -2.14 7.09 10.40
N LYS A 10 -1.45 8.10 9.89
CA LYS A 10 -1.53 8.45 8.47
C LYS A 10 -0.97 7.34 7.60
N GLY A 11 -1.70 6.99 6.54
CA GLY A 11 -1.26 5.95 5.64
C GLY A 11 -1.27 4.58 6.30
N ASN A 12 -2.13 3.69 5.81
CA ASN A 12 -2.24 2.35 6.35
C ASN A 12 -2.24 1.31 5.25
N VAL A 13 -1.35 0.32 5.36
CA VAL A 13 -1.25 -0.74 4.37
C VAL A 13 -1.62 -2.10 4.97
N THR A 14 -2.43 -2.85 4.25
CA THR A 14 -2.86 -4.17 4.71
C THR A 14 -3.05 -5.13 3.53
N SER A 15 -2.90 -6.42 3.81
CA SER A 15 -3.05 -7.44 2.78
C SER A 15 -4.52 -7.84 2.61
N LYS A 16 -4.88 -8.24 1.40
CA LYS A 16 -6.26 -8.66 1.12
C LYS A 16 -6.42 -10.16 1.26
N THR A 17 -5.50 -10.78 1.99
CA THR A 17 -5.53 -12.23 2.21
C THR A 17 -6.26 -12.56 3.50
N ASP A 18 -5.76 -12.05 4.62
CA ASP A 18 -6.37 -12.30 5.92
C ASP A 18 -6.80 -11.00 6.57
N GLY A 19 -6.15 -9.90 6.20
CA GLY A 19 -6.49 -8.60 6.76
C GLY A 19 -5.46 -8.12 7.76
N GLN A 20 -4.22 -8.54 7.57
CA GLN A 20 -3.14 -8.14 8.48
C GLN A 20 -2.35 -6.97 7.90
N PRO A 21 -1.69 -6.20 8.78
CA PRO A 21 -0.89 -5.04 8.38
C PRO A 21 0.38 -5.43 7.64
N ILE A 22 0.68 -4.71 6.57
CA ILE A 22 1.88 -5.00 5.77
C ILE A 22 3.12 -4.45 6.44
N ILE A 23 4.09 -5.32 6.68
CA ILE A 23 5.35 -4.92 7.31
C ILE A 23 6.50 -4.96 6.32
N GLY A 24 7.13 -3.81 6.11
CA GLY A 24 8.25 -3.74 5.18
C GLY A 24 7.81 -3.41 3.77
N ALA A 25 6.77 -2.61 3.64
CA ALA A 25 6.26 -2.22 2.34
C ALA A 25 6.92 -0.95 1.84
N SER A 26 7.37 -0.97 0.59
CA SER A 26 8.04 0.17 0.00
C SER A 26 7.02 1.22 -0.46
N VAL A 27 6.99 2.34 0.24
CA VAL A 27 6.07 3.42 -0.09
C VAL A 27 6.81 4.67 -0.57
N VAL A 28 6.76 4.92 -1.87
CA VAL A 28 7.43 6.07 -2.46
C VAL A 28 6.43 6.99 -3.16
N GLU A 29 6.63 8.29 -2.99
CA GLU A 29 5.74 9.28 -3.61
C GLU A 29 6.26 9.69 -4.98
N THR A 30 5.33 9.88 -5.91
CA THR A 30 5.70 10.27 -7.28
C THR A 30 6.39 11.63 -7.29
N THR A 31 6.02 12.49 -6.35
CA THR A 31 6.61 13.82 -6.26
C THR A 31 8.05 13.75 -5.75
N ALA A 32 8.37 12.65 -5.07
CA ALA A 32 9.72 12.46 -4.53
C ALA A 32 9.94 11.01 -4.13
N THR A 33 10.21 10.16 -5.12
CA THR A 33 10.45 8.74 -4.87
C THR A 33 11.72 8.54 -4.06
N THR A 34 12.72 9.38 -4.30
CA THR A 34 13.99 9.28 -3.60
C THR A 34 13.78 9.31 -2.08
N ASN A 35 12.75 10.04 -1.65
CA ASN A 35 12.44 10.16 -0.23
C ASN A 35 11.41 9.11 0.19
N GLY A 36 11.43 7.97 -0.48
CA GLY A 36 10.50 6.90 -0.17
C GLY A 36 10.68 6.37 1.24
N THR A 37 9.58 5.93 1.85
CA THR A 37 9.62 5.40 3.20
C THR A 37 9.01 4.00 3.26
N ILE A 38 9.20 3.33 4.40
CA ILE A 38 8.67 1.99 4.58
C ILE A 38 7.48 1.99 5.53
N THR A 39 6.82 0.84 5.67
CA THR A 39 5.67 0.71 6.55
C THR A 39 6.07 0.10 7.88
N ASP A 40 5.35 0.46 8.94
CA ASP A 40 5.63 -0.05 10.27
C ASP A 40 5.04 -1.45 10.45
N PHE A 41 5.17 -2.00 11.66
CA PHE A 41 4.65 -3.31 11.97
C PHE A 41 3.14 -3.37 11.73
N ASP A 42 2.47 -2.25 11.92
CA ASP A 42 1.03 -2.17 11.73
C ASP A 42 0.69 -1.55 10.38
N GLY A 43 1.64 -1.62 9.45
CA GLY A 43 1.42 -1.07 8.13
C GLY A 43 1.24 0.44 8.16
N ASN A 44 1.84 1.09 9.15
CA ASN A 44 1.74 2.54 9.30
C ASN A 44 3.05 3.21 8.93
N PHE A 45 2.98 4.19 8.03
CA PHE A 45 4.16 4.92 7.59
C PHE A 45 3.95 6.42 7.73
N THR A 46 5.06 7.16 7.82
CA THR A 46 5.00 8.61 7.96
C THR A 46 5.96 9.29 6.98
N LEU A 47 5.42 10.19 6.16
CA LEU A 47 6.23 10.91 5.19
C LEU A 47 5.67 12.30 4.95
N SER A 48 6.46 13.33 5.25
CA SER A 48 6.04 14.71 5.06
C SER A 48 6.53 15.24 3.72
N VAL A 49 5.58 15.59 2.86
CA VAL A 49 5.91 16.12 1.53
C VAL A 49 5.29 17.49 1.32
N PRO A 50 5.88 18.28 0.42
CA PRO A 50 5.39 19.62 0.10
C PRO A 50 4.06 19.61 -0.65
N VAL A 51 3.89 18.61 -1.51
CA VAL A 51 2.66 18.48 -2.28
C VAL A 51 2.12 17.05 -2.22
N ASN A 52 0.80 16.92 -2.11
CA ASN A 52 0.16 15.61 -2.04
C ASN A 52 -0.50 15.25 -3.37
N SER A 53 0.31 14.79 -4.32
CA SER A 53 -0.19 14.42 -5.63
C SER A 53 -0.61 12.95 -5.66
N THR A 54 0.38 12.06 -5.73
CA THR A 54 0.12 10.63 -5.76
C THR A 54 1.13 9.87 -4.91
N LEU A 55 0.77 8.64 -4.53
CA LEU A 55 1.65 7.82 -3.71
C LEU A 55 1.70 6.38 -4.25
N LYS A 56 2.90 5.93 -4.57
CA LYS A 56 3.09 4.57 -5.09
C LYS A 56 3.59 3.64 -4.00
N ILE A 57 2.85 2.56 -3.77
CA ILE A 57 3.22 1.58 -2.75
C ILE A 57 3.40 0.20 -3.38
N THR A 58 4.44 -0.51 -2.93
CA THR A 58 4.73 -1.84 -3.43
C THR A 58 5.38 -2.71 -2.36
N TYR A 59 4.96 -3.97 -2.28
CA TYR A 59 5.51 -4.90 -1.30
C TYR A 59 5.84 -6.23 -1.95
N ILE A 60 7.10 -6.65 -1.83
CA ILE A 60 7.55 -7.92 -2.39
C ILE A 60 6.65 -9.06 -1.95
N GLY A 61 6.04 -9.73 -2.93
CA GLY A 61 5.15 -10.84 -2.62
C GLY A 61 3.78 -10.69 -3.24
N TYR A 62 3.17 -9.53 -3.02
CA TYR A 62 1.84 -9.25 -3.56
C TYR A 62 1.90 -8.22 -4.67
N LYS A 63 0.80 -8.04 -5.37
CA LYS A 63 0.72 -7.08 -6.46
C LYS A 63 0.91 -5.65 -5.95
N PRO A 64 1.32 -4.75 -6.84
CA PRO A 64 1.55 -3.34 -6.50
C PRO A 64 0.24 -2.60 -6.22
N VAL A 65 0.36 -1.42 -5.61
CA VAL A 65 -0.81 -0.61 -5.29
C VAL A 65 -0.48 0.87 -5.29
N THR A 66 -1.37 1.68 -5.86
CA THR A 66 -1.17 3.11 -5.92
C THR A 66 -2.41 3.88 -5.45
N VAL A 67 -2.19 4.96 -4.72
CA VAL A 67 -3.29 5.77 -4.21
C VAL A 67 -2.91 7.25 -4.19
N LYS A 68 -3.88 8.09 -3.82
CA LYS A 68 -3.65 9.53 -3.74
C LYS A 68 -3.05 9.92 -2.39
N ALA A 69 -2.26 10.98 -2.39
CA ALA A 69 -1.63 11.46 -1.16
C ALA A 69 -2.64 12.19 -0.28
N ALA A 70 -2.86 11.66 0.92
CA ALA A 70 -3.80 12.26 1.86
C ALA A 70 -3.39 11.97 3.30
N ALA A 71 -4.22 12.41 4.24
CA ALA A 71 -3.95 12.19 5.66
C ALA A 71 -4.06 10.72 6.02
N ILE A 72 -5.22 10.13 5.76
CA ILE A 72 -5.44 8.72 6.06
C ILE A 72 -5.94 7.98 4.83
N VAL A 73 -5.14 7.05 4.34
CA VAL A 73 -5.50 6.25 3.17
C VAL A 73 -5.26 4.76 3.41
N ASN A 74 -6.29 3.96 3.17
CA ASN A 74 -6.18 2.52 3.36
C ASN A 74 -5.97 1.81 2.04
N VAL A 75 -4.93 0.97 1.97
CA VAL A 75 -4.61 0.23 0.76
C VAL A 75 -4.69 -1.28 1.01
N LEU A 76 -5.06 -2.02 -0.04
CA LEU A 76 -5.18 -3.46 0.06
C LEU A 76 -4.22 -4.16 -0.92
N LEU A 77 -3.48 -5.13 -0.41
CA LEU A 77 -2.52 -5.87 -1.23
C LEU A 77 -3.20 -7.06 -1.91
N GLU A 78 -3.15 -7.09 -3.24
CA GLU A 78 -3.76 -8.17 -4.00
C GLU A 78 -2.75 -9.30 -4.23
N GLU A 79 -3.25 -10.53 -4.20
CA GLU A 79 -2.40 -11.71 -4.41
C GLU A 79 -1.70 -11.64 -5.76
N ASP A 80 -0.44 -12.04 -5.79
CA ASP A 80 0.35 -12.03 -7.02
C ASP A 80 0.23 -13.36 -7.74
N THR A 81 0.14 -14.44 -6.98
CA THR A 81 0.03 -15.77 -7.54
C THR A 81 -1.40 -16.30 -7.46
N GLN A 82 -2.30 -15.66 -8.20
CA GLN A 82 -3.71 -16.06 -8.21
C GLN A 82 -4.15 -16.46 -9.61
N MET A 83 -3.83 -15.62 -10.60
CA MET A 83 -4.20 -15.89 -11.98
C MET A 83 -3.27 -16.92 -12.59
N VAL A 84 -3.84 -18.07 -12.98
CA VAL A 84 -3.07 -19.14 -13.58
C VAL A 84 -3.59 -19.48 -14.97
N ASP A 85 -2.82 -19.12 -15.99
CA ASP A 85 -3.20 -19.40 -17.37
C ASP A 85 -2.21 -20.36 -18.03
N GLU A 86 -2.53 -20.78 -19.25
CA GLU A 86 -1.68 -21.70 -19.99
C GLU A 86 -1.17 -21.06 -21.28
N VAL A 87 -0.34 -20.02 -21.13
CA VAL A 87 0.21 -19.32 -22.28
C VAL A 87 1.67 -19.70 -22.50
N VAL A 88 2.00 -20.05 -23.75
CA VAL A 88 3.36 -20.44 -24.09
C VAL A 88 4.24 -19.21 -24.33
N VAL A 89 5.00 -18.83 -23.32
CA VAL A 89 5.89 -17.67 -23.43
C VAL A 89 7.35 -18.09 -23.37
N THR A 90 8.24 -17.15 -23.67
CA THR A 90 9.67 -17.42 -23.66
C THR A 90 10.24 -17.32 -22.25
N GLY A 91 11.16 -18.22 -21.92
CA GLY A 91 11.76 -18.21 -20.60
C GLY A 91 12.53 -16.94 -20.31
N TYR A 92 12.55 -16.55 -19.05
CA TYR A 92 13.26 -15.34 -18.65
C TYR A 92 14.75 -15.60 -18.46
N THR A 93 15.58 -14.73 -19.03
CA THR A 93 17.02 -14.87 -18.93
C THR A 93 17.53 -14.36 -17.59
N MET A 1 -26.57 18.98 13.10
CA MET A 1 -25.37 18.47 12.45
C MET A 1 -24.12 18.91 13.22
N GLY A 2 -23.73 18.12 14.21
CA GLY A 2 -22.56 18.45 14.99
C GLY A 2 -21.65 17.25 15.22
N HIS A 3 -20.54 17.20 14.48
CA HIS A 3 -19.60 16.10 14.61
C HIS A 3 -18.16 16.62 14.62
N HIS A 4 -17.40 16.19 15.62
CA HIS A 4 -16.01 16.61 15.75
C HIS A 4 -15.14 15.96 14.68
N HIS A 5 -13.90 16.42 14.56
CA HIS A 5 -12.97 15.88 13.57
C HIS A 5 -11.72 15.34 14.25
N HIS A 6 -11.72 14.06 14.56
CA HIS A 6 -10.58 13.42 15.20
C HIS A 6 -10.16 12.16 14.46
N HIS A 7 -8.86 11.87 14.47
CA HIS A 7 -8.34 10.69 13.79
C HIS A 7 -7.51 9.83 14.73
N HIS A 8 -7.26 8.59 14.34
CA HIS A 8 -6.47 7.67 15.17
C HIS A 8 -5.26 7.16 14.40
N THR A 9 -5.51 6.41 13.33
CA THR A 9 -4.44 5.85 12.52
C THR A 9 -4.29 6.62 11.21
N LYS A 10 -3.10 7.17 10.98
CA LYS A 10 -2.82 7.93 9.77
C LYS A 10 -2.04 7.09 8.76
N GLY A 11 -2.76 6.42 7.88
CA GLY A 11 -2.12 5.58 6.87
C GLY A 11 -1.84 4.18 7.38
N ASN A 12 -2.46 3.19 6.75
CA ASN A 12 -2.27 1.80 7.15
C ASN A 12 -2.62 0.86 6.01
N VAL A 13 -1.64 0.06 5.58
CA VAL A 13 -1.85 -0.89 4.49
C VAL A 13 -1.93 -2.32 5.02
N THR A 14 -2.95 -3.04 4.57
CA THR A 14 -3.15 -4.42 5.00
C THR A 14 -3.34 -5.34 3.80
N SER A 15 -3.10 -6.63 4.01
CA SER A 15 -3.25 -7.62 2.94
C SER A 15 -4.70 -8.08 2.82
N LYS A 16 -5.06 -8.58 1.64
CA LYS A 16 -6.42 -9.05 1.39
C LYS A 16 -6.53 -10.55 1.65
N THR A 17 -5.58 -11.09 2.41
CA THR A 17 -5.57 -12.51 2.72
C THR A 17 -6.27 -12.77 4.06
N ASP A 18 -5.77 -12.16 5.12
CA ASP A 18 -6.34 -12.33 6.45
C ASP A 18 -6.76 -10.99 7.04
N GLY A 19 -6.10 -9.91 6.59
CA GLY A 19 -6.43 -8.59 7.08
C GLY A 19 -5.39 -8.06 8.04
N GLN A 20 -4.14 -8.49 7.85
CA GLN A 20 -3.05 -8.04 8.72
C GLN A 20 -2.25 -6.93 8.05
N PRO A 21 -1.52 -6.17 8.87
CA PRO A 21 -0.69 -5.05 8.38
C PRO A 21 0.51 -5.53 7.58
N ILE A 22 0.91 -4.73 6.59
CA ILE A 22 2.05 -5.07 5.75
C ILE A 22 3.34 -4.43 6.26
N ILE A 23 4.28 -5.26 6.70
CA ILE A 23 5.55 -4.78 7.23
C ILE A 23 6.65 -4.87 6.18
N GLY A 24 7.49 -3.85 6.09
CA GLY A 24 8.57 -3.85 5.13
C GLY A 24 8.10 -3.56 3.73
N ALA A 25 7.26 -2.53 3.59
CA ALA A 25 6.73 -2.14 2.28
C ALA A 25 7.57 -1.04 1.65
N SER A 26 7.49 -0.93 0.33
CA SER A 26 8.26 0.09 -0.40
C SER A 26 7.34 1.22 -0.87
N VAL A 27 7.45 2.37 -0.21
CA VAL A 27 6.64 3.53 -0.56
C VAL A 27 7.49 4.64 -1.16
N VAL A 28 7.15 5.06 -2.37
CA VAL A 28 7.88 6.12 -3.06
C VAL A 28 6.94 7.07 -3.79
N GLU A 29 7.36 8.31 -3.94
CA GLU A 29 6.55 9.31 -4.61
C GLU A 29 6.73 9.24 -6.12
N THR A 30 5.95 10.03 -6.85
CA THR A 30 6.02 10.06 -8.31
C THR A 30 7.31 10.72 -8.78
N THR A 31 7.68 11.82 -8.14
CA THR A 31 8.89 12.56 -8.49
C THR A 31 9.93 12.47 -7.38
N ALA A 32 9.47 12.20 -6.17
CA ALA A 32 10.36 12.09 -5.01
C ALA A 32 10.46 10.64 -4.53
N THR A 33 11.22 9.84 -5.25
CA THR A 33 11.39 8.43 -4.90
C THR A 33 12.54 8.25 -3.92
N THR A 34 13.56 9.08 -4.06
CA THR A 34 14.73 9.01 -3.17
C THR A 34 14.31 9.07 -1.71
N ASN A 35 13.21 9.78 -1.44
CA ASN A 35 12.70 9.91 -0.08
C ASN A 35 11.66 8.83 0.23
N GLY A 36 11.83 7.67 -0.40
CA GLY A 36 10.90 6.57 -0.18
C GLY A 36 10.89 6.11 1.27
N THR A 37 9.69 5.82 1.78
CA THR A 37 9.54 5.36 3.16
C THR A 37 8.97 3.95 3.21
N ILE A 38 9.17 3.29 4.35
CA ILE A 38 8.67 1.93 4.53
C ILE A 38 7.59 1.87 5.60
N THR A 39 6.81 0.79 5.61
CA THR A 39 5.75 0.62 6.58
C THR A 39 6.28 0.05 7.89
N ASP A 40 5.63 0.38 9.00
CA ASP A 40 6.03 -0.11 10.31
C ASP A 40 5.44 -1.48 10.59
N PHE A 41 5.68 -1.99 11.80
CA PHE A 41 5.15 -3.29 12.19
C PHE A 41 3.63 -3.33 12.10
N ASP A 42 3.01 -2.17 12.31
CA ASP A 42 1.56 -2.06 12.25
C ASP A 42 1.09 -1.74 10.84
N GLY A 43 2.00 -1.88 9.88
CA GLY A 43 1.66 -1.60 8.49
C GLY A 43 1.30 -0.15 8.27
N ASN A 44 1.86 0.73 9.09
CA ASN A 44 1.59 2.16 8.98
C ASN A 44 2.89 2.95 8.89
N PHE A 45 2.88 4.00 8.08
CA PHE A 45 4.07 4.84 7.90
C PHE A 45 3.70 6.32 8.02
N THR A 46 4.72 7.17 8.12
CA THR A 46 4.51 8.60 8.24
C THR A 46 5.43 9.38 7.28
N LEU A 47 4.83 10.08 6.33
CA LEU A 47 5.60 10.87 5.38
C LEU A 47 4.89 12.16 5.04
N SER A 48 5.64 13.27 5.07
CA SER A 48 5.08 14.58 4.77
C SER A 48 5.55 15.08 3.41
N VAL A 49 4.60 15.41 2.54
CA VAL A 49 4.92 15.90 1.21
C VAL A 49 4.50 17.36 1.04
N PRO A 50 5.16 18.07 0.11
CA PRO A 50 4.87 19.47 -0.17
C PRO A 50 3.51 19.67 -0.84
N VAL A 51 3.24 18.88 -1.88
CA VAL A 51 1.97 18.97 -2.59
C VAL A 51 1.13 17.71 -2.38
N ASN A 52 -0.05 17.69 -3.00
CA ASN A 52 -0.94 16.54 -2.87
C ASN A 52 -0.85 15.65 -4.11
N SER A 53 0.36 15.52 -4.65
CA SER A 53 0.58 14.70 -5.84
C SER A 53 0.24 13.23 -5.56
N THR A 54 0.54 12.37 -6.52
CA THR A 54 0.27 10.94 -6.37
C THR A 54 1.43 10.22 -5.72
N LEU A 55 1.14 9.09 -5.08
CA LEU A 55 2.16 8.31 -4.40
C LEU A 55 2.12 6.85 -4.86
N LYS A 56 3.27 6.32 -5.22
CA LYS A 56 3.37 4.93 -5.68
C LYS A 56 3.87 4.02 -4.57
N ILE A 57 3.07 3.02 -4.22
CA ILE A 57 3.42 2.08 -3.16
C ILE A 57 3.54 0.67 -3.71
N THR A 58 4.73 0.08 -3.58
CA THR A 58 4.97 -1.27 -4.07
C THR A 58 5.32 -2.21 -2.92
N TYR A 59 4.87 -3.45 -3.02
CA TYR A 59 5.13 -4.45 -1.99
C TYR A 59 5.76 -5.70 -2.58
N ILE A 60 6.54 -6.41 -1.77
CA ILE A 60 7.20 -7.63 -2.22
C ILE A 60 6.31 -8.85 -1.97
N GLY A 61 5.77 -9.40 -3.05
CA GLY A 61 4.93 -10.58 -2.93
C GLY A 61 3.54 -10.35 -3.52
N TYR A 62 2.90 -9.26 -3.13
CA TYR A 62 1.57 -8.93 -3.62
C TYR A 62 1.63 -7.82 -4.66
N LYS A 63 0.51 -7.57 -5.32
CA LYS A 63 0.43 -6.54 -6.34
C LYS A 63 0.57 -5.15 -5.73
N PRO A 64 1.22 -4.24 -6.47
CA PRO A 64 1.44 -2.86 -6.02
C PRO A 64 0.14 -2.05 -5.97
N VAL A 65 0.23 -0.85 -5.42
CA VAL A 65 -0.93 0.02 -5.32
C VAL A 65 -0.53 1.49 -5.38
N THR A 66 -1.36 2.31 -6.02
CA THR A 66 -1.08 3.74 -6.13
C THR A 66 -2.22 4.57 -5.55
N VAL A 67 -1.86 5.59 -4.77
CA VAL A 67 -2.85 6.46 -4.15
C VAL A 67 -2.27 7.84 -3.89
N LYS A 68 -3.16 8.82 -3.74
CA LYS A 68 -2.73 10.21 -3.50
C LYS A 68 -2.44 10.42 -2.02
N ALA A 69 -1.63 11.43 -1.72
CA ALA A 69 -1.28 11.75 -0.35
C ALA A 69 -2.46 12.34 0.41
N ALA A 70 -2.64 11.90 1.66
CA ALA A 70 -3.73 12.40 2.48
C ALA A 70 -3.52 12.05 3.95
N ALA A 71 -4.48 12.41 4.79
CA ALA A 71 -4.39 12.14 6.22
C ALA A 71 -4.38 10.64 6.50
N ILE A 72 -5.43 9.96 6.04
CA ILE A 72 -5.54 8.51 6.24
C ILE A 72 -5.73 7.79 4.91
N VAL A 73 -5.03 6.67 4.75
CA VAL A 73 -5.13 5.88 3.53
C VAL A 73 -5.05 4.39 3.83
N ASN A 74 -6.10 3.66 3.45
CA ASN A 74 -6.15 2.22 3.68
C ASN A 74 -6.27 1.46 2.36
N VAL A 75 -5.21 0.76 1.99
CA VAL A 75 -5.19 -0.01 0.74
C VAL A 75 -5.06 -1.51 1.03
N LEU A 76 -5.68 -2.32 0.19
CA LEU A 76 -5.63 -3.77 0.35
C LEU A 76 -4.65 -4.38 -0.64
N LEU A 77 -3.83 -5.31 -0.15
CA LEU A 77 -2.84 -5.99 -0.99
C LEU A 77 -3.45 -7.21 -1.67
N GLU A 78 -3.43 -7.22 -3.00
CA GLU A 78 -3.98 -8.34 -3.76
C GLU A 78 -2.88 -9.31 -4.15
N GLU A 79 -3.21 -10.61 -4.12
CA GLU A 79 -2.25 -11.64 -4.48
C GLU A 79 -1.65 -11.40 -5.86
N ASP A 80 -0.36 -11.67 -5.99
CA ASP A 80 0.33 -11.48 -7.26
C ASP A 80 1.01 -12.77 -7.71
N THR A 81 0.62 -13.26 -8.89
CA THR A 81 1.19 -14.49 -9.43
C THR A 81 1.54 -14.32 -10.91
N GLN A 82 2.66 -14.90 -11.32
CA GLN A 82 3.11 -14.82 -12.69
C GLN A 82 2.91 -16.15 -13.41
N MET A 83 2.73 -16.10 -14.72
CA MET A 83 2.54 -17.30 -15.52
C MET A 83 3.72 -17.53 -16.46
N VAL A 84 4.76 -18.17 -15.96
CA VAL A 84 5.95 -18.45 -16.75
C VAL A 84 6.95 -19.30 -15.97
N ASP A 85 7.48 -20.33 -16.62
CA ASP A 85 8.45 -21.21 -15.99
C ASP A 85 9.63 -20.42 -15.44
N GLU A 86 10.00 -20.70 -14.19
CA GLU A 86 11.10 -20.01 -13.55
C GLU A 86 12.32 -20.93 -13.43
N VAL A 87 13.13 -20.97 -14.48
CA VAL A 87 14.32 -21.80 -14.50
C VAL A 87 15.28 -21.42 -13.37
N VAL A 88 16.14 -22.37 -12.98
CA VAL A 88 17.10 -22.12 -11.92
C VAL A 88 17.92 -20.87 -12.19
N VAL A 89 18.10 -20.06 -11.15
CA VAL A 89 18.86 -18.82 -11.28
C VAL A 89 20.16 -18.89 -10.49
N THR A 90 20.98 -17.85 -10.60
CA THR A 90 22.25 -17.79 -9.90
C THR A 90 22.05 -17.78 -8.39
N GLY A 91 23.15 -17.73 -7.65
CA GLY A 91 23.08 -17.72 -6.20
C GLY A 91 22.75 -16.34 -5.65
N TYR A 92 22.09 -16.32 -4.50
CA TYR A 92 21.71 -15.05 -3.87
C TYR A 92 22.80 -14.58 -2.91
N THR A 93 22.82 -13.26 -2.66
CA THR A 93 23.81 -12.67 -1.78
C THR A 93 23.22 -12.41 -0.39
N MET A 1 5.62 25.27 7.76
CA MET A 1 5.35 24.94 9.15
C MET A 1 3.93 25.31 9.54
N GLY A 2 3.20 24.36 10.12
CA GLY A 2 1.83 24.61 10.53
C GLY A 2 1.74 25.16 11.93
N HIS A 3 0.53 25.17 12.49
CA HIS A 3 0.32 25.68 13.83
C HIS A 3 -0.23 24.58 14.75
N HIS A 4 -1.19 23.82 14.25
CA HIS A 4 -1.79 22.73 15.01
C HIS A 4 -0.80 21.58 15.20
N HIS A 5 -1.16 20.64 16.06
CA HIS A 5 -0.30 19.49 16.32
C HIS A 5 -0.91 18.21 15.76
N HIS A 6 -0.28 17.64 14.74
CA HIS A 6 -0.77 16.42 14.11
C HIS A 6 -0.53 15.21 15.03
N HIS A 7 -1.62 14.52 15.37
CA HIS A 7 -1.52 13.34 16.23
C HIS A 7 -1.93 12.09 15.47
N HIS A 8 -3.00 12.19 14.69
CA HIS A 8 -3.50 11.06 13.92
C HIS A 8 -2.46 10.60 12.91
N THR A 9 -2.56 9.34 12.49
CA THR A 9 -1.63 8.77 11.53
C THR A 9 -2.17 8.87 10.11
N LYS A 10 -1.26 8.91 9.13
CA LYS A 10 -1.65 9.01 7.73
C LYS A 10 -1.01 7.89 6.91
N GLY A 11 -1.83 7.25 6.07
CA GLY A 11 -1.33 6.16 5.24
C GLY A 11 -1.28 4.84 5.98
N ASN A 12 -1.93 3.83 5.42
CA ASN A 12 -1.96 2.51 6.04
C ASN A 12 -2.14 1.42 4.99
N VAL A 13 -1.18 0.51 4.90
CA VAL A 13 -1.22 -0.58 3.94
C VAL A 13 -1.52 -1.91 4.63
N THR A 14 -2.47 -2.66 4.07
CA THR A 14 -2.85 -3.95 4.64
C THR A 14 -3.02 -4.99 3.55
N SER A 15 -2.97 -6.26 3.94
CA SER A 15 -3.11 -7.36 2.98
C SER A 15 -4.57 -7.54 2.58
N LYS A 16 -4.79 -8.10 1.39
CA LYS A 16 -6.13 -8.33 0.89
C LYS A 16 -6.58 -9.77 1.16
N THR A 17 -5.82 -10.46 2.01
CA THR A 17 -6.14 -11.84 2.35
C THR A 17 -6.99 -11.90 3.62
N ASP A 18 -6.45 -11.36 4.72
CA ASP A 18 -7.16 -11.37 5.99
C ASP A 18 -7.41 -9.93 6.48
N GLY A 19 -6.55 -9.02 6.05
CA GLY A 19 -6.69 -7.63 6.45
C GLY A 19 -5.67 -7.22 7.48
N GLN A 20 -4.50 -7.86 7.46
CA GLN A 20 -3.44 -7.55 8.40
C GLN A 20 -2.52 -6.47 7.86
N PRO A 21 -1.77 -5.81 8.76
CA PRO A 21 -0.84 -4.75 8.40
C PRO A 21 0.37 -5.26 7.62
N ILE A 22 0.74 -4.55 6.56
CA ILE A 22 1.87 -4.94 5.74
C ILE A 22 3.18 -4.37 6.29
N ILE A 23 4.13 -5.24 6.57
CA ILE A 23 5.42 -4.82 7.11
C ILE A 23 6.52 -4.97 6.06
N GLY A 24 7.28 -3.90 5.85
CA GLY A 24 8.35 -3.92 4.87
C GLY A 24 7.88 -3.60 3.48
N ALA A 25 6.88 -2.72 3.38
CA ALA A 25 6.33 -2.33 2.09
C ALA A 25 7.04 -1.10 1.54
N SER A 26 7.52 -1.20 0.31
CA SER A 26 8.23 -0.10 -0.34
C SER A 26 7.27 1.03 -0.71
N VAL A 27 7.35 2.13 0.03
CA VAL A 27 6.48 3.29 -0.23
C VAL A 27 7.28 4.46 -0.75
N VAL A 28 7.14 4.74 -2.04
CA VAL A 28 7.84 5.84 -2.67
C VAL A 28 6.88 6.92 -3.16
N GLU A 29 7.35 8.16 -3.17
CA GLU A 29 6.52 9.28 -3.62
C GLU A 29 6.72 9.55 -5.11
N THR A 30 5.61 9.81 -5.80
CA THR A 30 5.67 10.08 -7.24
C THR A 30 6.60 11.24 -7.55
N THR A 31 6.64 12.22 -6.64
CA THR A 31 7.48 13.39 -6.82
C THR A 31 8.79 13.24 -6.04
N ALA A 32 8.76 12.40 -5.02
CA ALA A 32 9.94 12.17 -4.19
C ALA A 32 10.18 10.67 -3.97
N THR A 33 10.49 9.96 -5.04
CA THR A 33 10.74 8.53 -4.97
C THR A 33 12.00 8.23 -4.17
N THR A 34 13.00 9.10 -4.31
CA THR A 34 14.26 8.92 -3.60
C THR A 34 14.06 9.01 -2.09
N ASN A 35 13.08 9.80 -1.67
CA ASN A 35 12.78 9.96 -0.25
C ASN A 35 11.71 8.98 0.21
N GLY A 36 11.67 7.82 -0.44
CA GLY A 36 10.69 6.80 -0.09
C GLY A 36 10.98 6.17 1.26
N THR A 37 9.93 5.63 1.89
CA THR A 37 10.08 4.98 3.18
C THR A 37 9.37 3.63 3.21
N ILE A 38 9.63 2.85 4.25
CA ILE A 38 9.02 1.54 4.40
C ILE A 38 7.96 1.54 5.50
N THR A 39 6.96 0.67 5.35
CA THR A 39 5.88 0.57 6.32
C THR A 39 6.38 -0.04 7.63
N ASP A 40 5.76 0.35 8.73
CA ASP A 40 6.13 -0.17 10.05
C ASP A 40 5.31 -1.41 10.39
N PHE A 41 5.56 -1.96 11.58
CA PHE A 41 4.85 -3.15 12.03
C PHE A 41 3.34 -2.90 12.06
N ASP A 42 2.96 -1.66 12.32
CA ASP A 42 1.54 -1.29 12.38
C ASP A 42 0.94 -1.26 10.98
N GLY A 43 1.80 -1.15 9.97
CA GLY A 43 1.33 -1.10 8.59
C GLY A 43 1.12 0.32 8.10
N ASN A 44 1.88 1.26 8.65
CA ASN A 44 1.79 2.65 8.26
C ASN A 44 3.17 3.28 8.14
N PHE A 45 3.22 4.45 7.48
CA PHE A 45 4.48 5.15 7.29
C PHE A 45 4.30 6.65 7.50
N THR A 46 5.42 7.36 7.61
CA THR A 46 5.40 8.80 7.82
C THR A 46 6.09 9.54 6.67
N LEU A 47 5.35 10.40 5.99
CA LEU A 47 5.90 11.17 4.88
C LEU A 47 5.24 12.54 4.78
N SER A 48 5.97 13.58 5.14
CA SER A 48 5.46 14.94 5.09
C SER A 48 5.55 15.52 3.68
N VAL A 49 4.40 15.64 3.01
CA VAL A 49 4.36 16.18 1.66
C VAL A 49 3.17 17.10 1.47
N PRO A 50 3.44 18.42 1.40
CA PRO A 50 2.41 19.44 1.22
C PRO A 50 1.77 19.39 -0.17
N VAL A 51 2.59 19.02 -1.16
CA VAL A 51 2.11 18.93 -2.54
C VAL A 51 0.90 18.02 -2.65
N ASN A 52 0.84 17.01 -1.78
CA ASN A 52 -0.27 16.07 -1.78
C ASN A 52 -0.25 15.21 -3.04
N SER A 53 0.95 14.80 -3.45
CA SER A 53 1.10 13.97 -4.64
C SER A 53 0.67 12.54 -4.37
N THR A 54 0.84 11.67 -5.37
CA THR A 54 0.47 10.27 -5.24
C THR A 54 1.60 9.45 -4.64
N LEU A 55 1.25 8.40 -3.92
CA LEU A 55 2.24 7.53 -3.29
C LEU A 55 2.16 6.11 -3.85
N LYS A 56 3.31 5.56 -4.21
CA LYS A 56 3.37 4.21 -4.75
C LYS A 56 3.81 3.21 -3.69
N ILE A 57 3.03 2.15 -3.53
CA ILE A 57 3.34 1.11 -2.55
C ILE A 57 3.45 -0.26 -3.21
N THR A 58 4.58 -0.92 -2.99
CA THR A 58 4.82 -2.24 -3.56
C THR A 58 5.55 -3.14 -2.56
N TYR A 59 5.19 -4.42 -2.58
CA TYR A 59 5.81 -5.39 -1.67
C TYR A 59 6.08 -6.71 -2.38
N ILE A 60 7.34 -7.12 -2.43
CA ILE A 60 7.72 -8.36 -3.08
C ILE A 60 6.86 -9.52 -2.59
N GLY A 61 5.97 -9.99 -3.45
CA GLY A 61 5.09 -11.09 -3.09
C GLY A 61 3.67 -10.89 -3.57
N TYR A 62 3.15 -9.68 -3.40
CA TYR A 62 1.79 -9.36 -3.81
C TYR A 62 1.79 -8.33 -4.93
N LYS A 63 0.63 -8.10 -5.52
CA LYS A 63 0.48 -7.12 -6.60
C LYS A 63 0.74 -5.71 -6.09
N PRO A 64 1.18 -4.82 -7.00
CA PRO A 64 1.46 -3.43 -6.66
C PRO A 64 0.20 -2.63 -6.36
N VAL A 65 0.36 -1.53 -5.63
CA VAL A 65 -0.77 -0.69 -5.27
C VAL A 65 -0.34 0.76 -5.09
N THR A 66 -1.14 1.69 -5.61
CA THR A 66 -0.84 3.11 -5.50
C THR A 66 -2.05 3.90 -5.02
N VAL A 67 -1.81 4.89 -4.19
CA VAL A 67 -2.88 5.73 -3.65
C VAL A 67 -2.39 7.15 -3.39
N LYS A 68 -3.33 8.10 -3.37
CA LYS A 68 -3.00 9.50 -3.13
C LYS A 68 -2.83 9.76 -1.64
N ALA A 69 -2.10 10.82 -1.31
CA ALA A 69 -1.86 11.19 0.09
C ALA A 69 -3.08 11.88 0.68
N ALA A 70 -3.42 11.51 1.92
CA ALA A 70 -4.56 12.09 2.60
C ALA A 70 -4.51 11.82 4.10
N ALA A 71 -5.49 12.32 4.83
CA ALA A 71 -5.57 12.12 6.27
C ALA A 71 -5.45 10.64 6.62
N ILE A 72 -6.25 9.81 5.95
CA ILE A 72 -6.24 8.38 6.19
C ILE A 72 -6.45 7.60 4.90
N VAL A 73 -5.42 6.91 4.45
CA VAL A 73 -5.49 6.11 3.23
C VAL A 73 -5.31 4.63 3.52
N ASN A 74 -6.24 3.82 3.03
CA ASN A 74 -6.18 2.38 3.24
C ASN A 74 -6.00 1.64 1.91
N VAL A 75 -4.98 0.80 1.85
CA VAL A 75 -4.69 0.03 0.65
C VAL A 75 -4.75 -1.47 0.91
N LEU A 76 -5.14 -2.23 -0.10
CA LEU A 76 -5.24 -3.68 0.03
C LEU A 76 -4.35 -4.38 -0.99
N LEU A 77 -3.41 -5.18 -0.50
CA LEU A 77 -2.49 -5.91 -1.37
C LEU A 77 -3.09 -7.26 -1.77
N GLU A 78 -3.32 -7.42 -3.07
CA GLU A 78 -3.88 -8.67 -3.59
C GLU A 78 -2.78 -9.60 -4.09
N GLU A 79 -2.99 -10.90 -3.93
CA GLU A 79 -2.02 -11.89 -4.36
C GLU A 79 -1.70 -11.73 -5.85
N ASP A 80 -0.44 -11.97 -6.20
CA ASP A 80 0.00 -11.85 -7.59
C ASP A 80 0.02 -13.21 -8.27
N THR A 81 0.36 -14.25 -7.51
CA THR A 81 0.42 -15.60 -8.03
C THR A 81 -0.14 -16.61 -7.04
N GLN A 82 -0.35 -17.84 -7.50
CA GLN A 82 -0.88 -18.89 -6.65
C GLN A 82 -0.08 -20.18 -6.80
N MET A 83 -0.16 -21.05 -5.79
CA MET A 83 0.56 -22.31 -5.82
C MET A 83 -0.25 -23.41 -5.13
N VAL A 84 -0.08 -24.64 -5.61
CA VAL A 84 -0.80 -25.78 -5.04
C VAL A 84 0.09 -26.57 -4.09
N ASP A 85 1.33 -26.80 -4.50
CA ASP A 85 2.28 -27.53 -3.69
C ASP A 85 3.58 -26.76 -3.51
N GLU A 86 4.46 -27.26 -2.66
CA GLU A 86 5.74 -26.60 -2.41
C GLU A 86 6.74 -26.93 -3.50
N VAL A 87 6.66 -26.20 -4.62
CA VAL A 87 7.56 -26.42 -5.74
C VAL A 87 8.82 -25.56 -5.60
N VAL A 88 9.96 -26.23 -5.50
CA VAL A 88 11.24 -25.53 -5.37
C VAL A 88 11.74 -25.04 -6.72
N VAL A 89 12.27 -23.81 -6.75
CA VAL A 89 12.78 -23.22 -7.97
C VAL A 89 14.08 -22.47 -7.71
N THR A 90 15.14 -22.87 -8.41
CA THR A 90 16.44 -22.23 -8.27
C THR A 90 16.40 -20.78 -8.72
N GLY A 91 16.86 -19.88 -7.85
CA GLY A 91 16.87 -18.47 -8.19
C GLY A 91 16.32 -17.61 -7.07
N TYR A 92 17.13 -16.70 -6.56
CA TYR A 92 16.72 -15.81 -5.48
C TYR A 92 17.30 -14.42 -5.66
N THR A 93 16.74 -13.45 -4.95
CA THR A 93 17.21 -12.06 -5.02
C THR A 93 18.18 -11.75 -3.90
N MET A 1 -19.01 2.59 -7.99
CA MET A 1 -19.17 3.98 -7.59
C MET A 1 -17.97 4.44 -6.76
N GLY A 2 -17.56 3.62 -5.81
CA GLY A 2 -16.44 3.97 -4.96
C GLY A 2 -16.73 3.77 -3.49
N HIS A 3 -15.74 3.29 -2.74
CA HIS A 3 -15.91 3.05 -1.31
C HIS A 3 -14.62 3.37 -0.55
N HIS A 4 -14.76 3.79 0.71
CA HIS A 4 -13.62 4.13 1.54
C HIS A 4 -13.86 3.74 2.99
N HIS A 5 -12.81 3.31 3.66
CA HIS A 5 -12.91 2.90 5.06
C HIS A 5 -13.01 4.12 5.97
N HIS A 6 -13.45 3.89 7.21
CA HIS A 6 -13.59 4.97 8.17
C HIS A 6 -12.23 5.56 8.54
N HIS A 7 -12.25 6.65 9.30
CA HIS A 7 -11.02 7.31 9.71
C HIS A 7 -10.65 6.93 11.14
N HIS A 8 -9.59 6.13 11.29
CA HIS A 8 -9.15 5.70 12.61
C HIS A 8 -7.63 5.72 12.70
N THR A 9 -6.97 5.03 11.77
CA THR A 9 -5.52 4.96 11.75
C THR A 9 -4.95 5.81 10.61
N LYS A 10 -4.01 6.70 10.94
CA LYS A 10 -3.39 7.57 9.97
C LYS A 10 -2.40 6.80 9.09
N GLY A 11 -2.83 6.47 7.89
CA GLY A 11 -1.97 5.74 6.98
C GLY A 11 -1.67 4.33 7.47
N ASN A 12 -2.29 3.33 6.85
CA ASN A 12 -2.08 1.95 7.24
C ASN A 12 -2.42 1.00 6.09
N VAL A 13 -1.49 0.14 5.74
CA VAL A 13 -1.68 -0.81 4.65
C VAL A 13 -1.73 -2.25 5.18
N THR A 14 -2.76 -2.98 4.78
CA THR A 14 -2.92 -4.36 5.21
C THR A 14 -3.13 -5.29 4.02
N SER A 15 -2.98 -6.59 4.25
CA SER A 15 -3.15 -7.58 3.20
C SER A 15 -4.62 -7.98 3.07
N LYS A 16 -5.02 -8.35 1.85
CA LYS A 16 -6.39 -8.75 1.58
C LYS A 16 -6.55 -10.25 1.72
N THR A 17 -5.60 -10.89 2.39
CA THR A 17 -5.63 -12.34 2.59
C THR A 17 -6.28 -12.68 3.93
N ASP A 18 -5.72 -12.18 5.01
CA ASP A 18 -6.24 -12.44 6.34
C ASP A 18 -6.63 -11.14 7.03
N GLY A 19 -5.98 -10.05 6.65
CA GLY A 19 -6.28 -8.76 7.25
C GLY A 19 -5.20 -8.31 8.22
N GLN A 20 -3.97 -8.75 7.98
CA GLN A 20 -2.86 -8.39 8.84
C GLN A 20 -2.09 -7.19 8.28
N PRO A 21 -1.32 -6.52 9.14
CA PRO A 21 -0.52 -5.35 8.75
C PRO A 21 0.66 -5.73 7.85
N ILE A 22 0.90 -4.92 6.82
CA ILE A 22 1.98 -5.17 5.89
C ILE A 22 3.30 -4.63 6.43
N ILE A 23 4.30 -5.49 6.55
CA ILE A 23 5.61 -5.10 7.05
C ILE A 23 6.65 -5.09 5.93
N GLY A 24 7.53 -4.10 5.96
CA GLY A 24 8.56 -3.99 4.94
C GLY A 24 8.00 -3.61 3.58
N ALA A 25 7.22 -2.53 3.56
CA ALA A 25 6.63 -2.05 2.31
C ALA A 25 7.49 -0.97 1.66
N SER A 26 7.35 -0.81 0.35
CA SER A 26 8.12 0.19 -0.37
C SER A 26 7.24 1.37 -0.78
N VAL A 27 7.44 2.50 -0.11
CA VAL A 27 6.67 3.70 -0.39
C VAL A 27 7.54 4.80 -0.98
N VAL A 28 7.25 5.18 -2.22
CA VAL A 28 8.02 6.22 -2.89
C VAL A 28 7.10 7.17 -3.67
N GLU A 29 7.46 8.44 -3.70
CA GLU A 29 6.66 9.45 -4.40
C GLU A 29 6.94 9.40 -5.91
N THR A 30 6.18 10.17 -6.66
CA THR A 30 6.33 10.21 -8.11
C THR A 30 7.57 11.01 -8.51
N THR A 31 7.85 12.08 -7.75
CA THR A 31 9.00 12.92 -8.03
C THR A 31 10.05 12.80 -6.92
N ALA A 32 9.61 12.37 -5.75
CA ALA A 32 10.50 12.21 -4.60
C ALA A 32 10.61 10.75 -4.19
N THR A 33 11.36 9.98 -4.98
CA THR A 33 11.54 8.55 -4.70
C THR A 33 12.67 8.34 -3.70
N THR A 34 13.70 9.16 -3.78
CA THR A 34 14.85 9.05 -2.88
C THR A 34 14.41 9.17 -1.43
N ASN A 35 13.33 9.90 -1.20
CA ASN A 35 12.80 10.10 0.15
C ASN A 35 11.72 9.07 0.47
N GLY A 36 11.84 7.89 -0.13
CA GLY A 36 10.86 6.84 0.11
C GLY A 36 10.93 6.28 1.51
N THR A 37 9.78 5.84 2.03
CA THR A 37 9.71 5.29 3.37
C THR A 37 9.16 3.87 3.36
N ILE A 38 9.25 3.18 4.49
CA ILE A 38 8.76 1.82 4.60
C ILE A 38 7.76 1.69 5.75
N THR A 39 6.90 0.69 5.67
CA THR A 39 5.90 0.45 6.71
C THR A 39 6.50 -0.31 7.89
N ASP A 40 5.97 -0.04 9.08
CA ASP A 40 6.45 -0.70 10.29
C ASP A 40 5.65 -1.97 10.57
N PHE A 41 5.94 -2.61 11.70
CA PHE A 41 5.26 -3.84 12.08
C PHE A 41 3.75 -3.62 12.16
N ASP A 42 3.35 -2.39 12.51
CA ASP A 42 1.95 -2.05 12.62
C ASP A 42 1.31 -1.92 11.25
N GLY A 43 2.13 -1.75 10.22
CA GLY A 43 1.63 -1.61 8.87
C GLY A 43 1.33 -0.18 8.51
N ASN A 44 2.05 0.75 9.13
CA ASN A 44 1.86 2.18 8.86
C ASN A 44 3.19 2.87 8.60
N PHE A 45 3.12 4.05 7.99
CA PHE A 45 4.33 4.82 7.69
C PHE A 45 4.07 6.31 7.81
N THR A 46 5.15 7.09 7.87
CA THR A 46 5.03 8.54 7.99
C THR A 46 5.87 9.25 6.94
N LEU A 47 5.20 9.98 6.04
CA LEU A 47 5.89 10.71 4.98
C LEU A 47 5.14 11.99 4.63
N SER A 48 5.70 13.12 5.02
CA SER A 48 5.07 14.41 4.73
C SER A 48 5.13 14.72 3.25
N VAL A 49 3.97 14.65 2.60
CA VAL A 49 3.87 14.94 1.17
C VAL A 49 2.61 15.72 0.84
N PRO A 50 2.76 16.78 0.03
CA PRO A 50 1.64 17.63 -0.37
C PRO A 50 0.68 16.92 -1.32
N VAL A 51 -0.43 17.58 -1.65
CA VAL A 51 -1.42 17.02 -2.53
C VAL A 51 -1.21 17.50 -3.97
N ASN A 52 0.05 17.74 -4.33
CA ASN A 52 0.39 18.20 -5.67
C ASN A 52 0.70 17.02 -6.59
N SER A 53 1.33 16.00 -6.03
CA SER A 53 1.69 14.81 -6.80
C SER A 53 1.10 13.55 -6.18
N THR A 54 1.31 12.41 -6.83
CA THR A 54 0.79 11.15 -6.34
C THR A 54 1.87 10.37 -5.58
N LEU A 55 1.48 9.23 -5.03
CA LEU A 55 2.42 8.39 -4.27
C LEU A 55 2.34 6.94 -4.73
N LYS A 56 3.51 6.39 -5.08
CA LYS A 56 3.58 5.00 -5.54
C LYS A 56 4.09 4.09 -4.42
N ILE A 57 3.30 3.09 -4.07
CA ILE A 57 3.68 2.14 -3.02
C ILE A 57 3.65 0.71 -3.54
N THR A 58 4.81 0.06 -3.53
CA THR A 58 4.91 -1.32 -4.00
C THR A 58 5.26 -2.26 -2.85
N TYR A 59 4.77 -3.50 -2.95
CA TYR A 59 5.03 -4.50 -1.92
C TYR A 59 5.60 -5.77 -2.52
N ILE A 60 6.33 -6.52 -1.71
CA ILE A 60 6.94 -7.78 -2.17
C ILE A 60 6.00 -8.96 -1.92
N GLY A 61 5.43 -9.48 -3.00
CA GLY A 61 4.53 -10.61 -2.88
C GLY A 61 3.17 -10.34 -3.49
N TYR A 62 2.57 -9.22 -3.10
CA TYR A 62 1.25 -8.85 -3.61
C TYR A 62 1.37 -7.70 -4.62
N LYS A 63 0.26 -7.40 -5.29
CA LYS A 63 0.23 -6.33 -6.28
C LYS A 63 0.48 -4.98 -5.62
N PRO A 64 1.10 -4.06 -6.38
CA PRO A 64 1.41 -2.71 -5.88
C PRO A 64 0.16 -1.86 -5.72
N VAL A 65 0.35 -0.62 -5.29
CA VAL A 65 -0.76 0.31 -5.09
C VAL A 65 -0.32 1.75 -5.29
N THR A 66 -1.23 2.57 -5.82
CA THR A 66 -0.94 3.97 -6.07
C THR A 66 -2.05 4.87 -5.54
N VAL A 67 -1.68 5.90 -4.78
CA VAL A 67 -2.65 6.82 -4.21
C VAL A 67 -2.02 8.20 -3.99
N LYS A 68 -2.87 9.23 -3.98
CA LYS A 68 -2.40 10.59 -3.76
C LYS A 68 -2.04 10.83 -2.30
N ALA A 69 -1.12 11.75 -2.07
CA ALA A 69 -0.69 12.08 -0.71
C ALA A 69 -1.86 12.53 0.15
N ALA A 70 -2.10 11.80 1.24
CA ALA A 70 -3.20 12.13 2.14
C ALA A 70 -2.86 11.74 3.57
N ALA A 71 -3.43 12.48 4.53
CA ALA A 71 -3.19 12.21 5.94
C ALA A 71 -3.43 10.75 6.28
N ILE A 72 -4.62 10.26 5.93
CA ILE A 72 -4.98 8.88 6.19
C ILE A 72 -5.24 8.11 4.90
N VAL A 73 -4.66 6.92 4.80
CA VAL A 73 -4.82 6.09 3.60
C VAL A 73 -4.84 4.61 3.97
N ASN A 74 -5.95 3.94 3.69
CA ASN A 74 -6.09 2.52 3.98
C ASN A 74 -6.36 1.73 2.70
N VAL A 75 -5.37 0.95 2.29
CA VAL A 75 -5.50 0.14 1.09
C VAL A 75 -5.16 -1.32 1.37
N LEU A 76 -5.88 -2.23 0.70
CA LEU A 76 -5.66 -3.66 0.89
C LEU A 76 -4.76 -4.22 -0.21
N LEU A 77 -3.93 -5.19 0.17
CA LEU A 77 -3.01 -5.81 -0.78
C LEU A 77 -3.68 -6.97 -1.51
N GLU A 78 -3.73 -6.89 -2.83
CA GLU A 78 -4.34 -7.94 -3.64
C GLU A 78 -3.28 -8.87 -4.21
N GLU A 79 -3.54 -10.17 -4.15
CA GLU A 79 -2.61 -11.17 -4.66
C GLU A 79 -2.27 -10.90 -6.12
N ASP A 80 -1.00 -11.09 -6.47
CA ASP A 80 -0.53 -10.87 -7.83
C ASP A 80 -0.27 -12.19 -8.55
N THR A 81 -1.32 -12.74 -9.16
CA THR A 81 -1.21 -14.00 -9.87
C THR A 81 -1.75 -13.87 -11.30
N GLN A 82 -1.72 -14.97 -12.04
CA GLN A 82 -2.20 -14.99 -13.41
C GLN A 82 -3.64 -14.47 -13.48
N MET A 83 -3.84 -13.40 -14.25
CA MET A 83 -5.16 -12.82 -14.42
C MET A 83 -5.60 -12.87 -15.88
N VAL A 84 -6.84 -12.42 -16.13
CA VAL A 84 -7.38 -12.41 -17.49
C VAL A 84 -8.18 -11.14 -17.75
N ASP A 85 -7.68 -10.32 -18.65
CA ASP A 85 -8.35 -9.07 -19.00
C ASP A 85 -9.19 -9.24 -20.26
N GLU A 86 -10.00 -8.23 -20.56
CA GLU A 86 -10.86 -8.26 -21.74
C GLU A 86 -11.72 -9.53 -21.74
N VAL A 87 -12.43 -9.77 -20.65
CA VAL A 87 -13.28 -10.94 -20.53
C VAL A 87 -14.71 -10.64 -20.96
N VAL A 88 -15.33 -11.59 -21.67
CA VAL A 88 -16.70 -11.41 -22.15
C VAL A 88 -17.69 -11.98 -21.16
N VAL A 89 -18.79 -11.26 -20.94
CA VAL A 89 -19.83 -11.69 -20.01
C VAL A 89 -21.22 -11.50 -20.61
N THR A 90 -22.11 -12.45 -20.36
CA THR A 90 -23.47 -12.38 -20.87
C THR A 90 -24.46 -12.04 -19.76
N GLY A 91 -25.55 -11.38 -20.13
CA GLY A 91 -26.56 -11.02 -19.16
C GLY A 91 -27.97 -11.13 -19.70
N TYR A 92 -28.58 -9.99 -20.03
CA TYR A 92 -29.93 -9.98 -20.57
C TYR A 92 -29.92 -9.98 -22.09
N THR A 93 -30.96 -10.56 -22.68
CA THR A 93 -31.07 -10.63 -24.13
C THR A 93 -31.66 -9.34 -24.70
N MET A 1 -27.37 13.89 25.24
CA MET A 1 -26.48 13.20 26.17
C MET A 1 -25.59 12.21 25.43
N GLY A 2 -24.29 12.28 25.68
CA GLY A 2 -23.36 11.37 25.03
C GLY A 2 -21.93 11.89 25.06
N HIS A 3 -20.98 10.99 24.85
CA HIS A 3 -19.56 11.38 24.85
C HIS A 3 -18.75 10.45 23.96
N HIS A 4 -18.09 11.01 22.96
CA HIS A 4 -17.27 10.24 22.04
C HIS A 4 -15.78 10.43 22.33
N HIS A 5 -14.96 9.57 21.72
CA HIS A 5 -13.51 9.65 21.92
C HIS A 5 -12.80 9.95 20.60
N HIS A 6 -11.81 10.83 20.66
CA HIS A 6 -11.05 11.20 19.47
C HIS A 6 -10.40 9.98 18.85
N HIS A 7 -10.14 10.06 17.53
CA HIS A 7 -9.53 8.96 16.81
C HIS A 7 -8.20 9.40 16.18
N HIS A 8 -7.22 8.50 16.22
CA HIS A 8 -5.91 8.80 15.66
C HIS A 8 -5.57 7.83 14.53
N THR A 9 -6.39 7.84 13.47
CA THR A 9 -6.18 6.97 12.32
C THR A 9 -5.25 7.62 11.30
N LYS A 10 -4.50 6.78 10.59
CA LYS A 10 -3.57 7.26 9.59
C LYS A 10 -3.36 6.23 8.49
N GLY A 11 -2.46 6.52 7.56
CA GLY A 11 -2.18 5.59 6.47
C GLY A 11 -1.85 4.20 6.97
N ASN A 12 -2.56 3.20 6.44
CA ASN A 12 -2.34 1.82 6.84
C ASN A 12 -2.68 0.86 5.70
N VAL A 13 -1.75 -0.02 5.37
CA VAL A 13 -1.95 -0.99 4.29
C VAL A 13 -1.88 -2.42 4.82
N THR A 14 -2.88 -3.22 4.47
CA THR A 14 -2.94 -4.60 4.92
C THR A 14 -3.11 -5.55 3.72
N SER A 15 -2.96 -6.85 3.99
CA SER A 15 -3.10 -7.85 2.94
C SER A 15 -4.54 -8.32 2.82
N LYS A 16 -4.90 -8.81 1.65
CA LYS A 16 -6.26 -9.30 1.40
C LYS A 16 -6.36 -10.79 1.67
N THR A 17 -5.39 -11.33 2.42
CA THR A 17 -5.37 -12.75 2.75
C THR A 17 -6.04 -13.01 4.10
N ASP A 18 -5.52 -12.37 5.15
CA ASP A 18 -6.07 -12.54 6.48
C ASP A 18 -6.52 -11.20 7.06
N GLY A 19 -5.90 -10.12 6.58
CA GLY A 19 -6.25 -8.79 7.06
C GLY A 19 -5.21 -8.22 7.98
N GLN A 20 -3.95 -8.62 7.80
CA GLN A 20 -2.86 -8.14 8.63
C GLN A 20 -2.07 -7.05 7.91
N PRO A 21 -1.42 -6.18 8.69
CA PRO A 21 -0.62 -5.06 8.16
C PRO A 21 0.66 -5.55 7.48
N ILE A 22 1.07 -4.84 6.45
CA ILE A 22 2.28 -5.20 5.71
C ILE A 22 3.49 -4.45 6.26
N ILE A 23 4.48 -5.21 6.72
CA ILE A 23 5.70 -4.62 7.26
C ILE A 23 6.85 -4.71 6.26
N GLY A 24 7.78 -3.76 6.34
CA GLY A 24 8.90 -3.74 5.44
C GLY A 24 8.50 -3.58 3.99
N ALA A 25 7.63 -2.61 3.73
CA ALA A 25 7.16 -2.37 2.37
C ALA A 25 7.99 -1.27 1.70
N SER A 26 7.82 -1.13 0.38
CA SER A 26 8.55 -0.13 -0.38
C SER A 26 7.63 1.03 -0.78
N VAL A 27 7.81 2.16 -0.12
CA VAL A 27 7.01 3.35 -0.39
C VAL A 27 7.83 4.43 -1.06
N VAL A 28 7.34 4.95 -2.19
CA VAL A 28 8.03 6.00 -2.93
C VAL A 28 7.04 6.93 -3.62
N GLU A 29 7.33 8.22 -3.57
CA GLU A 29 6.46 9.21 -4.20
C GLU A 29 6.77 9.34 -5.69
N THR A 30 5.74 9.26 -6.52
CA THR A 30 5.90 9.37 -7.96
C THR A 30 6.70 10.61 -8.33
N THR A 31 6.53 11.68 -7.55
CA THR A 31 7.23 12.93 -7.79
C THR A 31 8.57 12.95 -7.08
N ALA A 32 8.70 12.14 -6.04
CA ALA A 32 9.93 12.07 -5.26
C ALA A 32 10.15 10.67 -4.70
N THR A 33 10.98 9.88 -5.38
CA THR A 33 11.27 8.52 -4.95
C THR A 33 12.42 8.51 -3.95
N THR A 34 13.37 9.43 -4.11
CA THR A 34 14.52 9.51 -3.23
C THR A 34 14.08 9.57 -1.76
N ASN A 35 12.90 10.14 -1.53
CA ASN A 35 12.38 10.26 -0.18
C ASN A 35 11.48 9.07 0.16
N GLY A 36 11.78 7.92 -0.42
CA GLY A 36 11.00 6.73 -0.16
C GLY A 36 11.11 6.25 1.28
N THR A 37 10.06 5.62 1.78
CA THR A 37 10.04 5.11 3.14
C THR A 37 9.47 3.71 3.20
N ILE A 38 9.60 3.06 4.36
CA ILE A 38 9.09 1.71 4.54
C ILE A 38 7.94 1.69 5.54
N THR A 39 7.05 0.72 5.40
CA THR A 39 5.90 0.58 6.29
C THR A 39 6.35 0.14 7.68
N ASP A 40 5.58 0.54 8.69
CA ASP A 40 5.89 0.18 10.07
C ASP A 40 5.40 -1.23 10.39
N PHE A 41 5.57 -1.64 11.64
CA PHE A 41 5.15 -2.97 12.08
C PHE A 41 3.64 -3.14 11.89
N ASP A 42 2.91 -2.04 12.02
CA ASP A 42 1.46 -2.06 11.88
C ASP A 42 1.04 -1.64 10.46
N GLY A 43 1.99 -1.74 9.52
CA GLY A 43 1.70 -1.37 8.15
C GLY A 43 1.36 0.09 8.01
N ASN A 44 1.90 0.92 8.90
CA ASN A 44 1.65 2.36 8.87
C ASN A 44 2.89 3.12 8.44
N PHE A 45 2.69 4.13 7.61
CA PHE A 45 3.80 4.95 7.11
C PHE A 45 3.47 6.43 7.22
N THR A 46 4.49 7.27 7.03
CA THR A 46 4.32 8.71 7.10
C THR A 46 5.22 9.42 6.10
N LEU A 47 4.61 10.14 5.16
CA LEU A 47 5.35 10.87 4.15
C LEU A 47 4.92 12.33 4.10
N SER A 48 5.80 13.21 4.56
CA SER A 48 5.53 14.65 4.58
C SER A 48 6.18 15.34 3.39
N VAL A 49 5.34 15.93 2.53
CA VAL A 49 5.84 16.63 1.35
C VAL A 49 5.08 17.94 1.13
N PRO A 50 5.73 18.89 0.43
CA PRO A 50 5.12 20.19 0.13
C PRO A 50 3.97 20.09 -0.86
N VAL A 51 4.21 19.38 -1.95
CA VAL A 51 3.20 19.21 -2.99
C VAL A 51 2.28 18.04 -2.67
N ASN A 52 1.04 18.12 -3.13
CA ASN A 52 0.07 17.05 -2.90
C ASN A 52 0.08 16.04 -4.04
N SER A 53 1.28 15.63 -4.44
CA SER A 53 1.44 14.66 -5.51
C SER A 53 0.89 13.30 -5.11
N THR A 54 1.16 12.28 -5.93
CA THR A 54 0.68 10.94 -5.66
C THR A 54 1.74 10.12 -4.93
N LEU A 55 1.31 9.04 -4.28
CA LEU A 55 2.23 8.17 -3.55
C LEU A 55 2.17 6.74 -4.08
N LYS A 56 3.31 6.27 -4.60
CA LYS A 56 3.40 4.93 -5.14
C LYS A 56 3.99 3.97 -4.12
N ILE A 57 3.19 3.00 -3.68
CA ILE A 57 3.64 2.02 -2.70
C ILE A 57 3.64 0.61 -3.31
N THR A 58 4.81 -0.02 -3.29
CA THR A 58 4.95 -1.36 -3.84
C THR A 58 5.38 -2.35 -2.76
N TYR A 59 4.87 -3.58 -2.86
CA TYR A 59 5.20 -4.61 -1.88
C TYR A 59 5.75 -5.86 -2.58
N ILE A 60 6.54 -6.64 -1.84
CA ILE A 60 7.13 -7.86 -2.38
C ILE A 60 6.25 -9.06 -2.10
N GLY A 61 5.60 -9.57 -3.15
CA GLY A 61 4.74 -10.72 -3.01
C GLY A 61 3.35 -10.47 -3.57
N TYR A 62 2.77 -9.33 -3.23
CA TYR A 62 1.44 -8.98 -3.70
C TYR A 62 1.49 -7.81 -4.69
N LYS A 63 0.36 -7.53 -5.32
CA LYS A 63 0.28 -6.43 -6.28
C LYS A 63 0.54 -5.09 -5.61
N PRO A 64 1.08 -4.14 -6.38
CA PRO A 64 1.38 -2.80 -5.88
C PRO A 64 0.12 -1.98 -5.59
N VAL A 65 0.31 -0.76 -5.10
CA VAL A 65 -0.82 0.11 -4.79
C VAL A 65 -0.42 1.58 -4.90
N THR A 66 -1.37 2.42 -5.30
CA THR A 66 -1.13 3.85 -5.45
C THR A 66 -2.22 4.67 -4.77
N VAL A 67 -1.80 5.64 -3.96
CA VAL A 67 -2.74 6.50 -3.26
C VAL A 67 -2.24 7.94 -3.22
N LYS A 68 -3.17 8.88 -3.27
CA LYS A 68 -2.82 10.30 -3.23
C LYS A 68 -2.38 10.72 -1.83
N ALA A 69 -1.62 11.81 -1.76
CA ALA A 69 -1.13 12.31 -0.48
C ALA A 69 -2.29 12.70 0.43
N ALA A 70 -2.65 11.80 1.35
CA ALA A 70 -3.73 12.06 2.29
C ALA A 70 -3.32 11.74 3.71
N ALA A 71 -4.23 11.97 4.66
CA ALA A 71 -3.95 11.70 6.06
C ALA A 71 -4.25 10.25 6.43
N ILE A 72 -5.37 9.75 5.91
CA ILE A 72 -5.78 8.37 6.18
C ILE A 72 -6.12 7.64 4.89
N VAL A 73 -5.47 6.50 4.66
CA VAL A 73 -5.71 5.70 3.47
C VAL A 73 -5.56 4.21 3.77
N ASN A 74 -6.63 3.46 3.51
CA ASN A 74 -6.63 2.01 3.74
C ASN A 74 -6.88 1.25 2.46
N VAL A 75 -5.92 0.42 2.07
CA VAL A 75 -6.04 -0.37 0.85
C VAL A 75 -5.66 -1.84 1.10
N LEU A 76 -6.31 -2.74 0.39
CA LEU A 76 -6.04 -4.17 0.53
C LEU A 76 -5.11 -4.66 -0.56
N LEU A 77 -4.11 -5.45 -0.17
CA LEU A 77 -3.14 -5.98 -1.12
C LEU A 77 -3.62 -7.32 -1.69
N GLU A 78 -3.82 -7.35 -3.00
CA GLU A 78 -4.28 -8.57 -3.67
C GLU A 78 -3.10 -9.37 -4.21
N GLU A 79 -3.10 -10.66 -3.94
CA GLU A 79 -2.04 -11.55 -4.40
C GLU A 79 -1.87 -11.47 -5.91
N ASP A 80 -0.63 -11.59 -6.38
CA ASP A 80 -0.34 -11.53 -7.81
C ASP A 80 0.12 -12.90 -8.32
N THR A 81 -0.80 -13.64 -8.91
CA THR A 81 -0.50 -14.97 -9.45
C THR A 81 -0.47 -14.94 -10.97
N GLN A 82 0.73 -14.90 -11.53
CA GLN A 82 0.91 -14.88 -12.98
C GLN A 82 0.45 -16.19 -13.60
N MET A 83 -0.59 -16.12 -14.44
CA MET A 83 -1.12 -17.31 -15.10
C MET A 83 -0.01 -18.09 -15.80
N VAL A 84 0.06 -19.38 -15.53
CA VAL A 84 1.08 -20.24 -16.14
C VAL A 84 0.45 -21.26 -17.08
N ASP A 85 -0.12 -20.78 -18.17
CA ASP A 85 -0.76 -21.66 -19.16
C ASP A 85 0.28 -22.48 -19.90
N GLU A 86 -0.18 -23.53 -20.58
CA GLU A 86 0.72 -24.40 -21.34
C GLU A 86 -0.03 -25.09 -22.48
N VAL A 87 -0.85 -24.32 -23.18
CA VAL A 87 -1.62 -24.84 -24.30
C VAL A 87 -2.39 -26.10 -23.90
N VAL A 88 -3.59 -25.92 -23.36
CA VAL A 88 -4.42 -27.04 -22.94
C VAL A 88 -5.86 -26.61 -22.74
N VAL A 89 -6.79 -27.50 -23.09
CA VAL A 89 -8.22 -27.21 -22.97
C VAL A 89 -8.66 -27.35 -21.51
N THR A 90 -9.64 -26.53 -21.12
CA THR A 90 -10.16 -26.56 -19.76
C THR A 90 -11.67 -26.41 -19.75
N GLY A 91 -12.31 -26.98 -18.73
CA GLY A 91 -13.76 -26.91 -18.63
C GLY A 91 -14.21 -26.02 -17.48
N TYR A 92 -15.35 -25.37 -17.65
CA TYR A 92 -15.89 -24.47 -16.63
C TYR A 92 -16.83 -25.23 -15.70
N THR A 93 -16.81 -24.85 -14.42
CA THR A 93 -17.68 -25.49 -13.44
C THR A 93 -18.73 -24.52 -12.90
N MET A 1 -19.94 -10.79 23.90
CA MET A 1 -19.48 -9.40 23.77
C MET A 1 -18.16 -9.33 23.01
N GLY A 2 -17.93 -8.21 22.35
CA GLY A 2 -16.70 -8.03 21.60
C GLY A 2 -16.14 -6.63 21.70
N HIS A 3 -14.87 -6.47 21.34
CA HIS A 3 -14.21 -5.16 21.42
C HIS A 3 -13.78 -4.71 20.02
N HIS A 4 -13.46 -3.43 19.90
CA HIS A 4 -13.02 -2.86 18.63
C HIS A 4 -12.15 -1.63 18.85
N HIS A 5 -11.40 -1.25 17.82
CA HIS A 5 -10.53 -0.08 17.90
C HIS A 5 -11.34 1.20 17.97
N HIS A 6 -10.90 2.15 18.79
CA HIS A 6 -11.59 3.43 18.94
C HIS A 6 -11.07 4.44 17.92
N HIS A 7 -9.80 4.78 18.03
CA HIS A 7 -9.18 5.75 17.13
C HIS A 7 -8.54 5.03 15.93
N HIS A 8 -8.29 5.79 14.86
CA HIS A 8 -7.68 5.24 13.67
C HIS A 8 -6.30 5.86 13.42
N THR A 9 -5.44 5.12 12.73
CA THR A 9 -4.10 5.60 12.43
C THR A 9 -4.03 6.20 11.03
N LYS A 10 -3.21 7.24 10.89
CA LYS A 10 -3.06 7.91 9.60
C LYS A 10 -2.27 7.05 8.63
N GLY A 11 -2.98 6.41 7.69
CA GLY A 11 -2.33 5.56 6.71
C GLY A 11 -2.01 4.19 7.26
N ASN A 12 -2.62 3.16 6.66
CA ASN A 12 -2.39 1.78 7.10
C ASN A 12 -2.72 0.80 5.98
N VAL A 13 -1.73 0.03 5.57
CA VAL A 13 -1.91 -0.96 4.52
C VAL A 13 -1.89 -2.38 5.07
N THR A 14 -2.89 -3.17 4.69
CA THR A 14 -2.97 -4.55 5.15
C THR A 14 -3.13 -5.52 3.98
N SER A 15 -3.00 -6.81 4.26
CA SER A 15 -3.12 -7.84 3.23
C SER A 15 -4.57 -8.29 3.07
N LYS A 16 -4.92 -8.70 1.86
CA LYS A 16 -6.28 -9.15 1.57
C LYS A 16 -6.40 -10.65 1.79
N THR A 17 -5.42 -11.24 2.47
CA THR A 17 -5.42 -12.66 2.73
C THR A 17 -6.04 -12.97 4.10
N ASP A 18 -5.47 -12.39 5.14
CA ASP A 18 -5.97 -12.60 6.50
C ASP A 18 -6.41 -11.28 7.13
N GLY A 19 -5.82 -10.19 6.66
CA GLY A 19 -6.17 -8.87 7.19
C GLY A 19 -5.14 -8.35 8.17
N GLN A 20 -3.89 -8.76 7.98
CA GLN A 20 -2.81 -8.32 8.87
C GLN A 20 -2.05 -7.14 8.26
N PRO A 21 -1.32 -6.40 9.11
CA PRO A 21 -0.55 -5.24 8.69
C PRO A 21 0.66 -5.63 7.85
N ILE A 22 0.85 -4.94 6.73
CA ILE A 22 1.97 -5.22 5.84
C ILE A 22 3.27 -4.62 6.39
N ILE A 23 4.23 -5.48 6.67
CA ILE A 23 5.52 -5.04 7.20
C ILE A 23 6.62 -5.19 6.15
N GLY A 24 7.42 -4.14 6.00
CA GLY A 24 8.51 -4.17 5.03
C GLY A 24 8.06 -3.78 3.64
N ALA A 25 7.07 -2.88 3.56
CA ALA A 25 6.54 -2.42 2.28
C ALA A 25 7.36 -1.25 1.75
N SER A 26 7.36 -1.09 0.43
CA SER A 26 8.10 -0.01 -0.21
C SER A 26 7.16 1.07 -0.72
N VAL A 27 7.15 2.21 -0.02
CA VAL A 27 6.29 3.33 -0.41
C VAL A 27 7.12 4.57 -0.75
N VAL A 28 6.82 5.16 -1.90
CA VAL A 28 7.55 6.35 -2.35
C VAL A 28 6.62 7.29 -3.12
N GLU A 29 7.06 8.53 -3.29
CA GLU A 29 6.27 9.52 -4.01
C GLU A 29 6.52 9.44 -5.52
N THR A 30 5.74 10.19 -6.28
CA THR A 30 5.89 10.19 -7.74
C THR A 30 7.15 10.93 -8.16
N THR A 31 7.43 12.05 -7.52
CA THR A 31 8.61 12.84 -7.83
C THR A 31 9.61 12.82 -6.68
N ALA A 32 9.12 12.53 -5.49
CA ALA A 32 9.97 12.48 -4.31
C ALA A 32 10.27 11.04 -3.91
N THR A 33 10.97 10.31 -4.78
CA THR A 33 11.33 8.93 -4.52
C THR A 33 12.50 8.83 -3.56
N THR A 34 13.44 9.78 -3.66
CA THR A 34 14.61 9.79 -2.81
C THR A 34 14.22 9.73 -1.33
N ASN A 35 13.05 10.29 -1.01
CA ASN A 35 12.56 10.31 0.36
C ASN A 35 11.63 9.12 0.61
N GLY A 36 11.90 8.01 -0.07
CA GLY A 36 11.08 6.82 0.09
C GLY A 36 11.17 6.25 1.49
N THR A 37 10.08 5.65 1.96
CA THR A 37 10.03 5.06 3.29
C THR A 37 9.39 3.68 3.26
N ILE A 38 9.46 2.98 4.38
CA ILE A 38 8.88 1.65 4.49
C ILE A 38 7.88 1.57 5.64
N THR A 39 6.90 0.67 5.51
CA THR A 39 5.87 0.50 6.53
C THR A 39 6.45 -0.15 7.78
N ASP A 40 5.86 0.17 8.93
CA ASP A 40 6.31 -0.38 10.20
C ASP A 40 5.56 -1.68 10.52
N PHE A 41 5.86 -2.24 11.69
CA PHE A 41 5.22 -3.48 12.12
C PHE A 41 3.70 -3.31 12.22
N ASP A 42 3.27 -2.09 12.52
CA ASP A 42 1.85 -1.79 12.64
C ASP A 42 1.18 -1.76 11.27
N GLY A 43 2.00 -1.62 10.22
CA GLY A 43 1.48 -1.57 8.87
C GLY A 43 1.13 -0.16 8.43
N ASN A 44 1.82 0.82 8.99
CA ASN A 44 1.58 2.22 8.66
C ASN A 44 2.88 2.93 8.31
N PHE A 45 2.76 4.12 7.73
CA PHE A 45 3.93 4.91 7.35
C PHE A 45 3.63 6.40 7.39
N THR A 46 4.67 7.21 7.30
CA THR A 46 4.51 8.66 7.32
C THR A 46 5.36 9.33 6.24
N LEU A 47 4.70 10.13 5.40
CA LEU A 47 5.39 10.83 4.32
C LEU A 47 5.05 12.31 4.31
N SER A 48 6.07 13.16 4.28
CA SER A 48 5.87 14.60 4.28
C SER A 48 6.14 15.18 2.89
N VAL A 49 5.11 15.81 2.31
CA VAL A 49 5.23 16.40 0.99
C VAL A 49 4.52 17.76 0.93
N PRO A 50 5.21 18.76 0.36
CA PRO A 50 4.68 20.11 0.22
C PRO A 50 3.54 20.18 -0.78
N VAL A 51 3.76 19.61 -1.96
CA VAL A 51 2.75 19.61 -3.02
C VAL A 51 1.80 18.43 -2.87
N ASN A 52 0.74 18.43 -3.67
CA ASN A 52 -0.25 17.36 -3.62
C ASN A 52 -0.19 16.52 -4.89
N SER A 53 0.75 15.58 -4.93
CA SER A 53 0.91 14.71 -6.08
C SER A 53 0.48 13.29 -5.75
N THR A 54 0.78 12.35 -6.65
CA THR A 54 0.42 10.95 -6.45
C THR A 54 1.50 10.21 -5.68
N LEU A 55 1.13 9.06 -5.12
CA LEU A 55 2.07 8.26 -4.35
C LEU A 55 2.08 6.81 -4.84
N LYS A 56 3.28 6.29 -5.09
CA LYS A 56 3.43 4.91 -5.57
C LYS A 56 3.85 4.00 -4.43
N ILE A 57 3.08 2.93 -4.21
CA ILE A 57 3.38 1.98 -3.16
C ILE A 57 3.50 0.56 -3.71
N THR A 58 4.67 -0.04 -3.54
CA THR A 58 4.91 -1.39 -4.03
C THR A 58 5.22 -2.34 -2.88
N TYR A 59 4.76 -3.58 -3.01
CA TYR A 59 4.99 -4.59 -1.98
C TYR A 59 5.63 -5.84 -2.58
N ILE A 60 6.34 -6.59 -1.74
CA ILE A 60 7.00 -7.82 -2.18
C ILE A 60 6.10 -9.03 -1.97
N GLY A 61 5.59 -9.57 -3.07
CA GLY A 61 4.72 -10.73 -2.99
C GLY A 61 3.34 -10.47 -3.58
N TYR A 62 2.70 -9.39 -3.15
CA TYR A 62 1.39 -9.03 -3.64
C TYR A 62 1.47 -7.92 -4.68
N LYS A 63 0.35 -7.65 -5.34
CA LYS A 63 0.29 -6.61 -6.36
C LYS A 63 0.45 -5.23 -5.74
N PRO A 64 1.14 -4.33 -6.46
CA PRO A 64 1.38 -2.96 -6.00
C PRO A 64 0.11 -2.12 -6.00
N VAL A 65 0.22 -0.90 -5.48
CA VAL A 65 -0.94 0.00 -5.41
C VAL A 65 -0.49 1.46 -5.49
N THR A 66 -1.26 2.27 -6.23
CA THR A 66 -0.94 3.69 -6.39
C THR A 66 -2.12 4.56 -5.99
N VAL A 67 -1.86 5.55 -5.15
CA VAL A 67 -2.90 6.47 -4.70
C VAL A 67 -2.32 7.83 -4.32
N LYS A 68 -3.17 8.84 -4.30
CA LYS A 68 -2.75 10.19 -3.96
C LYS A 68 -2.47 10.31 -2.46
N ALA A 69 -1.66 11.29 -2.10
CA ALA A 69 -1.32 11.52 -0.69
C ALA A 69 -2.51 12.09 0.07
N ALA A 70 -2.72 11.60 1.29
CA ALA A 70 -3.82 12.06 2.12
C ALA A 70 -3.57 11.72 3.59
N ALA A 71 -4.38 12.32 4.47
CA ALA A 71 -4.24 12.09 5.91
C ALA A 71 -4.34 10.61 6.24
N ILE A 72 -5.45 10.00 5.84
CA ILE A 72 -5.67 8.57 6.09
C ILE A 72 -5.87 7.81 4.79
N VAL A 73 -5.22 6.65 4.68
CA VAL A 73 -5.32 5.83 3.49
C VAL A 73 -5.24 4.35 3.83
N ASN A 74 -6.28 3.60 3.50
CA ASN A 74 -6.32 2.17 3.78
C ASN A 74 -6.45 1.37 2.48
N VAL A 75 -5.39 0.67 2.11
CA VAL A 75 -5.39 -0.15 0.90
C VAL A 75 -5.04 -1.59 1.21
N LEU A 76 -5.80 -2.51 0.62
CA LEU A 76 -5.58 -3.95 0.84
C LEU A 76 -4.65 -4.51 -0.24
N LEU A 77 -3.82 -5.47 0.15
CA LEU A 77 -2.89 -6.11 -0.78
C LEU A 77 -3.55 -7.28 -1.49
N GLU A 78 -3.59 -7.22 -2.82
CA GLU A 78 -4.19 -8.27 -3.62
C GLU A 78 -3.11 -9.22 -4.15
N GLU A 79 -3.40 -10.52 -4.08
CA GLU A 79 -2.47 -11.53 -4.55
C GLU A 79 -2.08 -11.28 -6.01
N ASP A 80 -0.80 -11.48 -6.31
CA ASP A 80 -0.29 -11.26 -7.68
C ASP A 80 0.02 -12.60 -8.35
N THR A 81 -0.53 -12.79 -9.54
CA THR A 81 -0.31 -14.02 -10.29
C THR A 81 -0.06 -13.72 -11.77
N GLN A 82 0.30 -14.76 -12.52
CA GLN A 82 0.56 -14.62 -13.94
C GLN A 82 -0.70 -14.84 -14.76
N MET A 83 -1.79 -14.21 -14.35
CA MET A 83 -3.06 -14.33 -15.05
C MET A 83 -3.51 -15.79 -15.08
N VAL A 84 -3.54 -16.43 -13.92
CA VAL A 84 -3.95 -17.83 -13.82
C VAL A 84 -4.94 -18.03 -12.69
N ASP A 85 -6.14 -17.50 -12.85
CA ASP A 85 -7.18 -17.63 -11.85
C ASP A 85 -8.28 -18.57 -12.31
N GLU A 86 -9.10 -19.03 -11.37
CA GLU A 86 -10.19 -19.95 -11.68
C GLU A 86 -11.52 -19.23 -11.69
N VAL A 87 -11.71 -18.36 -12.67
CA VAL A 87 -12.95 -17.60 -12.80
C VAL A 87 -14.12 -18.51 -13.12
N VAL A 88 -15.29 -18.17 -12.58
CA VAL A 88 -16.50 -18.95 -12.81
C VAL A 88 -16.77 -19.13 -14.30
N VAL A 89 -17.04 -20.37 -14.70
CA VAL A 89 -17.32 -20.68 -16.10
C VAL A 89 -18.76 -20.34 -16.46
N THR A 90 -18.93 -19.32 -17.29
CA THR A 90 -20.26 -18.90 -17.71
C THR A 90 -20.72 -19.65 -18.95
N GLY A 91 -19.79 -19.89 -19.87
CA GLY A 91 -20.12 -20.61 -21.09
C GLY A 91 -20.90 -19.76 -22.07
N TYR A 92 -22.21 -20.00 -22.14
CA TYR A 92 -23.08 -19.26 -23.04
C TYR A 92 -23.24 -17.81 -22.58
N THR A 93 -23.13 -16.89 -23.52
CA THR A 93 -23.26 -15.47 -23.21
C THR A 93 -24.47 -14.86 -23.92
#